data_7YPL
# 
_entry.id   7YPL 
# 
_audit_conform.dict_name       mmcif_pdbx.dic 
_audit_conform.dict_version    5.376 
_audit_conform.dict_location   http://mmcif.pdb.org/dictionaries/ascii/mmcif_pdbx.dic 
# 
loop_
_database_2.database_id 
_database_2.database_code 
_database_2.pdbx_database_accession 
_database_2.pdbx_DOI 
PDB   7YPL         pdb_00007ypl 10.2210/pdb7ypl/pdb 
WWPDB D_1300031384 ?            ?                   
# 
_pdbx_database_status.status_code                     REL 
_pdbx_database_status.status_code_sf                  REL 
_pdbx_database_status.status_code_mr                  ? 
_pdbx_database_status.entry_id                        7YPL 
_pdbx_database_status.recvd_initial_deposition_date   2022-08-03 
_pdbx_database_status.SG_entry                        N 
_pdbx_database_status.deposit_site                    PDBJ 
_pdbx_database_status.process_site                    PDBJ 
_pdbx_database_status.status_code_cs                  ? 
_pdbx_database_status.status_code_nmr_data            ? 
_pdbx_database_status.methods_development_category    ? 
_pdbx_database_status.pdb_format_compatible           Y 
# 
loop_
_audit_author.name 
_audit_author.pdbx_ordinal 
_audit_author.identifier_ORCID 
'Chang, Y.T.'  1 ? 
'Chen, C.Y.'   2 ? 
'Chuang, W.J.' 3 ? 
# 
_citation.abstract                  ? 
_citation.abstract_id_CAS           ? 
_citation.book_id_ISBN              ? 
_citation.book_publisher            ? 
_citation.book_publisher_city       ? 
_citation.book_title                ? 
_citation.coordinate_linkage        ? 
_citation.country                   ? 
_citation.database_id_Medline       ? 
_citation.details                   ? 
_citation.id                        primary 
_citation.journal_abbrev            'To Be Published' 
_citation.journal_id_ASTM           ? 
_citation.journal_id_CSD            0353 
_citation.journal_id_ISSN           ? 
_citation.journal_full              ? 
_citation.journal_issue             ? 
_citation.journal_volume            ? 
_citation.language                  ? 
_citation.page_first                ? 
_citation.page_last                 ? 
_citation.title                     
;A Novel Disulfide Bond Engineering of Fibronectin Type III Domain Enhances Thermostability and Solubility of VEGFR2-Specific Antagonist
;
_citation.year                      ? 
_citation.database_id_CSD           ? 
_citation.pdbx_database_id_DOI      ? 
_citation.pdbx_database_id_PubMed   ? 
_citation.pdbx_database_id_patent   ? 
_citation.unpublished_flag          ? 
# 
loop_
_citation_author.citation_id 
_citation_author.name 
_citation_author.ordinal 
_citation_author.identifier_ORCID 
primary 'Chang, Y.S.'  1 ? 
primary 'Katte, R.H.'  2 ? 
primary 'Lin, C.C.'    3 ? 
primary 'Chang, Y.T.'  4 ? 
primary 'Chen, C.Y.'   5 ? 
primary 'Chuang, W.J.' 6 ? 
# 
_cell.angle_alpha                  90.000 
_cell.angle_alpha_esd              ? 
_cell.angle_beta                   90.000 
_cell.angle_beta_esd               ? 
_cell.angle_gamma                  120.000 
_cell.angle_gamma_esd              ? 
_cell.entry_id                     7YPL 
_cell.details                      ? 
_cell.formula_units_Z              ? 
_cell.length_a                     68.791 
_cell.length_a_esd                 ? 
_cell.length_b                     68.791 
_cell.length_b_esd                 ? 
_cell.length_c                     68.799 
_cell.length_c_esd                 ? 
_cell.volume                       ? 
_cell.volume_esd                   ? 
_cell.Z_PDB                        12 
_cell.reciprocal_angle_alpha       ? 
_cell.reciprocal_angle_beta        ? 
_cell.reciprocal_angle_gamma       ? 
_cell.reciprocal_angle_alpha_esd   ? 
_cell.reciprocal_angle_beta_esd    ? 
_cell.reciprocal_angle_gamma_esd   ? 
_cell.reciprocal_length_a          ? 
_cell.reciprocal_length_b          ? 
_cell.reciprocal_length_c          ? 
_cell.reciprocal_length_a_esd      ? 
_cell.reciprocal_length_b_esd      ? 
_cell.reciprocal_length_c_esd      ? 
_cell.pdbx_unique_axis             ? 
_cell.pdbx_esd_method              ? 
# 
_symmetry.entry_id                         7YPL 
_symmetry.cell_setting                     ? 
_symmetry.Int_Tables_number                179 
_symmetry.space_group_name_Hall            ? 
_symmetry.space_group_name_H-M             'P 65 2 2' 
_symmetry.pdbx_full_space_group_name_H-M   ? 
# 
loop_
_entity.id 
_entity.type 
_entity.src_method 
_entity.pdbx_description 
_entity.formula_weight 
_entity.pdbx_number_of_molecules 
_entity.pdbx_ec 
_entity.pdbx_mutation 
_entity.pdbx_fragment 
_entity.details 
1 polymer     man Fibronectin   11402.762 1  ? ? ? ? 
2 non-polymer syn 'SULFATE ION' 96.063    1  ? ? ? ? 
3 water       nat water         18.015    70 ? ? ? ? 
# 
_entity_poly.entity_id                      1 
_entity_poly.type                           'polypeptide(L)' 
_entity_poly.nstd_linkage                   no 
_entity_poly.nstd_monomer                   no 
_entity_poly.pdbx_seq_one_letter_code       
;MVSDVPRDLEVVEASPTSIQISWRHPHFPTRYYRITYGETGGNSPVQEFTVPLQPPTATISGLKPGVDYTITVYAVTDGR
NGRLLSIPISINYRTHHHHHH
;
_entity_poly.pdbx_seq_one_letter_code_can   
;MVSDVPRDLEVVEASPTSIQISWRHPHFPTRYYRITYGETGGNSPVQEFTVPLQPPTATISGLKPGVDYTITVYAVTDGR
NGRLLSIPISINYRTHHHHHH
;
_entity_poly.pdbx_strand_id                 A 
_entity_poly.pdbx_target_identifier         ? 
# 
loop_
_entity_poly_seq.entity_id 
_entity_poly_seq.num 
_entity_poly_seq.mon_id 
_entity_poly_seq.hetero 
1 1   MET n 
1 2   VAL n 
1 3   SER n 
1 4   ASP n 
1 5   VAL n 
1 6   PRO n 
1 7   ARG n 
1 8   ASP n 
1 9   LEU n 
1 10  GLU n 
1 11  VAL n 
1 12  VAL n 
1 13  GLU n 
1 14  ALA n 
1 15  SER n 
1 16  PRO n 
1 17  THR n 
1 18  SER n 
1 19  ILE n 
1 20  GLN n 
1 21  ILE n 
1 22  SER n 
1 23  TRP n 
1 24  ARG n 
1 25  HIS n 
1 26  PRO n 
1 27  HIS n 
1 28  PHE n 
1 29  PRO n 
1 30  THR n 
1 31  ARG n 
1 32  TYR n 
1 33  TYR n 
1 34  ARG n 
1 35  ILE n 
1 36  THR n 
1 37  TYR n 
1 38  GLY n 
1 39  GLU n 
1 40  THR n 
1 41  GLY n 
1 42  GLY n 
1 43  ASN n 
1 44  SER n 
1 45  PRO n 
1 46  VAL n 
1 47  GLN n 
1 48  GLU n 
1 49  PHE n 
1 50  THR n 
1 51  VAL n 
1 52  PRO n 
1 53  LEU n 
1 54  GLN n 
1 55  PRO n 
1 56  PRO n 
1 57  THR n 
1 58  ALA n 
1 59  THR n 
1 60  ILE n 
1 61  SER n 
1 62  GLY n 
1 63  LEU n 
1 64  LYS n 
1 65  PRO n 
1 66  GLY n 
1 67  VAL n 
1 68  ASP n 
1 69  TYR n 
1 70  THR n 
1 71  ILE n 
1 72  THR n 
1 73  VAL n 
1 74  TYR n 
1 75  ALA n 
1 76  VAL n 
1 77  THR n 
1 78  ASP n 
1 79  GLY n 
1 80  ARG n 
1 81  ASN n 
1 82  GLY n 
1 83  ARG n 
1 84  LEU n 
1 85  LEU n 
1 86  SER n 
1 87  ILE n 
1 88  PRO n 
1 89  ILE n 
1 90  SER n 
1 91  ILE n 
1 92  ASN n 
1 93  TYR n 
1 94  ARG n 
1 95  THR n 
1 96  HIS n 
1 97  HIS n 
1 98  HIS n 
1 99  HIS n 
1 100 HIS n 
1 101 HIS n 
# 
_entity_src_gen.entity_id                          1 
_entity_src_gen.pdbx_src_id                        1 
_entity_src_gen.pdbx_alt_source_flag               sample 
_entity_src_gen.pdbx_seq_type                      'Biological sequence' 
_entity_src_gen.pdbx_beg_seq_num                   1 
_entity_src_gen.pdbx_end_seq_num                   101 
_entity_src_gen.gene_src_common_name               ? 
_entity_src_gen.gene_src_genus                     ? 
_entity_src_gen.pdbx_gene_src_gene                 ? 
_entity_src_gen.gene_src_species                   ? 
_entity_src_gen.gene_src_strain                    ? 
_entity_src_gen.gene_src_tissue                    ? 
_entity_src_gen.gene_src_tissue_fraction           ? 
_entity_src_gen.gene_src_details                   ? 
_entity_src_gen.pdbx_gene_src_fragment             ? 
_entity_src_gen.pdbx_gene_src_scientific_name      'Homo sapiens' 
_entity_src_gen.pdbx_gene_src_ncbi_taxonomy_id     9606 
_entity_src_gen.pdbx_gene_src_variant              ? 
_entity_src_gen.pdbx_gene_src_cell_line            ? 
_entity_src_gen.pdbx_gene_src_atcc                 ? 
_entity_src_gen.pdbx_gene_src_organ                ? 
_entity_src_gen.pdbx_gene_src_organelle            ? 
_entity_src_gen.pdbx_gene_src_cell                 ? 
_entity_src_gen.pdbx_gene_src_cellular_location    ? 
_entity_src_gen.host_org_common_name               ? 
_entity_src_gen.pdbx_host_org_scientific_name      'Escherichia coli' 
_entity_src_gen.pdbx_host_org_ncbi_taxonomy_id     562 
_entity_src_gen.host_org_genus                     ? 
_entity_src_gen.pdbx_host_org_gene                 ? 
_entity_src_gen.pdbx_host_org_organ                ? 
_entity_src_gen.host_org_species                   ? 
_entity_src_gen.pdbx_host_org_tissue               ? 
_entity_src_gen.pdbx_host_org_tissue_fraction      ? 
_entity_src_gen.pdbx_host_org_strain               ? 
_entity_src_gen.pdbx_host_org_variant              ? 
_entity_src_gen.pdbx_host_org_cell_line            ? 
_entity_src_gen.pdbx_host_org_atcc                 ? 
_entity_src_gen.pdbx_host_org_culture_collection   ? 
_entity_src_gen.pdbx_host_org_cell                 ? 
_entity_src_gen.pdbx_host_org_organelle            ? 
_entity_src_gen.pdbx_host_org_cellular_location    ? 
_entity_src_gen.pdbx_host_org_vector_type          ? 
_entity_src_gen.pdbx_host_org_vector               ? 
_entity_src_gen.host_org_details                   ? 
_entity_src_gen.expression_system_id               ? 
_entity_src_gen.plasmid_name                       ? 
_entity_src_gen.plasmid_details                    ? 
_entity_src_gen.pdbx_description                   ? 
# 
_struct_ref.id                         1 
_struct_ref.db_name                    PDB 
_struct_ref.db_code                    7YPL 
_struct_ref.pdbx_db_accession          7YPL 
_struct_ref.pdbx_db_isoform            ? 
_struct_ref.entity_id                  1 
_struct_ref.pdbx_seq_one_letter_code   ? 
_struct_ref.pdbx_align_begin           1 
# 
_struct_ref_seq.align_id                      1 
_struct_ref_seq.ref_id                        1 
_struct_ref_seq.pdbx_PDB_id_code              7YPL 
_struct_ref_seq.pdbx_strand_id                A 
_struct_ref_seq.seq_align_beg                 1 
_struct_ref_seq.pdbx_seq_align_beg_ins_code   ? 
_struct_ref_seq.seq_align_end                 101 
_struct_ref_seq.pdbx_seq_align_end_ins_code   ? 
_struct_ref_seq.pdbx_db_accession             7YPL 
_struct_ref_seq.db_align_beg                  1 
_struct_ref_seq.pdbx_db_align_beg_ins_code    ? 
_struct_ref_seq.db_align_end                  101 
_struct_ref_seq.pdbx_db_align_end_ins_code    ? 
_struct_ref_seq.pdbx_auth_seq_align_beg       1 
_struct_ref_seq.pdbx_auth_seq_align_end       101 
# 
loop_
_chem_comp.id 
_chem_comp.type 
_chem_comp.mon_nstd_flag 
_chem_comp.name 
_chem_comp.pdbx_synonyms 
_chem_comp.formula 
_chem_comp.formula_weight 
ALA 'L-peptide linking' y ALANINE         ? 'C3 H7 N O2'     89.093  
ARG 'L-peptide linking' y ARGININE        ? 'C6 H15 N4 O2 1' 175.209 
ASN 'L-peptide linking' y ASPARAGINE      ? 'C4 H8 N2 O3'    132.118 
ASP 'L-peptide linking' y 'ASPARTIC ACID' ? 'C4 H7 N O4'     133.103 
GLN 'L-peptide linking' y GLUTAMINE       ? 'C5 H10 N2 O3'   146.144 
GLU 'L-peptide linking' y 'GLUTAMIC ACID' ? 'C5 H9 N O4'     147.129 
GLY 'peptide linking'   y GLYCINE         ? 'C2 H5 N O2'     75.067  
HIS 'L-peptide linking' y HISTIDINE       ? 'C6 H10 N3 O2 1' 156.162 
HOH non-polymer         . WATER           ? 'H2 O'           18.015  
ILE 'L-peptide linking' y ISOLEUCINE      ? 'C6 H13 N O2'    131.173 
LEU 'L-peptide linking' y LEUCINE         ? 'C6 H13 N O2'    131.173 
LYS 'L-peptide linking' y LYSINE          ? 'C6 H15 N2 O2 1' 147.195 
MET 'L-peptide linking' y METHIONINE      ? 'C5 H11 N O2 S'  149.211 
PHE 'L-peptide linking' y PHENYLALANINE   ? 'C9 H11 N O2'    165.189 
PRO 'L-peptide linking' y PROLINE         ? 'C5 H9 N O2'     115.130 
SER 'L-peptide linking' y SERINE          ? 'C3 H7 N O3'     105.093 
SO4 non-polymer         . 'SULFATE ION'   ? 'O4 S -2'        96.063  
THR 'L-peptide linking' y THREONINE       ? 'C4 H9 N O3'     119.119 
TRP 'L-peptide linking' y TRYPTOPHAN      ? 'C11 H12 N2 O2'  204.225 
TYR 'L-peptide linking' y TYROSINE        ? 'C9 H11 N O3'    181.189 
VAL 'L-peptide linking' y VALINE          ? 'C5 H11 N O2'    117.146 
# 
_exptl.absorpt_coefficient_mu     ? 
_exptl.absorpt_correction_T_max   ? 
_exptl.absorpt_correction_T_min   ? 
_exptl.absorpt_correction_type    ? 
_exptl.absorpt_process_details    ? 
_exptl.entry_id                   7YPL 
_exptl.crystals_number            1 
_exptl.details                    ? 
_exptl.method                     'X-RAY DIFFRACTION' 
_exptl.method_details             ? 
# 
_exptl_crystal.colour                       ? 
_exptl_crystal.density_diffrn               ? 
_exptl_crystal.density_Matthews             2.06 
_exptl_crystal.density_method               ? 
_exptl_crystal.density_percent_sol          40.31 
_exptl_crystal.description                  ? 
_exptl_crystal.F_000                        ? 
_exptl_crystal.id                           1 
_exptl_crystal.preparation                  ? 
_exptl_crystal.size_max                     ? 
_exptl_crystal.size_mid                     ? 
_exptl_crystal.size_min                     ? 
_exptl_crystal.size_rad                     ? 
_exptl_crystal.colour_lustre                ? 
_exptl_crystal.colour_modifier              ? 
_exptl_crystal.colour_primary               ? 
_exptl_crystal.density_meas                 ? 
_exptl_crystal.density_meas_esd             ? 
_exptl_crystal.density_meas_gt              ? 
_exptl_crystal.density_meas_lt              ? 
_exptl_crystal.density_meas_temp            ? 
_exptl_crystal.density_meas_temp_esd        ? 
_exptl_crystal.density_meas_temp_gt         ? 
_exptl_crystal.density_meas_temp_lt         ? 
_exptl_crystal.pdbx_crystal_image_url       ? 
_exptl_crystal.pdbx_crystal_image_format    ? 
_exptl_crystal.pdbx_mosaicity               ? 
_exptl_crystal.pdbx_mosaicity_esd           ? 
_exptl_crystal.pdbx_mosaic_method           ? 
_exptl_crystal.pdbx_mosaic_block_size       ? 
_exptl_crystal.pdbx_mosaic_block_size_esd   ? 
# 
_exptl_crystal_grow.apparatus       ? 
_exptl_crystal_grow.atmosphere      ? 
_exptl_crystal_grow.crystal_id      1 
_exptl_crystal_grow.details         ? 
_exptl_crystal_grow.method          'VAPOR DIFFUSION, SITTING DROP' 
_exptl_crystal_grow.method_ref      ? 
_exptl_crystal_grow.pH              ? 
_exptl_crystal_grow.pressure        ? 
_exptl_crystal_grow.pressure_esd    ? 
_exptl_crystal_grow.seeding         ? 
_exptl_crystal_grow.seeding_ref     ? 
_exptl_crystal_grow.temp            293 
_exptl_crystal_grow.temp_details    ? 
_exptl_crystal_grow.temp_esd        ? 
_exptl_crystal_grow.time            ? 
_exptl_crystal_grow.pdbx_details    
;0.2M Li2SO4
0.1M CHES pH 9.5
0.7M K/Na tartrate
;
_exptl_crystal_grow.pdbx_pH_range   ? 
# 
_diffrn.ambient_environment              ? 
_diffrn.ambient_temp                     100 
_diffrn.ambient_temp_details             ? 
_diffrn.ambient_temp_esd                 ? 
_diffrn.crystal_id                       1 
_diffrn.crystal_support                  ? 
_diffrn.crystal_treatment                ? 
_diffrn.details                          ? 
_diffrn.id                               1 
_diffrn.ambient_pressure                 ? 
_diffrn.ambient_pressure_esd             ? 
_diffrn.ambient_pressure_gt              ? 
_diffrn.ambient_pressure_lt              ? 
_diffrn.ambient_temp_gt                  ? 
_diffrn.ambient_temp_lt                  ? 
_diffrn.pdbx_serial_crystal_experiment   N 
# 
_diffrn_detector.details                      ? 
_diffrn_detector.detector                     CCD 
_diffrn_detector.diffrn_id                    1 
_diffrn_detector.type                         'RAYONIX MX300-HS' 
_diffrn_detector.area_resol_mean              ? 
_diffrn_detector.dtime                        ? 
_diffrn_detector.pdbx_frames_total            ? 
_diffrn_detector.pdbx_collection_time_total   ? 
_diffrn_detector.pdbx_collection_date         2016-10-25 
_diffrn_detector.pdbx_frequency               ? 
# 
_diffrn_radiation.collimation                      ? 
_diffrn_radiation.diffrn_id                        1 
_diffrn_radiation.filter_edge                      ? 
_diffrn_radiation.inhomogeneity                    ? 
_diffrn_radiation.monochromator                    ? 
_diffrn_radiation.polarisn_norm                    ? 
_diffrn_radiation.polarisn_ratio                   ? 
_diffrn_radiation.probe                            ? 
_diffrn_radiation.type                             ? 
_diffrn_radiation.xray_symbol                      ? 
_diffrn_radiation.wavelength_id                    1 
_diffrn_radiation.pdbx_monochromatic_or_laue_m_l   M 
_diffrn_radiation.pdbx_wavelength_list             ? 
_diffrn_radiation.pdbx_wavelength                  ? 
_diffrn_radiation.pdbx_diffrn_protocol             'SINGLE WAVELENGTH' 
_diffrn_radiation.pdbx_analyzer                    ? 
_diffrn_radiation.pdbx_scattering_type             x-ray 
# 
_diffrn_radiation_wavelength.id           1 
_diffrn_radiation_wavelength.wavelength   1.0000 
_diffrn_radiation_wavelength.wt           1.0 
# 
_diffrn_source.current                     ? 
_diffrn_source.details                     ? 
_diffrn_source.diffrn_id                   1 
_diffrn_source.power                       ? 
_diffrn_source.size                        ? 
_diffrn_source.source                      SYNCHROTRON 
_diffrn_source.target                      ? 
_diffrn_source.type                        'NSRRC BEAMLINE BL13B1' 
_diffrn_source.voltage                     ? 
_diffrn_source.take-off_angle              ? 
_diffrn_source.pdbx_wavelength_list        1.0000 
_diffrn_source.pdbx_wavelength             ? 
_diffrn_source.pdbx_synchrotron_beamline   BL13B1 
_diffrn_source.pdbx_synchrotron_site       NSRRC 
# 
_reflns.B_iso_Wilson_estimate                          ? 
_reflns.entry_id                                       7YPL 
_reflns.data_reduction_details                         ? 
_reflns.data_reduction_method                          ? 
_reflns.d_resolution_high                              1.63 
_reflns.d_resolution_low                               30.00 
_reflns.details                                        ? 
_reflns.limit_h_max                                    ? 
_reflns.limit_h_min                                    ? 
_reflns.limit_k_max                                    ? 
_reflns.limit_k_min                                    ? 
_reflns.limit_l_max                                    ? 
_reflns.limit_l_min                                    ? 
_reflns.number_all                                     ? 
_reflns.number_obs                                     12563 
_reflns.observed_criterion                             ? 
_reflns.observed_criterion_F_max                       ? 
_reflns.observed_criterion_F_min                       ? 
_reflns.observed_criterion_I_max                       ? 
_reflns.observed_criterion_I_min                       ? 
_reflns.observed_criterion_sigma_F                     ? 
_reflns.observed_criterion_sigma_I                     ? 
_reflns.percent_possible_obs                           100.0 
_reflns.R_free_details                                 ? 
_reflns.Rmerge_F_all                                   ? 
_reflns.Rmerge_F_obs                                   ? 
_reflns.Friedel_coverage                               ? 
_reflns.number_gt                                      ? 
_reflns.threshold_expression                           ? 
_reflns.pdbx_redundancy                                10.0 
_reflns.pdbx_Rmerge_I_obs                              ? 
_reflns.pdbx_Rmerge_I_all                              ? 
_reflns.pdbx_Rsym_value                                ? 
_reflns.pdbx_netI_over_av_sigmaI                       ? 
_reflns.pdbx_netI_over_sigmaI                          32.7 
_reflns.pdbx_res_netI_over_av_sigmaI_2                 ? 
_reflns.pdbx_res_netI_over_sigmaI_2                    ? 
_reflns.pdbx_chi_squared                               ? 
_reflns.pdbx_scaling_rejects                           ? 
_reflns.pdbx_d_res_high_opt                            ? 
_reflns.pdbx_d_res_low_opt                             ? 
_reflns.pdbx_d_res_opt_method                          ? 
_reflns.phase_calculation_details                      ? 
_reflns.pdbx_Rrim_I_all                                ? 
_reflns.pdbx_Rpim_I_all                                ? 
_reflns.pdbx_d_opt                                     ? 
_reflns.pdbx_number_measured_all                       ? 
_reflns.pdbx_diffrn_id                                 1 
_reflns.pdbx_ordinal                                   1 
_reflns.pdbx_CC_half                                   0.895 
_reflns.pdbx_CC_star                                   ? 
_reflns.pdbx_R_split                                   ? 
_reflns.pdbx_aniso_diffraction_limit_axis_1_ortho[1]   ? 
_reflns.pdbx_aniso_diffraction_limit_axis_1_ortho[2]   ? 
_reflns.pdbx_aniso_diffraction_limit_axis_1_ortho[3]   ? 
_reflns.pdbx_aniso_diffraction_limit_axis_2_ortho[1]   ? 
_reflns.pdbx_aniso_diffraction_limit_axis_2_ortho[2]   ? 
_reflns.pdbx_aniso_diffraction_limit_axis_2_ortho[3]   ? 
_reflns.pdbx_aniso_diffraction_limit_axis_3_ortho[1]   ? 
_reflns.pdbx_aniso_diffraction_limit_axis_3_ortho[2]   ? 
_reflns.pdbx_aniso_diffraction_limit_axis_3_ortho[3]   ? 
_reflns.pdbx_aniso_diffraction_limit_1                 ? 
_reflns.pdbx_aniso_diffraction_limit_2                 ? 
_reflns.pdbx_aniso_diffraction_limit_3                 ? 
_reflns.pdbx_aniso_B_tensor_eigenvector_1_ortho[1]     ? 
_reflns.pdbx_aniso_B_tensor_eigenvector_1_ortho[2]     ? 
_reflns.pdbx_aniso_B_tensor_eigenvector_1_ortho[3]     ? 
_reflns.pdbx_aniso_B_tensor_eigenvector_2_ortho[1]     ? 
_reflns.pdbx_aniso_B_tensor_eigenvector_2_ortho[2]     ? 
_reflns.pdbx_aniso_B_tensor_eigenvector_2_ortho[3]     ? 
_reflns.pdbx_aniso_B_tensor_eigenvector_3_ortho[1]     ? 
_reflns.pdbx_aniso_B_tensor_eigenvector_3_ortho[2]     ? 
_reflns.pdbx_aniso_B_tensor_eigenvector_3_ortho[3]     ? 
_reflns.pdbx_aniso_B_tensor_eigenvalue_1               ? 
_reflns.pdbx_aniso_B_tensor_eigenvalue_2               ? 
_reflns.pdbx_aniso_B_tensor_eigenvalue_3               ? 
_reflns.pdbx_orthogonalization_convention              ? 
_reflns.pdbx_percent_possible_ellipsoidal              ? 
_reflns.pdbx_percent_possible_spherical                ? 
_reflns.pdbx_percent_possible_ellipsoidal_anomalous    ? 
_reflns.pdbx_percent_possible_spherical_anomalous      ? 
_reflns.pdbx_redundancy_anomalous                      ? 
_reflns.pdbx_CC_half_anomalous                         ? 
_reflns.pdbx_absDiff_over_sigma_anomalous              ? 
_reflns.pdbx_percent_possible_anomalous                ? 
_reflns.pdbx_observed_signal_threshold                 ? 
_reflns.pdbx_signal_type                               ? 
_reflns.pdbx_signal_details                            ? 
_reflns.pdbx_signal_software_id                        ? 
_reflns.pdbx_CC_split_method                           ? 
# 
_reflns_shell.d_res_high                                    1.63 
_reflns_shell.d_res_low                                     1.69 
_reflns_shell.meanI_over_sigI_all                           ? 
_reflns_shell.meanI_over_sigI_obs                           ? 
_reflns_shell.number_measured_all                           ? 
_reflns_shell.number_measured_obs                           ? 
_reflns_shell.number_possible                               ? 
_reflns_shell.number_unique_all                             ? 
_reflns_shell.number_unique_obs                             1222 
_reflns_shell.percent_possible_all                          ? 
_reflns_shell.percent_possible_obs                          ? 
_reflns_shell.Rmerge_F_all                                  ? 
_reflns_shell.Rmerge_F_obs                                  ? 
_reflns_shell.Rmerge_I_all                                  ? 
_reflns_shell.Rmerge_I_obs                                  ? 
_reflns_shell.meanI_over_sigI_gt                            ? 
_reflns_shell.meanI_over_uI_all                             ? 
_reflns_shell.meanI_over_uI_gt                              ? 
_reflns_shell.number_measured_gt                            ? 
_reflns_shell.number_unique_gt                              ? 
_reflns_shell.percent_possible_gt                           ? 
_reflns_shell.Rmerge_F_gt                                   ? 
_reflns_shell.Rmerge_I_gt                                   ? 
_reflns_shell.pdbx_redundancy                               ? 
_reflns_shell.pdbx_Rsym_value                               ? 
_reflns_shell.pdbx_chi_squared                              ? 
_reflns_shell.pdbx_netI_over_sigmaI_all                     ? 
_reflns_shell.pdbx_netI_over_sigmaI_obs                     ? 
_reflns_shell.pdbx_Rrim_I_all                               ? 
_reflns_shell.pdbx_Rpim_I_all                               ? 
_reflns_shell.pdbx_rejects                                  ? 
_reflns_shell.pdbx_ordinal                                  1 
_reflns_shell.pdbx_diffrn_id                                1 
_reflns_shell.pdbx_CC_half                                  0.973 
_reflns_shell.pdbx_CC_star                                  ? 
_reflns_shell.pdbx_R_split                                  ? 
_reflns_shell.pdbx_percent_possible_ellipsoidal             ? 
_reflns_shell.pdbx_percent_possible_spherical               ? 
_reflns_shell.pdbx_percent_possible_ellipsoidal_anomalous   ? 
_reflns_shell.pdbx_percent_possible_spherical_anomalous     ? 
_reflns_shell.pdbx_redundancy_anomalous                     ? 
_reflns_shell.pdbx_CC_half_anomalous                        ? 
_reflns_shell.pdbx_absDiff_over_sigma_anomalous             ? 
_reflns_shell.pdbx_percent_possible_anomalous               ? 
# 
_refine.aniso_B[1][1]                            0.098 
_refine.aniso_B[1][2]                            0.049 
_refine.aniso_B[1][3]                            0.000 
_refine.aniso_B[2][2]                            0.098 
_refine.aniso_B[2][3]                            -0.000 
_refine.aniso_B[3][3]                            -0.320 
_refine.B_iso_max                                ? 
_refine.B_iso_mean                               18.583 
_refine.B_iso_min                                ? 
_refine.correlation_coeff_Fo_to_Fc               0.961 
_refine.correlation_coeff_Fo_to_Fc_free          0.950 
_refine.details                                  'Hydrogens have been added in their riding positions' 
_refine.diff_density_max                         ? 
_refine.diff_density_max_esd                     ? 
_refine.diff_density_min                         ? 
_refine.diff_density_min_esd                     ? 
_refine.diff_density_rms                         ? 
_refine.diff_density_rms_esd                     ? 
_refine.entry_id                                 7YPL 
_refine.pdbx_refine_id                           'X-RAY DIFFRACTION' 
_refine.ls_abs_structure_details                 ? 
_refine.ls_abs_structure_Flack                   ? 
_refine.ls_abs_structure_Flack_esd               ? 
_refine.ls_abs_structure_Rogers                  ? 
_refine.ls_abs_structure_Rogers_esd              ? 
_refine.ls_d_res_high                            1.630 
_refine.ls_d_res_low                             29.792 
_refine.ls_extinction_coef                       ? 
_refine.ls_extinction_coef_esd                   ? 
_refine.ls_extinction_expression                 ? 
_refine.ls_extinction_method                     ? 
_refine.ls_goodness_of_fit_all                   ? 
_refine.ls_goodness_of_fit_all_esd               ? 
_refine.ls_goodness_of_fit_obs                   ? 
_refine.ls_goodness_of_fit_obs_esd               ? 
_refine.ls_hydrogen_treatment                    ? 
_refine.ls_matrix_type                           ? 
_refine.ls_number_constraints                    ? 
_refine.ls_number_parameters                     ? 
_refine.ls_number_reflns_all                     ? 
_refine.ls_number_reflns_obs                     12528 
_refine.ls_number_reflns_R_free                  631 
_refine.ls_number_reflns_R_work                  11897 
_refine.ls_number_restraints                     ? 
_refine.ls_percent_reflns_obs                    99.936 
_refine.ls_percent_reflns_R_free                 5.037 
_refine.ls_R_factor_all                          0.179 
_refine.ls_R_factor_obs                          ? 
_refine.ls_R_factor_R_free                       0.2133 
_refine.ls_R_factor_R_free_error                 ? 
_refine.ls_R_factor_R_free_error_details         ? 
_refine.ls_R_factor_R_work                       0.1774 
_refine.ls_R_Fsqd_factor_obs                     ? 
_refine.ls_R_I_factor_obs                        ? 
_refine.ls_redundancy_reflns_all                 ? 
_refine.ls_redundancy_reflns_obs                 ? 
_refine.ls_restrained_S_all                      ? 
_refine.ls_restrained_S_obs                      ? 
_refine.ls_shift_over_esd_max                    ? 
_refine.ls_shift_over_esd_mean                   ? 
_refine.ls_structure_factor_coef                 ? 
_refine.ls_weighting_details                     ? 
_refine.ls_weighting_scheme                      ? 
_refine.ls_wR_factor_all                         ? 
_refine.ls_wR_factor_obs                         ? 
_refine.ls_wR_factor_R_free                      ? 
_refine.ls_wR_factor_R_work                      ? 
_refine.occupancy_max                            ? 
_refine.occupancy_min                            ? 
_refine.solvent_model_details                    'MASK BULK SOLVENT' 
_refine.solvent_model_param_bsol                 ? 
_refine.solvent_model_param_ksol                 ? 
_refine.pdbx_R_complete                          ? 
_refine.ls_R_factor_gt                           ? 
_refine.ls_goodness_of_fit_gt                    ? 
_refine.ls_goodness_of_fit_ref                   ? 
_refine.ls_shift_over_su_max                     ? 
_refine.ls_shift_over_su_max_lt                  ? 
_refine.ls_shift_over_su_mean                    ? 
_refine.ls_shift_over_su_mean_lt                 ? 
_refine.pdbx_ls_sigma_I                          ? 
_refine.pdbx_ls_sigma_F                          ? 
_refine.pdbx_ls_sigma_Fsqd                       ? 
_refine.pdbx_data_cutoff_high_absF               ? 
_refine.pdbx_data_cutoff_high_rms_absF           ? 
_refine.pdbx_data_cutoff_low_absF                ? 
_refine.pdbx_isotropic_thermal_model             ? 
_refine.pdbx_ls_cross_valid_method               THROUGHOUT 
_refine.pdbx_method_to_determine_struct          'MOLECULAR REPLACEMENT' 
_refine.pdbx_starting_model                      4LXO 
_refine.pdbx_stereochemistry_target_values       ? 
_refine.pdbx_R_Free_selection_details            ? 
_refine.pdbx_stereochem_target_val_spec_case     ? 
_refine.pdbx_overall_ESU_R                       0.095 
_refine.pdbx_overall_ESU_R_Free                  0.096 
_refine.pdbx_solvent_vdw_probe_radii             1.200 
_refine.pdbx_solvent_ion_probe_radii             0.800 
_refine.pdbx_solvent_shrinkage_radii             0.800 
_refine.pdbx_real_space_R                        ? 
_refine.pdbx_density_correlation                 ? 
_refine.pdbx_pd_number_of_powder_patterns        ? 
_refine.pdbx_pd_number_of_points                 ? 
_refine.pdbx_pd_meas_number_of_points            ? 
_refine.pdbx_pd_proc_ls_prof_R_factor            ? 
_refine.pdbx_pd_proc_ls_prof_wR_factor           ? 
_refine.pdbx_pd_Marquardt_correlation_coeff      ? 
_refine.pdbx_pd_Fsqrd_R_factor                   ? 
_refine.pdbx_pd_ls_matrix_band_width             ? 
_refine.pdbx_overall_phase_error                 ? 
_refine.pdbx_overall_SU_R_free_Cruickshank_DPI   ? 
_refine.pdbx_overall_SU_R_free_Blow_DPI          ? 
_refine.pdbx_overall_SU_R_Blow_DPI               ? 
_refine.pdbx_TLS_residual_ADP_flag               ? 
_refine.pdbx_diffrn_id                           1 
_refine.overall_SU_B                             3.803 
_refine.overall_SU_ML                            0.065 
_refine.overall_SU_R_Cruickshank_DPI             ? 
_refine.overall_SU_R_free                        ? 
_refine.overall_FOM_free_R_set                   ? 
_refine.overall_FOM_work_R_set                   ? 
_refine.pdbx_average_fsc_overall                 ? 
_refine.pdbx_average_fsc_work                    ? 
_refine.pdbx_average_fsc_free                    ? 
# 
_refine_hist.pdbx_refine_id                   'X-RAY DIFFRACTION' 
_refine_hist.cycle_id                         LAST 
_refine_hist.pdbx_number_atoms_protein        799 
_refine_hist.pdbx_number_atoms_nucleic_acid   0 
_refine_hist.pdbx_number_atoms_ligand         5 
_refine_hist.number_atoms_solvent             70 
_refine_hist.number_atoms_total               874 
_refine_hist.d_res_high                       1.630 
_refine_hist.d_res_low                        29.792 
# 
loop_
_refine_ls_restr.pdbx_refine_id 
_refine_ls_restr.criterion 
_refine_ls_restr.dev_ideal 
_refine_ls_restr.dev_ideal_target 
_refine_ls_restr.number 
_refine_ls_restr.rejects 
_refine_ls_restr.type 
_refine_ls_restr.weight 
_refine_ls_restr.pdbx_restraint_function 
'X-RAY DIFFRACTION' ? 0.010  0.013  834  ? r_bond_refined_d               ? ? 
'X-RAY DIFFRACTION' ? 0.000  0.014  743  ? r_bond_other_d                 ? ? 
'X-RAY DIFFRACTION' ? 1.500  1.664  1148 ? r_angle_refined_deg            ? ? 
'X-RAY DIFFRACTION' ? 1.394  1.567  1716 ? r_angle_other_deg              ? ? 
'X-RAY DIFFRACTION' ? 7.774  5.000  101  ? r_dihedral_angle_1_deg         ? ? 
'X-RAY DIFFRACTION' ? 26.614 20.000 45   ? r_dihedral_angle_2_deg         ? ? 
'X-RAY DIFFRACTION' ? 13.620 15.000 118  ? r_dihedral_angle_3_deg         ? ? 
'X-RAY DIFFRACTION' ? 12.757 15.000 7    ? r_dihedral_angle_4_deg         ? ? 
'X-RAY DIFFRACTION' ? 0.073  0.200  113  ? r_chiral_restr                 ? ? 
'X-RAY DIFFRACTION' ? 0.016  0.020  941  ? r_gen_planes_refined           ? ? 
'X-RAY DIFFRACTION' ? 0.003  0.020  193  ? r_gen_planes_other             ? ? 
'X-RAY DIFFRACTION' ? 0.171  0.200  106  ? r_nbd_refined                  ? ? 
'X-RAY DIFFRACTION' ? 0.188  0.200  638  ? r_symmetry_nbd_other           ? ? 
'X-RAY DIFFRACTION' ? 0.170  0.200  384  ? r_nbtor_refined                ? ? 
'X-RAY DIFFRACTION' ? 0.084  0.200  408  ? r_symmetry_nbtor_other         ? ? 
'X-RAY DIFFRACTION' ? 0.106  0.200  43   ? r_xyhbond_nbd_refined          ? ? 
'X-RAY DIFFRACTION' ? 0.240  0.200  22   ? r_symmetry_nbd_refined         ? ? 
'X-RAY DIFFRACTION' ? 0.272  0.200  51   ? r_nbd_other                    ? ? 
'X-RAY DIFFRACTION' ? 0.172  0.200  15   ? r_symmetry_xyhbond_nbd_refined ? ? 
'X-RAY DIFFRACTION' ? 0.060  0.200  1    ? r_xyhbond_nbd_other            ? ? 
'X-RAY DIFFRACTION' ? 1.823  1.516  401  ? r_mcbond_it                    ? ? 
'X-RAY DIFFRACTION' ? 1.824  1.511  400  ? r_mcbond_other                 ? ? 
'X-RAY DIFFRACTION' ? 2.980  2.262  500  ? r_mcangle_it                   ? ? 
'X-RAY DIFFRACTION' ? 2.978  2.268  501  ? r_mcangle_other                ? ? 
'X-RAY DIFFRACTION' ? 2.496  1.767  433  ? r_scbond_it                    ? ? 
'X-RAY DIFFRACTION' ? 2.313  1.744  429  ? r_scbond_other                 ? ? 
'X-RAY DIFFRACTION' ? 3.918  2.536  647  ? r_scangle_it                   ? ? 
'X-RAY DIFFRACTION' ? 3.617  2.500  641  ? r_scangle_other                ? ? 
'X-RAY DIFFRACTION' ? 5.526  17.683 840  ? r_lrange_it                    ? ? 
'X-RAY DIFFRACTION' ? 5.468  17.451 832  ? r_lrange_other                 ? ? 
# 
loop_
_refine_ls_shell.pdbx_refine_id 
_refine_ls_shell.d_res_high 
_refine_ls_shell.d_res_low 
_refine_ls_shell.number_reflns_all 
_refine_ls_shell.number_reflns_obs 
_refine_ls_shell.number_reflns_R_free 
_refine_ls_shell.number_reflns_R_work 
_refine_ls_shell.percent_reflns_obs 
_refine_ls_shell.percent_reflns_R_free 
_refine_ls_shell.R_factor_all 
_refine_ls_shell.R_factor_obs 
_refine_ls_shell.R_factor_R_free 
_refine_ls_shell.R_factor_R_free_error 
_refine_ls_shell.R_factor_R_work 
_refine_ls_shell.redundancy_reflns_all 
_refine_ls_shell.redundancy_reflns_obs 
_refine_ls_shell.wR_factor_all 
_refine_ls_shell.wR_factor_obs 
_refine_ls_shell.wR_factor_R_free 
_refine_ls_shell.wR_factor_R_work 
_refine_ls_shell.pdbx_R_complete 
_refine_ls_shell.pdbx_total_number_of_bins_used 
_refine_ls_shell.pdbx_phase_error 
_refine_ls_shell.pdbx_fsc_work 
_refine_ls_shell.pdbx_fsc_free 
'X-RAY DIFFRACTION' 1.630 1.672  912 . 43 866 99.6711  . 0.249 . 0.315 . 0.246 . . . . . 0.207 . 20 . 0.886 0.873 
'X-RAY DIFFRACTION' 1.672 1.718  873 . 43 830 100.0000 . 0.208 . 0.256 . 0.205 . . . . . 0.166 . 20 . 0.921 0.904 
'X-RAY DIFFRACTION' 1.718 1.768  852 . 45 807 100.0000 . 0.181 . 0.232 . 0.178 . . . . . 0.142 . 20 . 0.943 0.928 
'X-RAY DIFFRACTION' 1.768 1.822  824 . 38 786 100.0000 . 0.183 . 0.213 . 0.182 . . . . . 0.145 . 20 . 0.940 0.921 
'X-RAY DIFFRACTION' 1.822 1.881  801 . 37 764 100.0000 . 0.184 . 0.266 . 0.180 . . . . . 0.147 . 20 . 0.944 0.910 
'X-RAY DIFFRACTION' 1.881 1.947  799 . 45 754 100.0000 . 0.173 . 0.243 . 0.169 . . . . . 0.141 . 20 . 0.955 0.947 
'X-RAY DIFFRACTION' 1.947 2.020  755 . 40 715 100.0000 . 0.178 . 0.207 . 0.177 . . . . . 0.150 . 20 . 0.956 0.942 
'X-RAY DIFFRACTION' 2.020 2.102  714 . 45 669 100.0000 . 0.172 . 0.210 . 0.170 . . . . . 0.147 . 20 . 0.955 0.943 
'X-RAY DIFFRACTION' 2.102 2.195  701 . 35 666 100.0000 . 0.172 . 0.200 . 0.171 . . . . . 0.147 . 20 . 0.954 0.948 
'X-RAY DIFFRACTION' 2.195 2.302  680 . 38 642 100.0000 . 0.175 . 0.226 . 0.172 . . . . . 0.149 . 20 . 0.953 0.947 
'X-RAY DIFFRACTION' 2.302 2.425  652 . 33 619 100.0000 . 0.177 . 0.286 . 0.172 . . . . . 0.153 . 20 . 0.957 0.925 
'X-RAY DIFFRACTION' 2.425 2.571  601 . 27 574 100.0000 . 0.181 . 0.194 . 0.181 . . . . . 0.153 . 20 . 0.960 0.963 
'X-RAY DIFFRACTION' 2.571 2.748  584 . 32 552 100.0000 . 0.174 . 0.183 . 0.173 . . . . . 0.157 . 20 . 0.960 0.963 
'X-RAY DIFFRACTION' 2.748 2.966  547 . 21 526 100.0000 . 0.189 . 0.165 . 0.190 . . . . . 0.180 . 20 . 0.951 0.952 
'X-RAY DIFFRACTION' 2.966 3.245  504 . 22 482 100.0000 . 0.172 . 0.291 . 0.168 . . . . . 0.167 . 20 . 0.964 0.929 
'X-RAY DIFFRACTION' 3.245 3.623  467 . 29 438 100.0000 . 0.170 . 0.164 . 0.170 . . . . . 0.174 . 20 . 0.969 0.974 
'X-RAY DIFFRACTION' 3.623 4.173  408 . 16 391 99.7549  . 0.161 . 0.176 . 0.161 . . . . . 0.172 . 20 . 0.970 0.962 
'X-RAY DIFFRACTION' 4.173 5.086  359 . 8  351 100.0000 . 0.159 . 0.204 . 0.158 . . . . . 0.176 . 20 . 0.974 0.966 
'X-RAY DIFFRACTION' 5.086 7.091  294 . 17 277 100.0000 . 0.222 . 0.246 . 0.220 . . . . . 0.237 . 20 . 0.957 0.951 
'X-RAY DIFFRACTION' 7.091 29.792 194 . 16 178 100.0000 . 0.191 . 0.166 . 0.193 . . . . . 0.227 . 20 . 0.965 0.964 
# 
_struct.entry_id                     7YPL 
_struct.title                        'Crystal structure of fibronectin type III domain variant, a VEGFR2-specific antagonist' 
_struct.pdbx_model_details           ? 
_struct.pdbx_formula_weight          ? 
_struct.pdbx_formula_weight_method   ? 
_struct.pdbx_model_type_details      ? 
_struct.pdbx_CASP_flag               N 
# 
_struct_keywords.entry_id        7YPL 
_struct_keywords.text            'Fibronectin, FnIII, VEGFR2-specific antagonist, CELL ADHESION' 
_struct_keywords.pdbx_keywords   'CELL ADHESION' 
# 
loop_
_struct_asym.id 
_struct_asym.pdbx_blank_PDB_chainid_flag 
_struct_asym.pdbx_modified 
_struct_asym.entity_id 
_struct_asym.details 
A N N 1 ? 
B N N 2 ? 
C N N 3 ? 
# 
_struct_mon_prot_cis.pdbx_id                1 
_struct_mon_prot_cis.label_comp_id          GLN 
_struct_mon_prot_cis.label_seq_id           54 
_struct_mon_prot_cis.label_asym_id          A 
_struct_mon_prot_cis.label_alt_id           . 
_struct_mon_prot_cis.pdbx_PDB_ins_code      ? 
_struct_mon_prot_cis.auth_comp_id           GLN 
_struct_mon_prot_cis.auth_seq_id            54 
_struct_mon_prot_cis.auth_asym_id           A 
_struct_mon_prot_cis.pdbx_label_comp_id_2   PRO 
_struct_mon_prot_cis.pdbx_label_seq_id_2    55 
_struct_mon_prot_cis.pdbx_label_asym_id_2   A 
_struct_mon_prot_cis.pdbx_PDB_ins_code_2    ? 
_struct_mon_prot_cis.pdbx_auth_comp_id_2    PRO 
_struct_mon_prot_cis.pdbx_auth_seq_id_2     55 
_struct_mon_prot_cis.pdbx_auth_asym_id_2    A 
_struct_mon_prot_cis.pdbx_PDB_model_num     1 
_struct_mon_prot_cis.pdbx_omega_angle       -8.23 
# 
loop_
_struct_sheet.id 
_struct_sheet.type 
_struct_sheet.number_strands 
_struct_sheet.details 
AA1 ? 5 ? 
AA2 ? 3 ? 
# 
loop_
_struct_sheet_order.sheet_id 
_struct_sheet_order.range_id_1 
_struct_sheet_order.range_id_2 
_struct_sheet_order.offset 
_struct_sheet_order.sense 
AA1 1 2 ? anti-parallel 
AA1 2 3 ? anti-parallel 
AA1 3 4 ? anti-parallel 
AA1 4 5 ? anti-parallel 
AA2 1 2 ? anti-parallel 
AA2 2 3 ? anti-parallel 
# 
loop_
_struct_sheet_range.sheet_id 
_struct_sheet_range.id 
_struct_sheet_range.beg_label_comp_id 
_struct_sheet_range.beg_label_asym_id 
_struct_sheet_range.beg_label_seq_id 
_struct_sheet_range.pdbx_beg_PDB_ins_code 
_struct_sheet_range.end_label_comp_id 
_struct_sheet_range.end_label_asym_id 
_struct_sheet_range.end_label_seq_id 
_struct_sheet_range.pdbx_end_PDB_ins_code 
_struct_sheet_range.beg_auth_comp_id 
_struct_sheet_range.beg_auth_asym_id 
_struct_sheet_range.beg_auth_seq_id 
_struct_sheet_range.end_auth_comp_id 
_struct_sheet_range.end_auth_asym_id 
_struct_sheet_range.end_auth_seq_id 
AA1 1 SER A 3  ? ARG A 7  ? SER A 3  ARG A 7  
AA1 2 LEU A 85 ? THR A 95 ? LEU A 85 THR A 95 
AA1 3 TYR A 69 ? THR A 77 ? TYR A 69 THR A 77 
AA1 4 TYR A 32 ? GLU A 39 ? TYR A 32 GLU A 39 
AA1 5 GLN A 47 ? VAL A 51 ? GLN A 47 VAL A 51 
AA2 1 GLU A 10 ? SER A 15 ? GLU A 10 SER A 15 
AA2 2 SER A 18 ? SER A 22 ? SER A 18 SER A 22 
AA2 3 THR A 57 ? ILE A 60 ? THR A 57 ILE A 60 
# 
loop_
_pdbx_struct_sheet_hbond.sheet_id 
_pdbx_struct_sheet_hbond.range_id_1 
_pdbx_struct_sheet_hbond.range_id_2 
_pdbx_struct_sheet_hbond.range_1_label_atom_id 
_pdbx_struct_sheet_hbond.range_1_label_comp_id 
_pdbx_struct_sheet_hbond.range_1_label_asym_id 
_pdbx_struct_sheet_hbond.range_1_label_seq_id 
_pdbx_struct_sheet_hbond.range_1_PDB_ins_code 
_pdbx_struct_sheet_hbond.range_1_auth_atom_id 
_pdbx_struct_sheet_hbond.range_1_auth_comp_id 
_pdbx_struct_sheet_hbond.range_1_auth_asym_id 
_pdbx_struct_sheet_hbond.range_1_auth_seq_id 
_pdbx_struct_sheet_hbond.range_2_label_atom_id 
_pdbx_struct_sheet_hbond.range_2_label_comp_id 
_pdbx_struct_sheet_hbond.range_2_label_asym_id 
_pdbx_struct_sheet_hbond.range_2_label_seq_id 
_pdbx_struct_sheet_hbond.range_2_PDB_ins_code 
_pdbx_struct_sheet_hbond.range_2_auth_atom_id 
_pdbx_struct_sheet_hbond.range_2_auth_comp_id 
_pdbx_struct_sheet_hbond.range_2_auth_asym_id 
_pdbx_struct_sheet_hbond.range_2_auth_seq_id 
AA1 1 2 N ARG A 7  ? N ARG A 7  O ILE A 91 ? O ILE A 91 
AA1 2 3 O ARG A 94 ? O ARG A 94 N TYR A 69 ? N TYR A 69 
AA1 3 4 O TYR A 74 ? O TYR A 74 N ARG A 34 ? N ARG A 34 
AA1 4 5 N TYR A 37 ? N TYR A 37 O GLN A 47 ? O GLN A 47 
AA2 1 2 N GLU A 13 ? N GLU A 13 O GLN A 20 ? O GLN A 20 
AA2 2 3 N ILE A 21 ? N ILE A 21 O ALA A 58 ? O ALA A 58 
# 
_atom_sites.entry_id                    7YPL 
_atom_sites.Cartn_transf_matrix[1][1]   ? 
_atom_sites.Cartn_transf_matrix[1][2]   ? 
_atom_sites.Cartn_transf_matrix[1][3]   ? 
_atom_sites.Cartn_transf_matrix[2][1]   ? 
_atom_sites.Cartn_transf_matrix[2][2]   ? 
_atom_sites.Cartn_transf_matrix[2][3]   ? 
_atom_sites.Cartn_transf_matrix[3][1]   ? 
_atom_sites.Cartn_transf_matrix[3][2]   ? 
_atom_sites.Cartn_transf_matrix[3][3]   ? 
_atom_sites.Cartn_transf_vector[1]      ? 
_atom_sites.Cartn_transf_vector[2]      ? 
_atom_sites.Cartn_transf_vector[3]      ? 
_atom_sites.fract_transf_matrix[1][1]   0.01042945 
_atom_sites.fract_transf_matrix[1][2]   0.00638486 
_atom_sites.fract_transf_matrix[1][3]   0.01149899 
_atom_sites.fract_transf_matrix[2][1]   0.00626096 
_atom_sites.fract_transf_matrix[2][2]   -0.00986584 
_atom_sites.fract_transf_matrix[2][3]   0.01205136 
_atom_sites.fract_transf_matrix[3][1]   0.01134084 
_atom_sites.fract_transf_matrix[3][2]   -0.00319832 
_atom_sites.fract_transf_matrix[3][3]   -0.00851013 
_atom_sites.fract_transf_vector[1]      -0.288323 
_atom_sites.fract_transf_vector[2]      -0.406156 
_atom_sites.fract_transf_vector[3]      0.065450 
_atom_sites.solution_primary            ? 
_atom_sites.solution_secondary          ? 
_atom_sites.solution_hydrogens          ? 
_atom_sites.special_details             ? 
# 
loop_
_atom_type.symbol 
_atom_type.pdbx_scat_Z 
_atom_type.pdbx_N_electrons 
_atom_type.scat_Cromer_Mann_a1 
_atom_type.scat_Cromer_Mann_b1 
_atom_type.scat_Cromer_Mann_a2 
_atom_type.scat_Cromer_Mann_b2 
_atom_type.scat_Cromer_Mann_a3 
_atom_type.scat_Cromer_Mann_b3 
_atom_type.scat_Cromer_Mann_a4 
_atom_type.scat_Cromer_Mann_b4 
_atom_type.scat_Cromer_Mann_c 
C 6  6  2.310  20.844 1.020 10.208 1.589 0.569  0.865 51.651 0.216   
H 1  1  0.493  10.511 0.323 26.126 0.140 3.142  0.041 57.800 0.003   
N 7  7  12.222 0.006  3.135 9.893  2.014 28.997 1.167 0.583  -11.538 
O 8  8  3.049  13.277 2.287 5.701  1.546 0.324  0.867 32.909 0.251   
S 16 16 6.905  1.468  5.203 22.215 1.438 0.254  1.586 56.172 1.056   
# 
loop_
_atom_site.group_PDB 
_atom_site.id 
_atom_site.type_symbol 
_atom_site.label_atom_id 
_atom_site.label_alt_id 
_atom_site.label_comp_id 
_atom_site.label_asym_id 
_atom_site.label_entity_id 
_atom_site.label_seq_id 
_atom_site.pdbx_PDB_ins_code 
_atom_site.Cartn_x 
_atom_site.Cartn_y 
_atom_site.Cartn_z 
_atom_site.occupancy 
_atom_site.B_iso_or_equiv 
_atom_site.pdbx_formal_charge 
_atom_site.auth_seq_id 
_atom_site.auth_comp_id 
_atom_site.auth_asym_id 
_atom_site.auth_atom_id 
_atom_site.pdbx_PDB_model_num 
_atom_site.calc_flag 
_atom_site.pdbx_tls_group_id 
ATOM   1   N N   . VAL A 1 2   ? -3.066  -14.531 8.519   1.000 21.926 0 2   VAL A N   1 ? 1 
ATOM   2   C CA  . VAL A 1 2   ? -2.537  -13.372 7.739   1.000 19.364 0 2   VAL A CA  1 ? 1 
ATOM   3   C C   . VAL A 1 2   ? -1.056  -13.623 7.481   1.000 18.382 0 2   VAL A C   1 ? 1 
ATOM   4   O O   . VAL A 1 2   ? -0.314  -13.750 8.471   1.000 20.108 0 2   VAL A O   1 ? 1 
ATOM   5   C CB  . VAL A 1 2   ? -2.698  -12.014 8.455   1.000 20.320 0 2   VAL A CB  1 ? 1 
ATOM   6   C CG1 . VAL A 1 2   ? -1.816  -10.945 7.833   1.000 21.759 0 2   VAL A CG1 1 ? 1 
ATOM   7   C CG2 . VAL A 1 2   ? -4.142  -11.540 8.486   1.000 21.489 0 2   VAL A CG2 1 ? 1 
ATOM   8   N N   . SER A 1 3   ? -0.624  -13.502 6.229   1.000 16.129 0 3   SER A N   1 ? 1 
ATOM   9   C CA  A SER A 1 3   ? 0.796   -13.264 5.892   0.500 15.631 0 3   SER A CA  1 ? 1 
ATOM   10  C CA  B SER A 1 3   ? 0.808   -13.297 5.858   0.500 16.153 0 3   SER A CA  1 ? 1 
ATOM   11  C C   . SER A 1 3   ? 0.909   -12.026 5.011   1.000 14.725 0 3   SER A C   1 ? 1 
ATOM   12  O O   . SER A 1 3   ? 0.497   -12.075 3.868   1.000 14.616 0 3   SER A O   1 ? 1 
ATOM   13  C CB  A SER A 1 3   ? 1.436   -14.436 5.237   0.500 16.204 0 3   SER A CB  1 ? 1 
ATOM   14  C CB  B SER A 1 3   ? 1.448   -14.462 5.092   0.500 17.314 0 3   SER A CB  1 ? 1 
ATOM   15  O OG  A SER A 1 3   ? 2.768   -14.118 4.948   0.500 15.614 0 3   SER A OG  1 ? 1 
ATOM   16  O OG  B SER A 1 3   ? 1.457   -15.683 5.834   0.500 18.595 0 3   SER A OG  1 ? 1 
ATOM   17  N N   . ASP A 1 4   ? 1.492   -10.982 5.556   1.000 14.097 0 4   ASP A N   1 ? 1 
ATOM   18  C CA  . ASP A 1 4   ? 1.767   -9.758  4.787   1.000 13.089 0 4   ASP A CA  1 ? 1 
ATOM   19  C C   . ASP A 1 4   ? 3.153   -9.902  4.162   1.000 14.124 0 4   ASP A C   1 ? 1 
ATOM   20  O O   . ASP A 1 4   ? 4.121   -10.188 4.882   1.000 16.216 0 4   ASP A O   1 ? 1 
ATOM   21  C CB  . ASP A 1 4   ? 1.658   -8.536  5.687   1.000 13.359 0 4   ASP A CB  1 ? 1 
ATOM   22  C CG  . ASP A 1 4   ? 0.213   -8.193  5.973   1.000 13.154 0 4   ASP A CG  1 ? 1 
ATOM   23  O OD1 . ASP A 1 4   ? -0.564  -8.060  4.974   1.000 12.335 0 4   ASP A OD1 1 ? 1 
ATOM   24  O OD2 . ASP A 1 4   ? -0.123  -8.042  7.181   1.000 14.259 0 4   ASP A OD2 1 ? 1 
ATOM   25  N N   . VAL A 1 5   ? 3.209   -9.840  2.837   1.000 12.727 0 5   VAL A N   1 ? 1 
ATOM   26  C CA  . VAL A 1 5   ? 4.458   -10.075 2.077   1.000 13.541 0 5   VAL A CA  1 ? 1 
ATOM   27  C C   . VAL A 1 5   ? 4.881   -8.742  1.488   1.000 12.750 0 5   VAL A C   1 ? 1 
ATOM   28  O O   . VAL A 1 5   ? 4.298   -8.293  0.497   1.000 12.745 0 5   VAL A O   1 ? 1 
ATOM   29  C CB  . VAL A 1 5   ? 4.234   -11.142 1.000   1.000 13.753 0 5   VAL A CB  1 ? 1 
ATOM   30  C CG1 . VAL A 1 5   ? 5.502   -11.346 0.188   1.000 14.862 0 5   VAL A CG1 1 ? 1 
ATOM   31  C CG2 . VAL A 1 5   ? 3.752   -12.443 1.608   1.000 14.179 0 5   VAL A CG2 1 ? 1 
ATOM   32  N N   . PRO A 1 6   ? 5.878   -8.076  2.113   1.000 13.380 0 6   PRO A N   1 ? 1 
ATOM   33  C CA  . PRO A 1 6   ? 6.265   -6.726  1.715   1.000 14.339 0 6   PRO A CA  1 ? 1 
ATOM   34  C C   . PRO A 1 6   ? 7.328   -6.705  0.614   1.000 14.133 0 6   PRO A C   1 ? 1 
ATOM   35  O O   . PRO A 1 6   ? 8.197   -7.604  0.590   1.000 15.723 0 6   PRO A O   1 ? 1 
ATOM   36  C CB  . PRO A 1 6   ? 6.813   -6.153  3.021   1.000 15.047 0 6   PRO A CB  1 ? 1 
ATOM   37  C CG  . PRO A 1 6   ? 7.483   -7.322  3.642   1.000 16.665 0 6   PRO A CG  1 ? 1 
ATOM   38  C CD  . PRO A 1 6   ? 6.531   -8.482  3.361   1.000 15.844 0 6   PRO A CD  1 ? 1 
ATOM   39  N N   . ARG A 1 7   ? 7.342   -5.611  -0.152  1.000 14.273 0 7   ARG A N   1 ? 1 
ATOM   40  C CA  . ARG A 1 7   ? 8.433   -5.273  -1.095  1.000 15.854 0 7   ARG A CA  1 ? 1 
ATOM   41  C C   . ARG A 1 7   ? 8.778   -3.803  -0.936  1.000 14.517 0 7   ARG A C   1 ? 1 
ATOM   42  O O   . ARG A 1 7   ? 7.918   -2.961  -1.218  1.000 12.590 0 7   ARG A O   1 ? 1 
ATOM   43  C CB  . ARG A 1 7   ? 8.036   -5.538  -2.545  1.000 19.330 0 7   ARG A CB  1 ? 1 
ATOM   44  C CG  . ARG A 1 7   ? 7.742   -6.992  -2.852  1.000 23.964 0 7   ARG A CG  1 ? 1 
ATOM   45  C CD  . ARG A 1 7   ? 8.983   -7.744  -3.269  1.000 29.241 0 7   ARG A CD  1 ? 1 
ATOM   46  N NE  . ARG A 1 7   ? 8.632   -9.117  -3.616  1.000 34.945 0 7   ARG A NE  1 ? 1 
ATOM   47  C CZ  . ARG A 1 7   ? 8.505   -10.119 -2.750  1.000 34.405 0 7   ARG A CZ  1 ? 1 
ATOM   48  N NH1 . ARG A 1 7   ? 8.699   -9.931  -1.456  1.000 33.502 0 7   ARG A NH1 1 ? 1 
ATOM   49  N NH2 . ARG A 1 7   ? 8.201   -11.320 -3.197  1.000 36.064 0 7   ARG A NH2 1 ? 1 
ATOM   50  N N   . ASP A 1 8   ? 9.944   -3.519  -0.337  1.000 14.444 0 8   ASP A N   1 ? 1 
ATOM   51  C CA  . ASP A 1 8   ? 10.421  -2.135  -0.127  1.000 13.970 0 8   ASP A CA  1 ? 1 
ATOM   52  C C   . ASP A 1 8   ? 9.468   -1.387  0.802   1.000 12.912 0 8   ASP A C   1 ? 1 
ATOM   53  O O   . ASP A 1 8   ? 9.329   -0.183  0.674   1.000 13.572 0 8   ASP A O   1 ? 1 
ATOM   54  C CB  . ASP A 1 8   ? 10.590  -1.426  -1.458  1.000 14.874 0 8   ASP A CB  1 ? 1 
ATOM   55  C CG  . ASP A 1 8   ? 11.547  -2.191  -2.364  1.000 18.547 0 8   ASP A CG  1 ? 1 
ATOM   56  O OD1 . ASP A 1 8   ? 12.668  -2.537  -1.898  1.000 21.044 0 8   ASP A OD1 1 ? 1 
ATOM   57  O OD2 . ASP A 1 8   ? 11.133  -2.571  -3.437  1.000 19.191 0 8   ASP A OD2 1 ? 1 
ATOM   58  N N   . LEU A 1 9   ? 8.900   -2.076  1.773   1.000 13.198 0 9   LEU A N   1 ? 1 
ATOM   59  C CA  . LEU A 1 9   ? 8.261   -1.425  2.934   1.000 13.636 0 9   LEU A CA  1 ? 1 
ATOM   60  C C   . LEU A 1 9   ? 8.322   -2.380  4.105   1.000 13.812 0 9   LEU A C   1 ? 1 
ATOM   61  O O   . LEU A 1 9   ? 8.781   -3.547  3.960   1.000 14.222 0 9   LEU A O   1 ? 1 
ATOM   62  C CB  . LEU A 1 9   ? 6.814   -0.992  2.643   1.000 13.640 0 9   LEU A CB  1 ? 1 
ATOM   63  C CG  . LEU A 1 9   ? 5.817   -2.082  2.220   1.000 13.429 0 9   LEU A CG  1 ? 1 
ATOM   64  C CD1 . LEU A 1 9   ? 5.403   -2.944  3.388   1.000 14.167 0 9   LEU A CD1 1 ? 1 
ATOM   65  C CD2 . LEU A 1 9   ? 4.560   -1.458  1.612   1.000 13.119 0 9   LEU A CD2 1 ? 1 
ATOM   66  N N   . GLU A 1 10  ? 8.085   -1.802  5.263   1.000 14.479 0 10  GLU A N   1 ? 1 
ATOM   67  C CA  . GLU A 1 10  ? 8.055   -2.511  6.544   1.000 16.126 0 10  GLU A CA  1 ? 1 
ATOM   68  C C   . GLU A 1 10  ? 6.595   -2.659  6.968   1.000 15.079 0 10  GLU A C   1 ? 1 
ATOM   69  O O   . GLU A 1 10  ? 5.844   -1.685  6.872   1.000 14.619 0 10  GLU A O   1 ? 1 
ATOM   70  C CB  . GLU A 1 10  ? 8.882   -1.744  7.562   1.000 19.775 0 10  GLU A CB  1 ? 1 
ATOM   71  C CG  . GLU A 1 10  ? 8.813   -2.345  8.933   1.000 24.479 0 10  GLU A CG  1 ? 1 
ATOM   72  C CD  . GLU A 1 10  ? 9.594   -1.545  9.969   1.000 29.681 0 10  GLU A CD  1 ? 1 
ATOM   73  O OE1 . GLU A 1 10  ? 9.341   -1.755  11.171  1.000 38.258 0 10  GLU A OE1 1 ? 1 
ATOM   74  O OE2 . GLU A 1 10  ? 10.446  -0.718  9.567   1.000 35.507 0 10  GLU A OE2 1 ? 1 
ATOM   75  N N   . VAL A 1 11  ? 6.223   -3.848  7.418   1.000 15.276 0 11  VAL A N   1 ? 1 
ATOM   76  C CA  . VAL A 1 11  ? 4.891   -4.070  8.048   1.000 15.711 0 11  VAL A CA  1 ? 1 
ATOM   77  C C   . VAL A 1 11  ? 5.085   -3.846  9.541   1.000 17.365 0 11  VAL A C   1 ? 1 
ATOM   78  O O   . VAL A 1 11  ? 5.793   -4.687  10.170  1.000 18.948 0 11  VAL A O   1 ? 1 
ATOM   79  C CB  . VAL A 1 11  ? 4.340   -5.470  7.731   1.000 15.108 0 11  VAL A CB  1 ? 1 
ATOM   80  C CG1 . VAL A 1 11  ? 2.986   -5.664  8.393   1.000 14.867 0 11  VAL A CG1 1 ? 1 
ATOM   81  C CG2 . VAL A 1 11  ? 4.212   -5.657  6.236   1.000 14.675 0 11  VAL A CG2 1 ? 1 
ATOM   82  N N   . VAL A 1 12  ? 4.620   -2.706  10.043  1.000 16.856 0 12  VAL A N   1 ? 1 
ATOM   83  C CA  . VAL A 1 12  ? 4.910   -2.241  11.433  1.000 19.089 0 12  VAL A CA  1 ? 1 
ATOM   84  C C   . VAL A 1 12  ? 3.988   -2.979  12.403  1.000 20.735 0 12  VAL A C   1 ? 1 
ATOM   85  O O   . VAL A 1 12  ? 4.462   -3.482  13.447  1.000 21.201 0 12  VAL A O   1 ? 1 
ATOM   86  C CB  . VAL A 1 12  ? 4.791   -0.711  11.546  1.000 20.390 0 12  VAL A CB  1 ? 1 
ATOM   87  C CG1 . VAL A 1 12  ? 5.048   -0.248  12.976  1.000 21.163 0 12  VAL A CG1 1 ? 1 
ATOM   88  C CG2 . VAL A 1 12  ? 5.715   0.008   10.569  1.000 21.491 0 12  VAL A CG2 1 ? 1 
ATOM   89  N N   . GLU A 1 13  ? 2.720   -3.113  12.016  1.000 19.975 0 13  GLU A N   1 ? 1 
ATOM   90  C CA  . GLU A 1 13  ? 1.633   -3.707  12.820  1.000 22.094 0 13  GLU A CA  1 ? 1 
ATOM   91  C C   . GLU A 1 13  ? 0.646   -4.320  11.838  1.000 19.592 0 13  GLU A C   1 ? 1 
ATOM   92  O O   . GLU A 1 13  ? 0.524   -3.806  10.712  1.000 17.242 0 13  GLU A O   1 ? 1 
ATOM   93  C CB  . GLU A 1 13  ? 0.933   -2.655  13.685  1.000 26.864 0 13  GLU A CB  1 ? 1 
ATOM   94  C CG  . GLU A 1 13  ? 1.803   -2.113  14.799  1.000 36.572 0 13  GLU A CG  1 ? 1 
ATOM   95  C CD  . GLU A 1 13  ? 2.064   -3.088  15.940  1.000 45.020 0 13  GLU A CD  1 ? 1 
ATOM   96  O OE1 . GLU A 1 13  ? 1.428   -4.165  15.952  1.000 53.604 0 13  GLU A OE1 1 ? 1 
ATOM   97  O OE2 . GLU A 1 13  ? 2.897   -2.762  16.828  1.000 52.408 0 13  GLU A OE2 1 ? 1 
ATOM   98  N N   . ALA A 1 14  ? -0.054  -5.365  12.239  1.000 19.014 0 14  ALA A N   1 ? 1 
ATOM   99  C CA  . ALA A 1 14  ? -1.146  -5.905  11.402  1.000 17.327 0 14  ALA A CA  1 ? 1 
ATOM   100 C C   . ALA A 1 14  ? -2.162  -6.609  12.279  1.000 17.979 0 14  ALA A C   1 ? 1 
ATOM   101 O O   . ALA A 1 14  ? -1.793  -7.167  13.331  1.000 19.614 0 14  ALA A O   1 ? 1 
ATOM   102 C CB  . ALA A 1 14  ? -0.618  -6.841  10.345  1.000 16.311 0 14  ALA A CB  1 ? 1 
ATOM   103 N N   . SER A 1 15  ? -3.385  -6.687  11.762  1.000 16.207 0 15  SER A N   1 ? 1 
ATOM   104 C CA  . SER A 1 15  ? -4.483  -7.510  12.310  1.000 15.990 0 15  SER A CA  1 ? 1 
ATOM   105 C C   . SER A 1 15  ? -5.249  -8.094  11.140  1.000 14.423 0 15  SER A C   1 ? 1 
ATOM   106 O O   . SER A 1 15  ? -5.014  -7.761  9.973   1.000 12.437 0 15  SER A O   1 ? 1 
ATOM   107 C CB  . SER A 1 15  ? -5.367  -6.671  13.203  1.000 16.470 0 15  SER A CB  1 ? 1 
ATOM   108 O OG  . SER A 1 15  ? -6.302  -5.975  12.409  1.000 16.720 0 15  SER A OG  1 ? 1 
ATOM   109 N N   . PRO A 1 16  ? -6.246  -8.960  11.388  1.000 14.690 0 16  PRO A N   1 ? 1 
ATOM   110 C CA  . PRO A 1 16  ? -7.015  -9.506  10.289  1.000 14.167 0 16  PRO A CA  1 ? 1 
ATOM   111 C C   . PRO A 1 16  ? -7.674  -8.412  9.433   1.000 13.444 0 16  PRO A C   1 ? 1 
ATOM   112 O O   . PRO A 1 16  ? -7.971  -8.704  8.287   1.000 12.451 0 16  PRO A O   1 ? 1 
ATOM   113 C CB  . PRO A 1 16  ? -8.059  -10.374 11.010  1.000 14.516 0 16  PRO A CB  1 ? 1 
ATOM   114 C CG  . PRO A 1 16  ? -7.307  -10.864 12.220  1.000 15.496 0 16  PRO A CG  1 ? 1 
ATOM   115 C CD  . PRO A 1 16  ? -6.464  -9.685  12.654  1.000 15.913 0 16  PRO A CD  1 ? 1 
ATOM   116 N N   . THR A 1 17  ? -7.948  -7.230  10.011  1.000 13.011 0 17  THR A N   1 ? 1 
ATOM   117 C CA  . THR A 1 17  ? -8.703  -6.157  9.324   1.000 12.912 0 17  THR A CA  1 ? 1 
ATOM   118 C C   . THR A 1 17  ? -7.853  -4.906  9.080   1.000 12.283 0 17  THR A C   1 ? 1 
ATOM   119 O O   . THR A 1 17  ? -8.389  -3.885  8.654   1.000 11.386 0 17  THR A O   1 ? 1 
ATOM   120 C CB  . THR A 1 17  ? -9.948  -5.774  10.117  1.000 13.800 0 17  THR A CB  1 ? 1 
ATOM   121 O OG1 . THR A 1 17  ? -9.542  -5.286  11.397  1.000 14.245 0 17  THR A OG1 1 ? 1 
ATOM   122 C CG2 . THR A 1 17  ? -10.887 -6.957  10.233  1.000 14.174 0 17  THR A CG2 1 ? 1 
ATOM   123 N N   . SER A 1 18  ? -6.576  -4.924  9.461   1.000 13.262 0 18  SER A N   1 ? 1 
ATOM   124 C CA  . SER A 1 18  ? -5.789  -3.670  9.443   1.000 13.664 0 18  SER A CA  1 ? 1 
ATOM   125 C C   . SER A 1 18  ? -4.323  -3.955  9.144   1.000 12.507 0 18  SER A C   1 ? 1 
ATOM   126 O O   . SER A 1 18  ? -3.809  -5.058  9.427   1.000 12.944 0 18  SER A O   1 ? 1 
ATOM   127 C CB  . SER A 1 18  ? -5.935  -2.896  10.730  1.000 16.467 0 18  SER A CB  1 ? 1 
ATOM   128 O OG  . SER A 1 18  ? -5.351  -3.624  11.789  1.000 20.763 0 18  SER A OG  1 ? 1 
ATOM   129 N N   . ILE A 1 19  ? -3.654  -2.928  8.654   1.000 13.451 0 19  ILE A N   1 ? 1 
ATOM   130 C CA  . ILE A 1 19  ? -2.187  -2.992  8.460   1.000 12.212 0 19  ILE A CA  1 ? 1 
ATOM   131 C C   . ILE A 1 19  ? -1.616  -1.590  8.632   1.000 12.713 0 19  ILE A C   1 ? 1 
ATOM   132 O O   . ILE A 1 19  ? -2.201  -0.634  8.123   1.000 12.304 0 19  ILE A O   1 ? 1 
ATOM   133 C CB  . ILE A 1 19  ? -1.851  -3.634  7.092   1.000 12.732 0 19  ILE A CB  1 ? 1 
ATOM   134 C CG1 . ILE A 1 19  ? -0.355  -3.937  6.983   1.000 12.709 0 19  ILE A CG1 1 ? 1 
ATOM   135 C CG2 . ILE A 1 19  ? -2.336  -2.774  5.927   1.000 12.282 0 19  ILE A CG2 1 ? 1 
ATOM   136 C CD1 . ILE A 1 19  ? 0.045   -4.603  5.691   1.000 13.104 0 19  ILE A CD1 1 ? 1 
ATOM   137 N N   . GLN A 1 20  ? -0.425  -1.522  9.218   1.000 12.570 0 20  GLN A N   1 ? 1 
ATOM   138 C CA  . GLN A 1 20  ? 0.366   -0.279  9.291   1.000 13.329 0 20  GLN A CA  1 ? 1 
ATOM   139 C C   . GLN A 1 20  ? 1.686   -0.500  8.563   1.000 12.432 0 20  GLN A C   1 ? 1 
ATOM   140 O O   . GLN A 1 20  ? 2.351   -1.528  8.826   1.000 13.254 0 20  GLN A O   1 ? 1 
ATOM   141 C CB  . GLN A 1 20  ? 0.660   0.135   10.723  1.000 14.680 0 20  GLN A CB  1 ? 1 
ATOM   142 C CG  . GLN A 1 20  ? 1.517   1.379   10.750  1.000 16.088 0 20  GLN A CG  1 ? 1 
ATOM   143 C CD  . GLN A 1 20  ? 1.820   1.803   12.160  1.000 19.905 0 20  GLN A CD  1 ? 1 
ATOM   144 O OE1 . GLN A 1 20  ? 1.991   0.961   13.039  1.000 24.216 0 20  GLN A OE1 1 ? 1 
ATOM   145 N NE2 . GLN A 1 20  ? 1.985   3.098   12.342  1.000 21.257 0 20  GLN A NE2 1 ? 1 
ATOM   146 N N   . ILE A 1 21  ? 1.878   0.248   7.477   1.000 11.802 0 21  ILE A N   1 ? 1 
ATOM   147 C CA  . ILE A 1 21  ? 3.096   0.137   6.640   1.000 11.941 0 21  ILE A CA  1 ? 1 
ATOM   148 C C   . ILE A 1 21  ? 3.959   1.386   6.800   1.000 12.571 0 21  ILE A C   1 ? 1 
ATOM   149 O O   . ILE A 1 21  ? 3.438   2.472   7.006   1.000 13.119 0 21  ILE A O   1 ? 1 
ATOM   150 C CB  . ILE A 1 21  ? 2.733   -0.137  5.171   1.000 11.278 0 21  ILE A CB  1 ? 1 
ATOM   151 C CG1 . ILE A 1 21  ? 1.738   0.875   4.608   1.000 11.176 0 21  ILE A CG1 1 ? 1 
ATOM   152 C CG2 . ILE A 1 21  ? 2.197   -1.545  5.049   1.000 11.557 0 21  ILE A CG2 1 ? 1 
ATOM   153 C CD1 . ILE A 1 21  ? 1.671   0.865   3.093   1.000 12.185 0 21  ILE A CD1 1 ? 1 
ATOM   154 N N   . SER A 1 22  ? 5.259   1.226   6.585   1.000 13.496 0 22  SER A N   1 ? 1 
ATOM   155 C CA  . SER A 1 22  ? 6.167   2.391   6.474   1.000 14.012 0 22  SER A CA  1 ? 1 
ATOM   156 C C   . SER A 1 22  ? 7.140   2.140   5.337   1.000 13.208 0 22  SER A C   1 ? 1 
ATOM   157 O O   . SER A 1 22  ? 7.509   0.993   5.114   1.000 13.648 0 22  SER A O   1 ? 1 
ATOM   158 C CB  . SER A 1 22  ? 6.885   2.663   7.767   1.000 16.870 0 22  SER A CB  1 ? 1 
ATOM   159 O OG  . SER A 1 22  ? 7.812   1.650   8.021   1.000 23.814 0 22  SER A OG  1 ? 1 
ATOM   160 N N   . TRP A 1 23  ? 7.592   3.209   4.711   1.000 13.180 0 23  TRP A N   1 ? 1 
ATOM   161 C CA  . TRP A 1 23  ? 8.488   3.106   3.546   1.000 13.438 0 23  TRP A CA  1 ? 1 
ATOM   162 C C   . TRP A 1 23  ? 9.502   4.237   3.598   1.000 14.443 0 23  TRP A C   1 ? 1 
ATOM   163 O O   . TRP A 1 23  ? 9.468   5.043   4.536   1.000 15.245 0 23  TRP A O   1 ? 1 
ATOM   164 C CB  . TRP A 1 23  ? 7.668   3.116   2.255   1.000 12.687 0 23  TRP A CB  1 ? 1 
ATOM   165 C CG  . TRP A 1 23  ? 6.850   4.350   2.063   1.000 12.910 0 23  TRP A CG  1 ? 1 
ATOM   166 C CD1 . TRP A 1 23  ? 7.218   5.478   1.386   1.000 12.749 0 23  TRP A CD1 1 ? 1 
ATOM   167 C CD2 . TRP A 1 23  ? 5.531   4.604   2.583   1.000 11.915 0 23  TRP A CD2 1 ? 1 
ATOM   168 N NE1 . TRP A 1 23  ? 6.251   6.440   1.503   1.000 12.573 0 23  TRP A NE1 1 ? 1 
ATOM   169 C CE2 . TRP A 1 23  ? 5.188   5.921   2.212   1.000 12.527 0 23  TRP A CE2 1 ? 1 
ATOM   170 C CE3 . TRP A 1 23  ? 4.616   3.854   3.331   1.000 11.713 0 23  TRP A CE3 1 ? 1 
ATOM   171 C CZ2 . TRP A 1 23  ? 3.947   6.476   2.508   1.000 12.879 0 23  TRP A CZ2 1 ? 1 
ATOM   172 C CZ3 . TRP A 1 23  ? 3.416   4.427   3.695   1.000 13.373 0 23  TRP A CZ3 1 ? 1 
ATOM   173 C CH2 . TRP A 1 23  ? 3.087   5.726   3.296   1.000 13.145 0 23  TRP A CH2 1 ? 1 
ATOM   174 N N   . ARG A 1 24  ? 10.467  4.201   2.694   1.000 16.000 0 24  ARG A N   1 ? 1 
ATOM   175 C CA  . ARG A 1 24  ? 11.514  5.252   2.642   1.000 17.566 0 24  ARG A CA  1 ? 1 
ATOM   176 C C   . ARG A 1 24  ? 11.184  6.207   1.508   1.000 15.368 0 24  ARG A C   1 ? 1 
ATOM   177 O O   . ARG A 1 24  ? 10.666  5.756   0.468   1.000 13.865 0 24  ARG A O   1 ? 1 
ATOM   178 C CB  . ARG A 1 24  ? 12.894  4.650   2.387   1.000 21.682 0 24  ARG A CB  1 ? 1 
ATOM   179 C CG  . ARG A 1 24  ? 13.433  3.751   3.490   1.000 29.341 0 24  ARG A CG  1 ? 1 
ATOM   180 C CD  . ARG A 1 24  ? 14.876  3.384   3.138   1.000 35.833 0 24  ARG A CD  1 ? 1 
ATOM   181 N NE  . ARG A 1 24  ? 15.334  2.183   3.834   1.000 44.147 0 24  ARG A NE  1 ? 1 
ATOM   182 C CZ  . ARG A 1 24  ? 16.423  1.484   3.518   1.000 49.371 0 24  ARG A CZ  1 ? 1 
ATOM   183 N NH1 . ARG A 1 24  ? 17.206  1.858   2.514   1.000 49.901 0 24  ARG A NH1 1 ? 1 
ATOM   184 N NH2 . ARG A 1 24  ? 16.733  0.414   4.230   1.000 52.581 0 24  ARG A NH2 1 ? 1 
ATOM   185 N N   . HIS A 1 25  ? 11.570  7.467   1.662   1.000 15.281 0 25  HIS A N   1 ? 1 
ATOM   186 C CA  . HIS A 1 25  ? 11.587  8.449   0.561   1.000 14.720 0 25  HIS A CA  1 ? 1 
ATOM   187 C C   . HIS A 1 25  ? 12.433  7.851   -0.557  1.000 13.858 0 25  HIS A C   1 ? 1 
ATOM   188 O O   . HIS A 1 25  ? 13.517  7.311   -0.324  1.000 14.180 0 25  HIS A O   1 ? 1 
ATOM   189 C CB  . HIS A 1 25  ? 12.155  9.787   1.051   1.000 15.927 0 25  HIS A CB  1 ? 1 
ATOM   190 C CG  . HIS A 1 25  ? 11.945  10.919  0.101   1.000 17.420 0 25  HIS A CG  1 ? 1 
ATOM   191 N ND1 . HIS A 1 25  ? 12.609  10.996  -1.115  1.000 17.769 0 25  HIS A ND1 1 ? 1 
ATOM   192 C CD2 . HIS A 1 25  ? 11.175  12.036  0.181   1.000 18.290 0 25  HIS A CD2 1 ? 1 
ATOM   193 C CE1 . HIS A 1 25  ? 12.258  12.093  -1.754  1.000 18.272 0 25  HIS A CE1 1 ? 1 
ATOM   194 N NE2 . HIS A 1 25  ? 11.389  12.776  -0.961  1.000 20.772 0 25  HIS A NE2 1 ? 1 
ATOM   195 N N   . PRO A 1 26  ? 11.998  8.004   -1.831  1.000 12.743 0 26  PRO A N   1 ? 1 
ATOM   196 C CA  . PRO A 1 26  ? 12.760  7.471   -2.956  1.000 12.444 0 26  PRO A CA  1 ? 1 
ATOM   197 C C   . PRO A 1 26  ? 13.938  8.383   -3.317  1.000 12.847 0 26  PRO A C   1 ? 1 
ATOM   198 O O   . PRO A 1 26  ? 14.180  9.390   -2.613  1.000 13.467 0 26  PRO A O   1 ? 1 
ATOM   199 C CB  . PRO A 1 26  ? 11.740  7.425   -4.100  1.000 12.676 0 26  PRO A CB  1 ? 1 
ATOM   200 C CG  . PRO A 1 26  ? 10.717  8.504   -3.739  1.000 12.262 0 26  PRO A CG  1 ? 1 
ATOM   201 C CD  . PRO A 1 26  ? 10.676  8.525   -2.218  1.000 12.029 0 26  PRO A CD  1 ? 1 
ATOM   202 N N   . HIS A 1 27  ? 14.625  8.069   -4.410  1.000 13.489 0 27  HIS A N   1 ? 1 
ATOM   203 C CA  . HIS A 1 27  ? 15.874  8.763   -4.811  1.000 14.945 0 27  HIS A CA  1 ? 1 
ATOM   204 C C   . HIS A 1 27  ? 15.594  9.943   -5.739  1.000 15.631 0 27  HIS A C   1 ? 1 
ATOM   205 O O   . HIS A 1 27  ? 16.553  10.462  -6.376  1.000 17.461 0 27  HIS A O   1 ? 1 
ATOM   206 C CB  . HIS A 1 27  ? 16.828  7.772   -5.465  1.000 15.354 0 27  HIS A CB  1 ? 1 
ATOM   207 C CG  . HIS A 1 27  ? 17.228  6.658   -4.569  1.000 16.485 0 27  HIS A CG  1 ? 1 
ATOM   208 N ND1 . HIS A 1 27  ? 17.731  6.870   -3.279  1.000 18.204 0 27  HIS A ND1 1 ? 1 
ATOM   209 C CD2 . HIS A 1 27  ? 17.028  5.326   -4.678  1.000 17.275 0 27  HIS A CD2 1 ? 1 
ATOM   210 C CE1 . HIS A 1 27  ? 17.917  5.703   -2.704  1.000 20.041 0 27  HIS A CE1 1 ? 1 
ATOM   211 N NE2 . HIS A 1 27  ? 17.560  4.726   -3.571  1.000 17.628 0 27  HIS A NE2 1 ? 1 
ATOM   212 N N   . PHE A 1 28  ? 14.353  10.394  -5.798  1.000 14.851 0 28  PHE A N   1 ? 1 
ATOM   213 C CA  . PHE A 1 28  ? 13.944  11.557  -6.611  1.000 14.560 0 28  PHE A CA  1 ? 1 
ATOM   214 C C   . PHE A 1 28  ? 13.015  12.427  -5.788  1.000 15.532 0 28  PHE A C   1 ? 1 
ATOM   215 O O   . PHE A 1 28  ? 12.323  11.962  -4.878  1.000 14.410 0 28  PHE A O   1 ? 1 
ATOM   216 C CB  . PHE A 1 28  ? 13.320  11.092  -7.927  1.000 14.017 0 28  PHE A CB  1 ? 1 
ATOM   217 C CG  . PHE A 1 28  ? 12.218  10.081  -7.751  1.000 12.711 0 28  PHE A CG  1 ? 1 
ATOM   218 C CD1 . PHE A 1 28  ? 10.927  10.497  -7.429  1.000 12.783 0 28  PHE A CD1 1 ? 1 
ATOM   219 C CD2 . PHE A 1 28  ? 12.479  8.725   -7.903  1.000 12.995 0 28  PHE A CD2 1 ? 1 
ATOM   220 C CE1 . PHE A 1 28  ? 9.939   9.541   -7.195  1.000 11.899 0 28  PHE A CE1 1 ? 1 
ATOM   221 C CE2 . PHE A 1 28  ? 11.484  7.779   -7.697  1.000 12.080 0 28  PHE A CE2 1 ? 1 
ATOM   222 C CZ  . PHE A 1 28  ? 10.212  8.207   -7.371  1.000 12.079 0 28  PHE A CZ  1 ? 1 
ATOM   223 N N   . PRO A 1 29  ? 12.992  13.739  -6.070  1.000 16.610 0 29  PRO A N   1 ? 1 
ATOM   224 C CA  . PRO A 1 29  ? 12.107  14.646  -5.353  1.000 17.754 0 29  PRO A CA  1 ? 1 
ATOM   225 C C   . PRO A 1 29  ? 10.654  14.194  -5.535  1.000 16.302 0 29  PRO A C   1 ? 1 
ATOM   226 O O   . PRO A 1 29  ? 10.238  13.881  -6.655  1.000 16.980 0 29  PRO A O   1 ? 1 
ATOM   227 C CB  . PRO A 1 29  ? 12.337  16.018  -6.000  1.000 19.365 0 29  PRO A CB  1 ? 1 
ATOM   228 C CG  . PRO A 1 29  ? 13.622  15.863  -6.775  1.000 20.808 0 29  PRO A CG  1 ? 1 
ATOM   229 C CD  . PRO A 1 29  ? 13.744  14.404  -7.146  1.000 19.140 0 29  PRO A CD  1 ? 1 
ATOM   230 N N   . THR A 1 30  ? 9.938   14.213  -4.413  1.000 16.156 0 30  THR A N   1 ? 1 
ATOM   231 C CA  . THR A 1 30  ? 8.566   13.696  -4.307  1.000 16.020 0 30  THR A CA  1 ? 1 
ATOM   232 C C   . THR A 1 30  ? 7.716   14.792  -3.679  1.000 15.891 0 30  THR A C   1 ? 1 
ATOM   233 O O   . THR A 1 30  ? 8.156   15.347  -2.644  1.000 18.738 0 30  THR A O   1 ? 1 
ATOM   234 C CB  . THR A 1 30  ? 8.578   12.415  -3.481  1.000 14.739 0 30  THR A CB  1 ? 1 
ATOM   235 O OG1 . THR A 1 30  ? 9.381   11.507  -4.240  1.000 14.471 0 30  THR A OG1 1 ? 1 
ATOM   236 C CG2 . THR A 1 30  ? 7.203   11.841  -3.219  1.000 14.584 0 30  THR A CG2 1 ? 1 
ATOM   237 N N   . ARG A 1 31  ? 6.505   14.980  -4.198  1.000 15.965 0 31  ARG A N   1 ? 1 
ATOM   238 C CA  . ARG A 1 31  ? 5.543   15.969  -3.650  1.000 17.567 0 31  ARG A CA  1 ? 1 
ATOM   239 C C   . ARG A 1 31  ? 4.744   15.369  -2.501  1.000 17.425 0 31  ARG A C   1 ? 1 
ATOM   240 O O   . ARG A 1 31  ? 4.614   16.013  -1.452  1.000 18.297 0 31  ARG A O   1 ? 1 
ATOM   241 C CB  . ARG A 1 31  ? 4.583   16.434  -4.746  1.000 19.874 0 31  ARG A CB  1 ? 1 
ATOM   242 C CG  . ARG A 1 31  ? 5.236   17.284  -5.824  1.000 22.847 0 31  ARG A CG  1 ? 1 
ATOM   243 C CD  . ARG A 1 31  ? 5.809   18.573  -5.272  1.000 28.109 0 31  ARG A CD  1 ? 1 
ATOM   244 N NE  . ARG A 1 31  ? 6.408   19.334  -6.351  1.000 33.166 0 31  ARG A NE  1 ? 1 
ATOM   245 C CZ  . ARG A 1 31  ? 7.188   20.396  -6.169  1.000 38.906 0 31  ARG A CZ  1 ? 1 
ATOM   246 N NH1 . ARG A 1 31  ? 7.451   20.821  -4.940  1.000 41.428 0 31  ARG A NH1 1 ? 1 
ATOM   247 N NH2 . ARG A 1 31  ? 7.692   21.031  -7.215  1.000 39.384 0 31  ARG A NH2 1 ? 1 
ATOM   248 N N   . TYR A 1 32  ? 4.236   14.151  -2.686  1.000 14.893 0 32  TYR A N   1 ? 1 
ATOM   249 C CA  . TYR A 1 32  ? 3.404   13.442  -1.690  1.000 14.541 0 32  TYR A CA  1 ? 1 
ATOM   250 C C   . TYR A 1 32  ? 3.282   11.984  -2.124  1.000 12.812 0 32  TYR A C   1 ? 1 
ATOM   251 O O   . TYR A 1 32  ? 3.821   11.644  -3.169  1.000 12.717 0 32  TYR A O   1 ? 1 
ATOM   252 C CB  . TYR A 1 32  ? 2.038   14.128  -1.521  1.000 15.355 0 32  TYR A CB  1 ? 1 
ATOM   253 C CG  . TYR A 1 32  ? 1.182   14.176  -2.757  1.000 15.339 0 32  TYR A CG  1 ? 1 
ATOM   254 C CD1 . TYR A 1 32  ? 0.256   13.179  -3.037  1.000 15.436 0 32  TYR A CD1 1 ? 1 
ATOM   255 C CD2 . TYR A 1 32  ? 1.174   15.295  -3.581  1.000 16.517 0 32  TYR A CD2 1 ? 1 
ATOM   256 C CE1 . TYR A 1 32  ? -0.522  13.207  -4.184  1.000 16.684 0 32  TYR A CE1 1 ? 1 
ATOM   257 C CE2 . TYR A 1 32  ? 0.411   15.328  -4.739  1.000 16.933 0 32  TYR A CE2 1 ? 1 
ATOM   258 C CZ  . TYR A 1 32  ? -0.476  14.304  -5.024  1.000 18.526 0 32  TYR A CZ  1 ? 1 
ATOM   259 O OH  . TYR A 1 32  ? -1.263  14.338  -6.145  1.000 19.073 0 32  TYR A OH  1 ? 1 
ATOM   260 N N   . TYR A 1 33  ? 2.573   11.167  -1.354  1.000 12.148 0 33  TYR A N   1 ? 1 
ATOM   261 C CA  . TYR A 1 33  ? 2.365   9.735   -1.697  1.000 11.968 0 33  TYR A CA  1 ? 1 
ATOM   262 C C   . TYR A 1 33  ? 0.889   9.448   -1.926  1.000 11.852 0 33  TYR A C   1 ? 1 
ATOM   263 O O   . TYR A 1 33  ? 0.012   10.100  -1.300  1.000 12.339 0 33  TYR A O   1 ? 1 
ATOM   264 C CB  . TYR A 1 33  ? 2.897   8.844   -0.587  1.000 11.662 0 33  TYR A CB  1 ? 1 
ATOM   265 C CG  . TYR A 1 33  ? 4.362   9.030   -0.318  1.000 11.634 0 33  TYR A CG  1 ? 1 
ATOM   266 C CD1 . TYR A 1 33  ? 5.319   8.511   -1.164  1.000 11.294 0 33  TYR A CD1 1 ? 1 
ATOM   267 C CD2 . TYR A 1 33  ? 4.796   9.724   0.784   1.000 12.068 0 33  TYR A CD2 1 ? 1 
ATOM   268 C CE1 . TYR A 1 33  ? 6.681   8.699   -0.940  1.000 12.090 0 33  TYR A CE1 1 ? 1 
ATOM   269 C CE2 . TYR A 1 33  ? 6.147   9.892   1.039   1.000 13.529 0 33  TYR A CE2 1 ? 1 
ATOM   270 C CZ  . TYR A 1 33  ? 7.101   9.424   0.158   1.000 13.717 0 33  TYR A CZ  1 ? 1 
ATOM   271 O OH  . TYR A 1 33  ? 8.452   9.617   0.364   1.000 14.954 0 33  TYR A OH  1 ? 1 
ATOM   272 N N   . ARG A 1 34  ? 0.651   8.582   -2.890  1.000 10.944 0 34  ARG A N   1 ? 1 
ATOM   273 C CA  . ARG A 1 34  ? -0.679  8.023   -3.190  1.000 11.900 0 34  ARG A CA  1 ? 1 
ATOM   274 C C   . ARG A 1 34  ? -0.612  6.552   -2.826  1.000 11.849 0 34  ARG A C   1 ? 1 
ATOM   275 O O   . ARG A 1 34  ? 0.292   5.864   -3.291  1.000 11.017 0 34  ARG A O   1 ? 1 
ATOM   276 C CB  . ARG A 1 34  ? -1.096  8.264   -4.638  1.000 12.379 0 34  ARG A CB  1 ? 1 
ATOM   277 C CG  . ARG A 1 34  ? -2.361  7.502   -5.018  1.000 15.375 0 34  ARG A CG  1 ? 1 
ATOM   278 C CD  . ARG A 1 34  ? -3.123  8.009   -6.234  1.000 17.911 0 34  ARG A CD  1 ? 1 
ATOM   279 N NE  . ARG A 1 34  ? -2.342  8.043   -7.459  1.000 19.621 0 34  ARG A NE  1 ? 1 
ATOM   280 C CZ  . ARG A 1 34  ? -2.082  7.002   -8.246  1.000 19.269 0 34  ARG A CZ  1 ? 1 
ATOM   281 N NH1 . ARG A 1 34  ? -2.637  5.826   -8.054  1.000 20.816 0 34  ARG A NH1 1 ? 1 
ATOM   282 N NH2 . ARG A 1 34  ? -1.377  7.193   -9.338  1.000 18.006 0 34  ARG A NH2 1 ? 1 
ATOM   283 N N   . ILE A 1 35  ? -1.559  6.088   -2.022  1.000 10.831 0 35  ILE A N   1 ? 1 
ATOM   284 C CA  . ILE A 1 35  ? -1.629  4.674   -1.598  1.000 11.484 0 35  ILE A CA  1 ? 1 
ATOM   285 C C   . ILE A 1 35  ? -2.887  4.103   -2.223  1.000 11.566 0 35  ILE A C   1 ? 1 
ATOM   286 O O   . ILE A 1 35  ? -3.951  4.747   -2.181  1.000 11.293 0 35  ILE A O   1 ? 1 
ATOM   287 C CB  . ILE A 1 35  ? -1.599  4.530   -0.064  1.000 13.451 0 35  ILE A CB  1 ? 1 
ATOM   288 C CG1 . ILE A 1 35  ? -0.235  4.983   0.474   1.000 18.330 0 35  ILE A CG1 1 ? 1 
ATOM   289 C CG2 . ILE A 1 35  ? -1.869  3.098   0.343   1.000 12.500 0 35  ILE A CG2 1 ? 1 
ATOM   290 C CD1 . ILE A 1 35  ? -0.105  6.425   0.598   1.000 22.515 0 35  ILE A CD1 1 ? 1 
ATOM   291 N N   . THR A 1 36  ? -2.737  2.977   -2.913  1.000 11.467 0 36  THR A N   1 ? 1 
ATOM   292 C CA  . THR A 1 36  ? -3.906  2.286   -3.483  1.000 12.152 0 36  THR A CA  1 ? 1 
ATOM   293 C C   . THR A 1 36  ? -4.015  0.924   -2.807  1.000 13.551 0 36  THR A C   1 ? 1 
ATOM   294 O O   . THR A 1 36  ? -2.975  0.284   -2.469  1.000 13.124 0 36  THR A O   1 ? 1 
ATOM   295 C CB  . THR A 1 36  ? -3.809  2.206   -5.005  1.000 13.763 0 36  THR A CB  1 ? 1 
ATOM   296 O OG1 . THR A 1 36  ? -2.847  1.191   -5.282  1.000 14.700 0 36  THR A OG1 1 ? 1 
ATOM   297 C CG2 . THR A 1 36  ? -3.483  3.544   -5.644  1.000 13.437 0 36  THR A CG2 1 ? 1 
ATOM   298 N N   . TYR A 1 37  ? -5.226  0.416   -2.718  1.000 11.545 0 37  TYR A N   1 ? 1 
ATOM   299 C CA  . TYR A 1 37  ? -5.412  -0.936  -2.203  1.000 11.852 0 37  TYR A CA  1 ? 1 
ATOM   300 C C   . TYR A 1 37  ? -6.691  -1.484  -2.802  1.000 11.814 0 37  TYR A C   1 ? 1 
ATOM   301 O O   . TYR A 1 37  ? -7.664  -0.747  -3.032  1.000 12.870 0 37  TYR A O   1 ? 1 
ATOM   302 C CB  . TYR A 1 37  ? -5.388  -0.979  -0.674  1.000 12.364 0 37  TYR A CB  1 ? 1 
ATOM   303 C CG  . TYR A 1 37  ? -6.557  -0.301  -0.016  1.000 13.241 0 37  TYR A CG  1 ? 1 
ATOM   304 C CD1 . TYR A 1 37  ? -6.590  1.072   0.128   1.000 13.324 0 37  TYR A CD1 1 ? 1 
ATOM   305 C CD2 . TYR A 1 37  ? -7.679  -1.005  0.388   1.000 13.048 0 37  TYR A CD2 1 ? 1 
ATOM   306 C CE1 . TYR A 1 37  ? -7.727  1.733   0.597   1.000 14.033 0 37  TYR A CE1 1 ? 1 
ATOM   307 C CE2 . TYR A 1 37  ? -8.804  -0.371  0.883   1.000 14.829 0 37  TYR A CE2 1 ? 1 
ATOM   308 C CZ  . TYR A 1 37  ? -8.834  1.003   0.984   1.000 14.007 0 37  TYR A CZ  1 ? 1 
ATOM   309 O OH  . TYR A 1 37  ? -9.910  1.664   1.481   1.000 16.085 0 37  TYR A OH  1 ? 1 
ATOM   310 N N   . GLY A 1 38  ? -6.652  -2.759  -3.108  1.000 12.298 0 38  GLY A N   1 ? 1 
ATOM   311 C CA  . GLY A 1 38  ? -7.824  -3.433  -3.686  1.000 14.987 0 38  GLY A CA  1 ? 1 
ATOM   312 C C   . GLY A 1 38  ? -7.761  -4.914  -3.424  1.000 15.283 0 38  GLY A C   1 ? 1 
ATOM   313 O O   . GLY A 1 38  ? -6.663  -5.440  -3.192  1.000 12.955 0 38  GLY A O   1 ? 1 
ATOM   314 N N   . GLU A 1 39  ? -8.921  -5.532  -3.275  1.000 16.839 0 39  GLU A N   1 ? 1 
ATOM   315 C CA  . GLU A 1 39  ? -8.981  -7.006  -3.171  1.000 17.909 0 39  GLU A CA  1 ? 1 
ATOM   316 C C   . GLU A 1 39  ? -8.223  -7.622  -4.351  1.000 20.829 0 39  GLU A C   1 ? 1 
ATOM   317 O O   . GLU A 1 39  ? -8.481  -7.199  -5.499  1.000 22.620 0 39  GLU A O   1 ? 1 
ATOM   318 C CB  . GLU A 1 39  ? -10.424 -7.506  -3.140  1.000 19.987 0 39  GLU A CB  1 ? 1 
ATOM   319 C CG  . GLU A 1 39  ? -11.207 -7.052  -1.943  1.000 21.149 0 39  GLU A CG  1 ? 1 
ATOM   320 C CD  . GLU A 1 39  ? -12.651 -7.561  -1.903  1.000 21.628 0 39  GLU A CD  1 ? 1 
ATOM   321 O OE1 . GLU A 1 39  ? -12.893 -8.677  -2.429  1.000 22.620 0 39  GLU A OE1 1 ? 1 
ATOM   322 O OE2 . GLU A 1 39  ? -13.503 -6.865  -1.302  1.000 23.356 0 39  GLU A OE2 1 ? 1 
ATOM   323 N N   . THR A 1 40  ? -7.277  -8.515  -4.062  1.000 23.734 0 40  THR A N   1 ? 1 
ATOM   324 C CA  . THR A 1 40  ? -6.306  -9.121  -5.024  1.000 26.581 0 40  THR A CA  1 ? 1 
ATOM   325 C C   . THR A 1 40  ? -7.094  -9.901  -6.076  1.000 30.956 0 40  THR A C   1 ? 1 
ATOM   326 O O   . THR A 1 40  ? -6.708  -9.831  -7.279  1.000 35.451 0 40  THR A O   1 ? 1 
ATOM   327 C CB  . THR A 1 40  ? -5.257  -9.974  -4.295  1.000 25.663 0 40  THR A CB  1 ? 1 
ATOM   328 O OG1 . THR A 1 40  ? -4.457  -9.062  -3.538  1.000 21.606 0 40  THR A OG1 1 ? 1 
ATOM   329 C CG2 . THR A 1 40  ? -4.352  -10.770 -5.216  1.000 27.952 0 40  THR A CG2 1 ? 1 
ATOM   330 N N   . GLY A 1 41  ? -8.200  -10.524 -5.663  1.000 34.576 0 41  GLY A N   1 ? 1 
ATOM   331 C CA  . GLY A 1 41  ? -9.051  -11.365 -6.530  1.000 41.191 0 41  GLY A CA  1 ? 1 
ATOM   332 C C   . GLY A 1 41  ? -10.079 -10.558 -7.313  1.000 44.432 0 41  GLY A C   1 ? 1 
ATOM   333 O O   . GLY A 1 41  ? -10.654 -11.124 -8.255  1.000 45.285 0 41  GLY A O   1 ? 1 
ATOM   334 N N   . GLY A 1 42  ? -10.389 -9.329  -6.886  1.000 47.016 0 42  GLY A N   1 ? 1 
ATOM   335 C CA  . GLY A 1 42  ? -10.901 -8.265  -7.776  1.000 50.962 0 42  GLY A CA  1 ? 1 
ATOM   336 C C   . GLY A 1 42  ? -12.418 -8.166  -7.749  1.000 57.790 0 42  GLY A C   1 ? 1 
ATOM   337 O O   . GLY A 1 42  ? -12.976 -7.561  -8.704  1.000 52.837 0 42  GLY A O   1 ? 1 
ATOM   338 N N   . ASN A 1 43  ? -13.043 -8.669  -6.671  1.000 54.137 0 43  ASN A N   1 ? 1 
ATOM   339 C CA  . ASN A 1 43  ? -14.516 -8.674  -6.439  1.000 57.936 0 43  ASN A CA  1 ? 1 
ATOM   340 C C   . ASN A 1 43  ? -14.999 -7.246  -6.136  1.000 61.841 0 43  ASN A C   1 ? 1 
ATOM   341 O O   . ASN A 1 43  ? -16.196 -6.959  -6.382  1.000 61.758 0 43  ASN A O   1 ? 1 
ATOM   342 C CB  . ASN A 1 43  ? -14.912 -9.609  -5.285  1.000 58.970 0 43  ASN A CB  1 ? 1 
ATOM   343 C CG  . ASN A 1 43  ? -16.020 -10.580 -5.645  1.000 57.698 0 43  ASN A CG  1 ? 1 
ATOM   344 O OD1 . ASN A 1 43  ? -16.450 -10.643 -6.790  1.000 64.357 0 43  ASN A OD1 1 ? 1 
ATOM   345 N ND2 . ASN A 1 43  ? -16.467 -11.372 -4.691  1.000 61.496 0 43  ASN A ND2 1 ? 1 
ATOM   346 N N   . SER A 1 44  ? -14.108 -6.419  -5.570  1.000 55.284 0 44  SER A N   1 ? 1 
ATOM   347 C CA  . SER A 1 44  ? -14.332 -5.006  -5.154  1.000 52.366 0 44  SER A CA  1 ? 1 
ATOM   348 C C   . SER A 1 44  ? -13.321 -4.126  -5.891  1.000 45.893 0 44  SER A C   1 ? 1 
ATOM   349 O O   . SER A 1 44  ? -12.250 -4.620  -6.240  1.000 50.900 0 44  SER A O   1 ? 1 
ATOM   350 C CB  . SER A 1 44  ? -14.198 -4.879  -3.648  1.000 52.403 0 44  SER A CB  1 ? 1 
ATOM   351 O OG  . SER A 1 44  ? -14.356 -3.536  -3.222  1.000 54.839 0 44  SER A OG  1 ? 1 
ATOM   352 N N   . PRO A 1 45  ? -13.652 -2.854  -6.243  1.000 40.480 0 45  PRO A N   1 ? 1 
ATOM   353 C CA  . PRO A 1 45  ? -12.702 -1.958  -6.910  1.000 34.270 0 45  PRO A CA  1 ? 1 
ATOM   354 C C   . PRO A 1 45  ? -11.551 -1.421  -6.040  1.000 28.873 0 45  PRO A C   1 ? 1 
ATOM   355 O O   . PRO A 1 45  ? -11.630 -1.444  -4.798  1.000 23.215 0 45  PRO A O   1 ? 1 
ATOM   356 C CB  . PRO A 1 45  ? -13.543 -0.755  -7.367  1.000 37.151 0 45  PRO A CB  1 ? 1 
ATOM   357 C CG  . PRO A 1 45  ? -14.769 -0.779  -6.463  1.000 41.554 0 45  PRO A CG  1 ? 1 
ATOM   358 C CD  . PRO A 1 45  ? -14.986 -2.236  -6.104  1.000 40.893 0 45  PRO A CD  1 ? 1 
ATOM   359 N N   . VAL A 1 46  ? -10.537 -0.879  -6.710  1.000 22.565 0 46  VAL A N   1 ? 1 
ATOM   360 C CA  . VAL A 1 46  ? -9.307  -0.332  -6.044  1.000 22.463 0 46  VAL A CA  1 ? 1 
ATOM   361 C C   . VAL A 1 46  ? -9.701  0.987   -5.394  1.000 21.901 0 46  VAL A C   1 ? 1 
ATOM   362 O O   . VAL A 1 46  ? -10.548 1.715   -5.980  1.000 23.326 0 46  VAL A O   1 ? 1 
ATOM   363 C CB  . VAL A 1 46  ? -8.158  -0.137  -7.034  1.000 25.435 0 46  VAL A CB  1 ? 1 
ATOM   364 C CG1 . VAL A 1 46  ? -7.079  0.769   -6.473  1.000 26.186 0 46  VAL A CG1 1 ? 1 
ATOM   365 C CG2 . VAL A 1 46  ? -7.528  -1.460  -7.443  1.000 26.220 0 46  VAL A CG2 1 ? 1 
ATOM   366 N N   . GLN A 1 47  ? -9.232  1.234   -4.182  1.000 17.661 0 47  GLN A N   1 ? 1 
ATOM   367 C CA  . GLN A 1 47  ? -9.480  2.517   -3.504  1.000 17.573 0 47  GLN A CA  1 ? 1 
ATOM   368 C C   . GLN A 1 47  ? -8.145  3.245   -3.383  1.000 14.160 0 47  GLN A C   1 ? 1 
ATOM   369 O O   . GLN A 1 47  ? -7.113  2.608   -3.366  1.000 13.422 0 47  GLN A O   1 ? 1 
ATOM   370 C CB  . GLN A 1 47  ? -10.153 2.309   -2.154  1.000 21.033 0 47  GLN A CB  1 ? 1 
ATOM   371 C CG  . GLN A 1 47  ? -11.657 2.056   -2.310  1.000 27.093 0 47  GLN A CG  1 ? 1 
ATOM   372 C CD  . GLN A 1 47  ? -12.389 2.179   -0.996  1.000 30.249 0 47  GLN A CD  1 ? 1 
ATOM   373 O OE1 . GLN A 1 47  ? -12.124 3.072   -0.189  1.000 32.509 0 47  GLN A OE1 1 ? 1 
ATOM   374 N NE2 . GLN A 1 47  ? -13.316 1.265   -0.774  1.000 35.310 0 47  GLN A NE2 1 ? 1 
ATOM   375 N N   . GLU A 1 48  ? -8.196  4.552   -3.451  1.000 14.744 0 48  GLU A N   1 ? 1 
ATOM   376 C CA  . GLU A 1 48  ? -6.967  5.371   -3.440  0.500 12.554 0 48  GLU A CA  1 ? 1 
ATOM   377 C C   . GLU A 1 48  ? -7.103  6.420   -2.356  1.000 12.422 0 48  GLU A C   1 ? 1 
ATOM   378 O O   . GLU A 1 48  ? -8.227  6.960   -2.172  1.000 13.765 0 48  GLU A O   1 ? 1 
ATOM   379 C CB  . GLU A 1 48  ? -6.760  6.038   -4.794  1.000 14.894 0 48  GLU A CB  1 ? 1 
ATOM   380 C CG  . GLU A 1 48  ? -6.801  5.077   -5.972  1.000 16.613 0 48  GLU A CG  1 ? 1 
ATOM   381 C CD  . GLU A 1 48  ? -6.269  5.766   -7.215  1.000 17.419 0 48  GLU A CD  1 ? 1 
ATOM   382 O OE1 . GLU A 1 48  ? -6.683  6.914   -7.465  1.000 17.627 0 48  GLU A OE1 1 ? 1 
ATOM   383 O OE2 . GLU A 1 48  ? -5.531  5.120   -7.979  1.000 20.630 0 48  GLU A OE2 1 ? 1 
ATOM   384 N N   . PHE A 1 49  ? -5.995  6.799   -1.735  1.000 11.148 0 49  PHE A N   1 ? 1 
ATOM   385 C CA  . PHE A 1 49  ? -5.946  8.014   -0.891  1.000 11.588 0 49  PHE A CA  1 ? 1 
ATOM   386 C C   . PHE A 1 49  ? -4.540  8.600   -0.954  1.000 11.905 0 49  PHE A C   1 ? 1 
ATOM   387 O O   . PHE A 1 49  ? -3.599  7.918   -1.367  1.000 11.273 0 49  PHE A O   1 ? 1 
ATOM   388 C CB  . PHE A 1 49  ? -6.394  7.697   0.537   1.000 11.920 0 49  PHE A CB  1 ? 1 
ATOM   389 C CG  . PHE A 1 49  ? -5.546  6.703   1.282   1.000 11.407 0 49  PHE A CG  1 ? 1 
ATOM   390 C CD1 . PHE A 1 49  ? -5.772  5.346   1.150   1.000 11.200 0 49  PHE A CD1 1 ? 1 
ATOM   391 C CD2 . PHE A 1 49  ? -4.591  7.123   2.186   1.000 12.195 0 49  PHE A CD2 1 ? 1 
ATOM   392 C CE1 . PHE A 1 49  ? -5.007  4.415   1.835   1.000 11.201 0 49  PHE A CE1 1 ? 1 
ATOM   393 C CE2 . PHE A 1 49  ? -3.854  6.199   2.907   1.000 12.019 0 49  PHE A CE2 1 ? 1 
ATOM   394 C CZ  . PHE A 1 49  ? -4.063  4.848   2.731   1.000 10.923 0 49  PHE A CZ  1 ? 1 
ATOM   395 N N   . THR A 1 50  ? -4.399  9.852   -0.523  1.000 13.907 0 50  THR A N   1 ? 1 
ATOM   396 C CA  . THR A 1 50  ? -3.084  10.530  -0.539  0.500 13.826 0 50  THR A CA  1 ? 1 
ATOM   397 C C   . THR A 1 50  ? -2.684  10.875  0.887   1.000 15.526 0 50  THR A C   1 ? 1 
ATOM   398 O O   . THR A 1 50  ? -3.579  11.071  1.782   1.000 16.378 0 50  THR A O   1 ? 1 
ATOM   399 C CB  . THR A 1 50  ? -3.057  11.742  -1.471  1.000 16.017 0 50  THR A CB  1 ? 1 
ATOM   400 O OG1 . THR A 1 50  ? -3.974  12.736  -0.994  1.000 17.923 0 50  THR A OG1 1 ? 1 
ATOM   401 C CG2 . THR A 1 50  ? -3.402  11.361  -2.890  1.000 17.487 0 50  THR A CG2 1 ? 1 
ATOM   402 N N   . VAL A 1 51  ? -1.380  10.899  1.127   1.000 15.730 0 51  VAL A N   1 ? 1 
ATOM   403 C CA  . VAL A 1 51  ? -0.826  11.263  2.457   1.000 15.826 0 51  VAL A CA  1 ? 1 
ATOM   404 C C   . VAL A 1 51  ? 0.283   12.254  2.202   1.000 17.388 0 51  VAL A C   1 ? 1 
ATOM   405 O O   . VAL A 1 51  ? 0.890   12.281  1.129   1.000 15.691 0 51  VAL A O   1 ? 1 
ATOM   406 C CB  . VAL A 1 51  ? -0.345  10.042  3.274   1.000 16.541 0 51  VAL A CB  1 ? 1 
ATOM   407 C CG1 . VAL A 1 51  ? -1.473  9.053   3.544   1.000 17.261 0 51  VAL A CG1 1 ? 1 
ATOM   408 C CG2 . VAL A 1 51  ? 0.841   9.343   2.605   1.000 16.404 0 51  VAL A CG2 1 ? 1 
ATOM   409 N N   . PRO A 1 52  ? 0.573   13.106  3.202   1.000 18.211 0 52  PRO A N   1 ? 1 
ATOM   410 C CA  . PRO A 1 52  ? 1.720   13.992  3.075   1.000 19.121 0 52  PRO A CA  1 ? 1 
ATOM   411 C C   . PRO A 1 52  ? 3.074   13.256  3.010   1.000 17.759 0 52  PRO A C   1 ? 1 
ATOM   412 O O   . PRO A 1 52  ? 3.215   12.073  3.342   1.000 15.025 0 52  PRO A O   1 ? 1 
ATOM   413 C CB  . PRO A 1 52  ? 1.559   14.940  4.291   1.000 22.146 0 52  PRO A CB  1 ? 1 
ATOM   414 C CG  . PRO A 1 52  ? 0.685   14.204  5.262   1.000 21.478 0 52  PRO A CG  1 ? 1 
ATOM   415 C CD  . PRO A 1 52  ? -0.160  13.231  4.467   1.000 19.628 0 52  PRO A CD  1 ? 1 
ATOM   416 N N   . LEU A 1 53  ? 4.085   13.983  2.557   1.000 17.597 0 53  LEU A N   1 ? 1 
ATOM   417 C CA  . LEU A 1 53  ? 5.449   13.437  2.425   1.000 18.035 0 53  LEU A CA  1 ? 1 
ATOM   418 C C   . LEU A 1 53  ? 5.957   12.884  3.762   1.000 18.274 0 53  LEU A C   1 ? 1 
ATOM   419 O O   . LEU A 1 53  ? 6.683   11.878  3.737   1.000 17.464 0 53  LEU A O   1 ? 1 
ATOM   420 C CB  . LEU A 1 53  ? 6.350   14.543  1.885   1.000 20.603 0 53  LEU A CB  1 ? 1 
ATOM   421 C CG  . LEU A 1 53  ? 7.703   14.097  1.375   1.000 23.297 0 53  LEU A CG  1 ? 1 
ATOM   422 C CD1 . LEU A 1 53  ? 7.557   13.237  0.129   1.000 22.326 0 53  LEU A CD1 1 ? 1 
ATOM   423 C CD2 . LEU A 1 53  ? 8.561   15.329  1.105   1.000 25.118 0 53  LEU A CD2 1 ? 1 
ATOM   424 N N   . GLN A 1 54  ? 5.607   13.527  4.883   1.000 19.180 0 54  GLN A N   1 ? 1 
ATOM   425 C CA  . GLN A 1 54  ? 6.083   13.159  6.232   1.000 22.431 0 54  GLN A CA  1 ? 1 
ATOM   426 C C   . GLN A 1 54  ? 4.885   12.885  7.126   1.000 20.652 0 54  GLN A C   1 ? 1 
ATOM   427 O O   . GLN A 1 54  ? 3.921   13.652  7.119   1.000 23.751 0 54  GLN A O   1 ? 1 
ATOM   428 C CB  . GLN A 1 54  ? 6.922   14.308  6.797   1.000 27.923 0 54  GLN A CB  1 ? 1 
ATOM   429 C CG  . GLN A 1 54  ? 8.255   13.836  7.329   1.000 33.876 0 54  GLN A CG  1 ? 1 
ATOM   430 C CD  . GLN A 1 54  ? 9.133   13.354  6.213   1.000 34.924 0 54  GLN A CD  1 ? 1 
ATOM   431 O OE1 . GLN A 1 54  ? 9.384   14.079  5.255   1.000 41.360 0 54  GLN A OE1 1 ? 1 
ATOM   432 N NE2 . GLN A 1 54  ? 9.708   12.178  6.393   1.000 41.239 0 54  GLN A NE2 1 ? 1 
ATOM   433 N N   . PRO A 1 55  ? 4.860   11.775  7.890   1.000 18.434 0 55  PRO A N   1 ? 1 
ATOM   434 C CA  . PRO A 1 55  ? 5.843   10.711  7.792   1.000 17.717 0 55  PRO A CA  1 ? 1 
ATOM   435 C C   . PRO A 1 55  ? 5.457   9.702   6.710   1.000 16.420 0 55  PRO A C   1 ? 1 
ATOM   436 O O   . PRO A 1 55  ? 4.273   9.563   6.383   1.000 15.521 0 55  PRO A O   1 ? 1 
ATOM   437 C CB  . PRO A 1 55  ? 5.749   10.031  9.165   1.000 18.226 0 55  PRO A CB  1 ? 1 
ATOM   438 C CG  . PRO A 1 55  ? 4.298   10.169  9.534   1.000 19.024 0 55  PRO A CG  1 ? 1 
ATOM   439 C CD  . PRO A 1 55  ? 3.820   11.456  8.884   1.000 19.710 0 55  PRO A CD  1 ? 1 
ATOM   440 N N   . PRO A 1 56  ? 6.423   8.925   6.176   1.000 14.778 0 56  PRO A N   1 ? 1 
ATOM   441 C CA  . PRO A 1 56  ? 6.114   7.867   5.206   1.000 14.586 0 56  PRO A CA  1 ? 1 
ATOM   442 C C   . PRO A 1 56  ? 5.627   6.566   5.853   1.000 14.152 0 56  PRO A C   1 ? 1 
ATOM   443 O O   . PRO A 1 56  ? 6.302   5.563   5.882   1.000 13.375 0 56  PRO A O   1 ? 1 
ATOM   444 C CB  . PRO A 1 56  ? 7.442   7.767   4.455   1.000 14.304 0 56  PRO A CB  1 ? 1 
ATOM   445 C CG  . PRO A 1 56  ? 8.445   7.970   5.534   1.000 14.731 0 56  PRO A CG  1 ? 1 
ATOM   446 C CD  . PRO A 1 56  ? 7.870   9.113   6.332   1.000 15.227 0 56  PRO A CD  1 ? 1 
ATOM   447 N N   . THR A 1 57  ? 4.448   6.655   6.487   1.000 15.235 0 57  THR A N   1 ? 1 
ATOM   448 C CA  . THR A 1 57  ? 3.814   5.563   7.251   1.000 17.037 0 57  THR A CA  1 ? 1 
ATOM   449 C C   . THR A 1 57  ? 2.309   5.748   7.076   1.000 17.860 0 57  THR A C   1 ? 1 
ATOM   450 O O   . THR A 1 57  ? 1.846   6.896   6.910   1.000 20.952 0 57  THR A O   1 ? 1 
ATOM   451 C CB  . THR A 1 57  ? 4.197   5.567   8.742   1.000 19.388 0 57  THR A CB  1 ? 1 
ATOM   452 O OG1 . THR A 1 57  ? 5.607   5.394   8.903   1.000 20.501 0 57  THR A OG1 1 ? 1 
ATOM   453 C CG2 . THR A 1 57  ? 3.518   4.451   9.501   1.000 21.387 0 57  THR A CG2 1 ? 1 
ATOM   454 N N   . ALA A 1 58  ? 1.570   4.672   6.881   1.000 15.794 0 58  ALA A N   1 ? 1 
ATOM   455 C CA  . ALA A 1 58  ? 0.113   4.768   6.755   1.000 15.659 0 58  ALA A CA  1 ? 1 
ATOM   456 C C   . ALA A 1 58  ? -0.490  3.558   7.445   1.000 14.833 0 58  ALA A C   1 ? 1 
ATOM   457 O O   . ALA A 1 58  ? 0.095   2.489   7.388   1.000 13.460 0 58  ALA A O   1 ? 1 
ATOM   458 C CB  . ALA A 1 58  ? -0.321  4.890   5.343   1.000 15.231 0 58  ALA A CB  1 ? 1 
ATOM   459 N N   . THR A 1 59  ? -1.718  3.697   7.944   1.000 14.463 0 59  THR A N   1 ? 1 
ATOM   460 C CA  . THR A 1 59  ? -2.467  2.545   8.478   1.000 13.459 0 59  THR A CA  1 ? 1 
ATOM   461 C C   . THR A 1 59  ? -3.785  2.459   7.714   1.000 12.099 0 59  THR A C   1 ? 1 
ATOM   462 O O   . THR A 1 59  ? -4.432  3.486   7.537   1.000 13.233 0 59  THR A O   1 ? 1 
ATOM   463 C CB  . THR A 1 59  ? -2.766  2.648   9.984   1.000 15.801 0 59  THR A CB  1 ? 1 
ATOM   464 O OG1 . THR A 1 59  ? -1.541  2.808   10.717  1.000 18.063 0 59  THR A OG1 1 ? 1 
ATOM   465 C CG2 . THR A 1 59  ? -3.465  1.405   10.487  1.000 16.402 0 59  THR A CG2 1 ? 1 
ATOM   466 N N   . ILE A 1 60  ? -4.089  1.291   7.181   1.000 11.503 0 60  ILE A N   1 ? 1 
ATOM   467 C CA  . ILE A 1 60  ? -5.410  1.005   6.571   1.000 11.351 0 60  ILE A CA  1 ? 1 
ATOM   468 C C   . ILE A 1 60  ? -6.162  0.030   7.481   1.000 11.671 0 60  ILE A C   1 ? 1 
ATOM   469 O O   . ILE A 1 60  ? -5.571  -0.984  7.899   1.000 12.683 0 60  ILE A O   1 ? 1 
ATOM   470 C CB  . ILE A 1 60  ? -5.224  0.418   5.161   1.000 11.021 0 60  ILE A CB  1 ? 1 
ATOM   471 C CG1 . ILE A 1 60  ? -4.483  1.384   4.240   1.000 12.060 0 60  ILE A CG1 1 ? 1 
ATOM   472 C CG2 . ILE A 1 60  ? -6.569  0.012   4.576   1.000 11.160 0 60  ILE A CG2 1 ? 1 
ATOM   473 C CD1 . ILE A 1 60  ? -3.966  0.715   2.986   1.000 12.862 0 60  ILE A CD1 1 ? 1 
ATOM   474 N N   . SER A 1 61  ? -7.388  0.370   7.829   1.000 12.517 0 61  SER A N   1 ? 1 
ATOM   475 C CA  . SER A 1 61  ? -8.241  -0.544  8.619   1.000 12.749 0 61  SER A CA  1 ? 1 
ATOM   476 C C   . SER A 1 61  ? -9.585  -0.717  7.914   1.000 12.230 0 61  SER A C   1 ? 1 
ATOM   477 O O   . SER A 1 61  ? -9.763  -0.163  6.838   1.000 12.512 0 61  SER A O   1 ? 1 
ATOM   478 C CB  . SER A 1 61  ? -8.357  -0.051  10.040  1.000 14.458 0 61  SER A CB  1 ? 1 
ATOM   479 O OG  . SER A 1 61  ? -8.963  1.218   10.054  1.000 17.209 0 61  SER A OG  1 ? 1 
ATOM   480 N N   . GLY A 1 62  ? -10.450 -1.573  8.439   1.000 11.425 0 62  GLY A N   1 ? 1 
ATOM   481 C CA  . GLY A 1 62  ? -11.714 -1.921  7.763   1.000 12.436 0 62  GLY A CA  1 ? 1 
ATOM   482 C C   . GLY A 1 62  ? -11.537 -2.906  6.622   1.000 12.833 0 62  GLY A C   1 ? 1 
ATOM   483 O O   . GLY A 1 62  ? -12.467 -3.037  5.812   1.000 13.193 0 62  GLY A O   1 ? 1 
ATOM   484 N N   . LEU A 1 63  ? -10.394 -3.577  6.550   1.000 11.733 0 63  LEU A N   1 ? 1 
ATOM   485 C CA  . LEU A 1 63  ? -10.161 -4.630  5.539   1.000 12.504 0 63  LEU A CA  1 ? 1 
ATOM   486 C C   . LEU A 1 63  ? -11.059 -5.814  5.908   1.000 12.861 0 63  LEU A C   1 ? 1 
ATOM   487 O O   . LEU A 1 63  ? -11.326 -6.037  7.115   1.000 13.865 0 63  LEU A O   1 ? 1 
ATOM   488 C CB  . LEU A 1 63  ? -8.696  -5.044  5.503   1.000 12.280 0 63  LEU A CB  1 ? 1 
ATOM   489 C CG  . LEU A 1 63  ? -7.695  -3.941  5.123   1.000 12.989 0 63  LEU A CG  1 ? 1 
ATOM   490 C CD1 . LEU A 1 63  ? -6.301  -4.511  5.140   1.000 13.931 0 63  LEU A CD1 1 ? 1 
ATOM   491 C CD2 . LEU A 1 63  ? -8.023  -3.364  3.763   1.000 13.860 0 63  LEU A CD2 1 ? 1 
ATOM   492 N N   . LYS A 1 64  ? -11.470 -6.580  4.904   1.000 13.097 0 64  LYS A N   1 ? 1 
ATOM   493 C CA  . LYS A 1 64  ? -12.297 -7.777  5.164   1.000 14.679 0 64  LYS A CA  1 ? 1 
ATOM   494 C C   . LYS A 1 64  ? -11.406 -8.889  5.697   1.000 13.924 0 64  LYS A C   1 ? 1 
ATOM   495 O O   . LYS A 1 64  ? -10.330 -9.146  5.160   1.000 14.344 0 64  LYS A O   1 ? 1 
ATOM   496 C CB  . LYS A 1 64  ? -12.996 -8.254  3.902   1.000 16.921 0 64  LYS A CB  1 ? 1 
ATOM   497 C CG  . LYS A 1 64  ? -14.010 -7.302  3.310   1.000 19.776 0 64  LYS A CG  1 ? 1 
ATOM   498 C CD  . LYS A 1 64  ? -14.649 -7.907  2.064   1.000 22.897 0 64  LYS A CD  1 ? 1 
ATOM   499 C CE  . LYS A 1 64  ? -15.677 -6.994  1.423   1.000 28.433 0 64  LYS A CE  1 ? 1 
ATOM   500 N NZ  . LYS A 1 64  ? -15.880 -7.399  0.010   1.000 29.610 0 64  LYS A NZ  1 ? 1 
ATOM   501 N N   . PRO A 1 65  ? -11.804 -9.558  6.785   1.000 14.197 0 65  PRO A N   1 ? 1 
ATOM   502 C CA  . PRO A 1 65  ? -11.009 -10.638 7.341   1.000 15.105 0 65  PRO A CA  1 ? 1 
ATOM   503 C C   . PRO A 1 65  ? -10.951 -11.803 6.353   1.000 14.827 0 65  PRO A C   1 ? 1 
ATOM   504 O O   . PRO A 1 65  ? -11.957 -12.138 5.714   1.000 15.965 0 65  PRO A O   1 ? 1 
ATOM   505 C CB  . PRO A 1 65  ? -11.700 -11.079 8.638   1.000 16.561 0 65  PRO A CB  1 ? 1 
ATOM   506 C CG  . PRO A 1 65  ? -13.000 -10.332 8.649   1.000 15.677 0 65  PRO A CG  1 ? 1 
ATOM   507 C CD  . PRO A 1 65  ? -13.029 -9.304  7.544   1.000 14.797 0 65  PRO A CD  1 ? 1 
ATOM   508 N N   . GLY A 1 66  ? -9.741  -12.318 6.183   1.000 14.298 0 66  GLY A N   1 ? 1 
ATOM   509 C CA  . GLY A 1 66  ? -9.439  -13.493 5.358   1.000 14.714 0 66  GLY A CA  1 ? 1 
ATOM   510 C C   . GLY A 1 66  ? -9.446  -13.167 3.879   1.000 15.319 0 66  GLY A C   1 ? 1 
ATOM   511 O O   . GLY A 1 66  ? -9.380  -14.091 3.068   1.000 17.009 0 66  GLY A O   1 ? 1 
ATOM   512 N N   . VAL A 1 67  ? -9.513  -11.898 3.505   1.000 13.394 0 67  VAL A N   1 ? 1 
ATOM   513 C CA  . VAL A 1 67  ? -9.568  -11.482 2.080   1.000 13.105 0 67  VAL A CA  1 ? 1 
ATOM   514 C C   . VAL A 1 67  ? -8.211  -10.893 1.695   1.000 13.188 0 67  VAL A C   1 ? 1 
ATOM   515 O O   . VAL A 1 67  ? -7.670  -10.088 2.458   1.000 12.393 0 67  VAL A O   1 ? 1 
ATOM   516 C CB  . VAL A 1 67  ? -10.705 -10.476 1.834   1.000 13.870 0 67  VAL A CB  1 ? 1 
ATOM   517 C CG1 . VAL A 1 67  ? -10.611 -9.837  0.450   1.000 15.047 0 67  VAL A CG1 1 ? 1 
ATOM   518 C CG2 . VAL A 1 67  ? -12.038 -11.158 2.028   1.000 14.183 0 67  VAL A CG2 1 ? 1 
ATOM   519 N N   . ASP A 1 68  ? -7.667  -11.341 0.571   1.000 12.600 0 68  ASP A N   1 ? 1 
ATOM   520 C CA  . ASP A 1 68  ? -6.346  -10.856 0.079   1.000 12.471 0 68  ASP A CA  1 ? 1 
ATOM   521 C C   . ASP A 1 68  ? -6.491  -9.446  -0.481  1.000 13.686 0 68  ASP A C   1 ? 1 
ATOM   522 O O   . ASP A 1 68  ? -7.439  -9.167  -1.256  1.000 13.287 0 68  ASP A O   1 ? 1 
ATOM   523 C CB  . ASP A 1 68  ? -5.758  -11.821 -0.948  1.000 13.693 0 68  ASP A CB  1 ? 1 
ATOM   524 C CG  . ASP A 1 68  ? -5.449  -13.200 -0.410  1.000 14.747 0 68  ASP A CG  1 ? 1 
ATOM   525 O OD1 . ASP A 1 68  ? -5.567  -13.409 0.807   1.000 14.353 0 68  ASP A OD1 1 ? 1 
ATOM   526 O OD2 . ASP A 1 68  ? -4.919  -13.994 -1.201  1.000 18.226 0 68  ASP A OD2 1 ? 1 
ATOM   527 N N   . TYR A 1 69  ? -5.481  -8.612  -0.234  1.000 12.149 0 69  TYR A N   1 ? 1 
ATOM   528 C CA  . TYR A 1 69  ? -5.414  -7.257  -0.824  1.000 10.821 0 69  TYR A CA  1 ? 1 
ATOM   529 C C   . TYR A 1 69  ? -4.003  -7.027  -1.358  1.000 11.924 0 69  TYR A C   1 ? 1 
ATOM   530 O O   . TYR A 1 69  ? -3.044  -7.553  -0.796  1.000 12.612 0 69  TYR A O   1 ? 1 
ATOM   531 C CB  . TYR A 1 69  ? -5.721  -6.166  0.196   1.000 10.993 0 69  TYR A CB  1 ? 1 
ATOM   532 C CG  . TYR A 1 69  ? -7.149  -6.151  0.663   1.000 11.151 0 69  TYR A CG  1 ? 1 
ATOM   533 C CD1 . TYR A 1 69  ? -7.560  -6.989  1.684   1.000 10.941 0 69  TYR A CD1 1 ? 1 
ATOM   534 C CD2 . TYR A 1 69  ? -8.068  -5.286  0.130   1.000 11.047 0 69  TYR A CD2 1 ? 1 
ATOM   535 C CE1 . TYR A 1 69  ? -8.864  -6.975  2.142   1.000 11.286 0 69  TYR A CE1 1 ? 1 
ATOM   536 C CE2 . TYR A 1 69  ? -9.360  -5.216  0.612   1.000 11.870 0 69  TYR A CE2 1 ? 1 
ATOM   537 C CZ  . TYR A 1 69  ? -9.775  -6.099  1.587   1.000 11.982 0 69  TYR A CZ  1 ? 1 
ATOM   538 O OH  . TYR A 1 69  ? -11.052 -6.098  2.048   1.000 12.776 0 69  TYR A OH  1 ? 1 
ATOM   539 N N   . THR A 1 70  ? -3.924  -6.157  -2.344  1.000 10.998 0 70  THR A N   1 ? 1 
ATOM   540 C CA  . THR A 1 70  ? -2.663  -5.608  -2.850  1.000 11.279 0 70  THR A CA  1 ? 1 
ATOM   541 C C   . THR A 1 70  ? -2.630  -4.132  -2.505  1.000 10.504 0 70  THR A C   1 ? 1 
ATOM   542 O O   . THR A 1 70  ? -3.578  -3.438  -2.892  1.000 10.624 0 70  THR A O   1 ? 1 
ATOM   543 C CB  . THR A 1 70  ? -2.517  -5.814  -4.349  1.000 13.057 0 70  THR A CB  1 ? 1 
ATOM   544 O OG1 . THR A 1 70  ? -2.584  -7.219  -4.529  1.000 16.238 0 70  THR A OG1 1 ? 1 
ATOM   545 C CG2 . THR A 1 70  ? -1.199  -5.291  -4.868  1.000 13.172 0 70  THR A CG2 1 ? 1 
ATOM   546 N N   . ILE A 1 71  ? -1.579  -3.722  -1.793  1.000 9.722  0 71  ILE A N   1 ? 1 
ATOM   547 C CA  . ILE A 1 71  ? -1.412  -2.337  -1.311  1.000 9.776  0 71  ILE A CA  1 ? 1 
ATOM   548 C C   . ILE A 1 71  ? -0.170  -1.762  -1.995  1.000 9.783  0 71  ILE A C   1 ? 1 
ATOM   549 O O   . ILE A 1 71  ? 0.896   -2.393  -1.914  1.000 10.266 0 71  ILE A O   1 ? 1 
ATOM   550 C CB  . ILE A 1 71  ? -1.312  -2.296  0.214   1.000 10.926 0 71  ILE A CB  1 ? 1 
ATOM   551 C CG1 . ILE A 1 71  ? -2.540  -2.903  0.892   1.000 12.404 0 71  ILE A CG1 1 ? 1 
ATOM   552 C CG2 . ILE A 1 71  ? -1.123  -0.871  0.664   1.000 11.210 0 71  ILE A CG2 1 ? 1 
ATOM   553 C CD1 . ILE A 1 71  ? -2.263  -3.341  2.284   1.000 14.329 0 71  ILE A CD1 1 ? 1 
ATOM   554 N N   . THR A 1 72  ? -0.315  -0.679  -2.732  1.000 9.340  0 72  THR A N   1 ? 1 
ATOM   555 C CA  . THR A 1 72  ? 0.791   -0.079  -3.488  1.000 9.761  0 72  THR A CA  1 ? 1 
ATOM   556 C C   . THR A 1 72  ? 1.019   1.334   -2.957  1.000 9.805  0 72  THR A C   1 ? 1 
ATOM   557 O O   . THR A 1 72  ? 0.074   2.117   -2.890  1.000 9.413  0 72  THR A O   1 ? 1 
ATOM   558 C CB  . THR A 1 72  ? 0.533   -0.152  -4.994  1.000 10.614 0 72  THR A CB  1 ? 1 
ATOM   559 O OG1 . THR A 1 72  ? 0.240   -1.513  -5.326  1.000 12.591 0 72  THR A OG1 1 ? 1 
ATOM   560 C CG2 . THR A 1 72  ? 1.711   0.293   -5.825  1.000 11.381 0 72  THR A CG2 1 ? 1 
ATOM   561 N N   . VAL A 1 73  ? 2.298   1.688   -2.809  1.000 9.176  0 73  VAL A N   1 ? 1 
ATOM   562 C CA  . VAL A 1 73  ? 2.734   3.066   -2.461  1.000 9.535  0 73  VAL A CA  1 ? 1 
ATOM   563 C C   . VAL A 1 73  ? 3.303   3.720   -3.714  1.000 9.652  0 73  VAL A C   1 ? 1 
ATOM   564 O O   . VAL A 1 73  ? 4.207   3.148   -4.330  1.000 9.851  0 73  VAL A O   1 ? 1 
ATOM   565 C CB  . VAL A 1 73  ? 3.754   3.109   -1.326  1.000 9.856  0 73  VAL A CB  1 ? 1 
ATOM   566 C CG1 . VAL A 1 73  ? 4.181   4.530   -1.025  1.000 10.199 0 73  VAL A CG1 1 ? 1 
ATOM   567 C CG2 . VAL A 1 73  ? 3.230   2.431   -0.070  1.000 10.442 0 73  VAL A CG2 1 ? 1 
ATOM   568 N N   . TYR A 1 74  ? 2.734   4.851   -4.089  1.000 9.925  0 74  TYR A N   1 ? 1 
ATOM   569 C CA  . TYR A 1 74  ? 3.212   5.643   -5.238  1.000 9.874  0 74  TYR A CA  1 ? 1 
ATOM   570 C C   . TYR A 1 74  ? 3.821   6.934   -4.705  1.000 10.127 0 74  TYR A C   1 ? 1 
ATOM   571 O O   . TYR A 1 74  ? 3.190   7.681   -3.968  1.000 10.228 0 74  TYR A O   1 ? 1 
ATOM   572 C CB  . TYR A 1 74  ? 2.105   5.995   -6.221  1.000 10.499 0 74  TYR A CB  1 ? 1 
ATOM   573 C CG  . TYR A 1 74  ? 1.494   4.816   -6.931  1.000 10.921 0 74  TYR A CG  1 ? 1 
ATOM   574 C CD1 . TYR A 1 74  ? 0.500   4.076   -6.330  1.000 10.720 0 74  TYR A CD1 1 ? 1 
ATOM   575 C CD2 . TYR A 1 74  ? 1.872   4.469   -8.206  1.000 10.913 0 74  TYR A CD2 1 ? 1 
ATOM   576 C CE1 . TYR A 1 74  ? -0.089  2.998   -6.961  1.000 11.565 0 74  TYR A CE1 1 ? 1 
ATOM   577 C CE2 . TYR A 1 74  ? 1.322   3.369   -8.844  1.000 11.109 0 74  TYR A CE2 1 ? 1 
ATOM   578 C CZ  . TYR A 1 74  ? 0.312   2.643   -8.237  1.000 11.814 0 74  TYR A CZ  1 ? 1 
ATOM   579 O OH  . TYR A 1 74  ? -0.270  1.565   -8.873  1.000 13.044 0 74  TYR A OH  1 ? 1 
ATOM   580 N N   . ALA A 1 75  ? 5.006   7.251   -5.211  1.000 9.747  0 75  ALA A N   1 ? 1 
ATOM   581 C CA  . ALA A 1 75  ? 5.607   8.582   -5.054  1.000 11.114 0 75  ALA A CA  1 ? 1 
ATOM   582 C C   . ALA A 1 75  ? 5.017   9.451   -6.144  1.000 11.546 0 75  ALA A C   1 ? 1 
ATOM   583 O O   . ALA A 1 75  ? 5.161   9.085   -7.293  1.000 12.517 0 75  ALA A O   1 ? 1 
ATOM   584 C CB  . ALA A 1 75  ? 7.128   8.516   -5.174  1.000 11.476 0 75  ALA A CB  1 ? 1 
ATOM   585 N N   . VAL A 1 76  ? 4.360   10.555  -5.773  1.000 12.627 0 76  VAL A N   1 ? 1 
ATOM   586 C CA  . VAL A 1 76  ? 3.777   11.497  -6.752  1.000 14.136 0 76  VAL A CA  1 ? 1 
ATOM   587 C C   . VAL A 1 76  ? 4.726   12.688  -6.885  1.000 15.218 0 76  VAL A C   1 ? 1 
ATOM   588 O O   . VAL A 1 76  ? 5.132   13.270  -5.860  1.000 15.674 0 76  VAL A O   1 ? 1 
ATOM   589 C CB  . VAL A 1 76  ? 2.356   11.936  -6.387  1.000 15.625 0 76  VAL A CB  1 ? 1 
ATOM   590 C CG1 . VAL A 1 76  ? 1.809   12.841  -7.484  1.000 16.487 0 76  VAL A CG1 1 ? 1 
ATOM   591 C CG2 . VAL A 1 76  ? 1.454   10.734  -6.132  1.000 14.868 0 76  VAL A CG2 1 ? 1 
ATOM   592 N N   . THR A 1 77  ? 5.115   12.955  -8.112  1.000 17.154 0 77  THR A N   1 ? 1 
ATOM   593 C CA  . THR A 1 77  ? 6.123   13.988  -8.426  1.000 20.820 0 77  THR A CA  1 ? 1 
ATOM   594 C C   . THR A 1 77  ? 5.672   14.784  -9.656  1.000 21.398 0 77  THR A C   1 ? 1 
ATOM   595 O O   . THR A 1 77  ? 4.837   14.308  -10.422 1.000 20.355 0 77  THR A O   1 ? 1 
ATOM   596 C CB  . THR A 1 77  ? 7.494   13.319  -8.570  1.000 22.962 0 77  THR A CB  1 ? 1 
ATOM   597 O OG1 . THR A 1 77  ? 8.427   14.395  -8.614  1.000 28.389 0 77  THR A OG1 1 ? 1 
ATOM   598 C CG2 . THR A 1 77  ? 7.620   12.444  -9.795  1.000 23.544 0 77  THR A CG2 1 ? 1 
ATOM   599 N N   . ASP A 1 78  ? 6.387   15.869  -9.959  1.000 24.800 0 78  ASP A N   1 ? 1 
ATOM   600 C CA  . ASP A 1 78  ? 6.062   16.736  -11.119 1.000 29.994 0 78  ASP A CA  1 ? 1 
ATOM   601 C C   . ASP A 1 78  ? 6.325   15.956  -12.410 1.000 30.053 0 78  ASP A C   1 ? 1 
ATOM   602 O O   . ASP A 1 78  ? 7.289   15.164  -12.442 1.000 30.022 0 78  ASP A O   1 ? 1 
ATOM   603 C CB  . ASP A 1 78  ? 6.842   18.047  -11.059 1.000 34.453 0 78  ASP A CB  1 ? 1 
ATOM   604 C CG  . ASP A 1 78  ? 6.500   18.917  -9.859  1.000 40.971 0 78  ASP A CG  1 ? 1 
ATOM   605 O OD1 . ASP A 1 78  ? 5.380   18.771  -9.306  1.000 43.748 0 78  ASP A OD1 1 ? 1 
ATOM   606 O OD2 . ASP A 1 78  ? 7.344   19.763  -9.504  1.000 47.756 0 78  ASP A OD2 1 ? 1 
ATOM   607 N N   . GLY A 1 79  ? 5.410   16.069  -13.376 1.000 30.522 0 79  GLY A N   1 ? 1 
ATOM   608 C CA  . GLY A 1 79  ? 5.581   15.537  -14.737 1.000 34.480 0 79  GLY A CA  1 ? 1 
ATOM   609 C C   . GLY A 1 79  ? 5.733   16.705  -15.681 1.000 39.441 0 79  GLY A C   1 ? 1 
ATOM   610 O O   . GLY A 1 79  ? 6.099   17.783  -15.186 1.000 45.311 0 79  GLY A O   1 ? 1 
ATOM   611 N N   . ARG A 1 80  ? 5.317   16.556  -16.937 1.000 44.938 0 80  ARG A N   1 ? 1 
ATOM   612 C CA  . ARG A 1 80  ? 5.255   17.683  -17.909 1.000 49.832 0 80  ARG A CA  1 ? 1 
ATOM   613 C C   . ARG A 1 80  ? 3.792   18.079  -18.140 1.000 51.610 0 80  ARG A C   1 ? 1 
ATOM   614 O O   . ARG A 1 80  ? 2.911   17.207  -17.992 1.000 50.234 0 80  ARG A O   1 ? 1 
ATOM   615 C CB  . ARG A 1 80  ? 5.908   17.297  -19.240 1.000 53.437 0 80  ARG A CB  1 ? 1 
ATOM   616 C CG  . ARG A 1 80  ? 7.369   16.886  -19.133 1.000 56.742 0 80  ARG A CG  1 ? 1 
ATOM   617 C CD  . ARG A 1 80  ? 7.629   15.594  -19.888 1.000 59.987 0 80  ARG A CD  1 ? 1 
ATOM   618 N NE  . ARG A 1 80  ? 6.975   15.572  -21.190 1.000 63.226 0 80  ARG A NE  1 ? 1 
ATOM   619 C CZ  . ARG A 1 80  ? 6.689   14.471  -21.883 1.000 65.609 0 80  ARG A CZ  1 ? 1 
ATOM   620 N NH1 . ARG A 1 80  ? 7.002   13.278  -21.400 1.000 70.082 0 80  ARG A NH1 1 ? 1 
ATOM   621 N NH2 . ARG A 1 80  ? 6.092   14.572  -23.058 1.000 63.726 0 80  ARG A NH2 1 ? 1 
ATOM   622 N N   . ASN A 1 81  ? 3.562   19.343  -18.508 1.000 53.376 0 81  ASN A N   1 ? 1 
ATOM   623 C CA  . ASN A 1 81  ? 2.238   19.894  -18.910 1.000 53.424 0 81  ASN A CA  1 ? 1 
ATOM   624 C C   . ASN A 1 81  ? 1.265   19.804  -17.732 1.000 50.039 0 81  ASN A C   1 ? 1 
ATOM   625 O O   . ASN A 1 81  ? 0.065   19.588  -17.986 1.000 51.762 0 81  ASN A O   1 ? 1 
ATOM   626 C CB  . ASN A 1 81  ? 1.661   19.166  -20.127 1.000 57.935 0 81  ASN A CB  1 ? 1 
ATOM   627 C CG  . ASN A 1 81  ? 2.594   19.178  -21.319 1.000 62.269 0 81  ASN A CG  1 ? 1 
ATOM   628 O OD1 . ASN A 1 81  ? 3.471   20.034  -21.422 1.000 63.997 0 81  ASN A OD1 1 ? 1 
ATOM   629 N ND2 . ASN A 1 81  ? 2.397   18.244  -22.235 1.000 64.054 0 81  ASN A ND2 1 ? 1 
ATOM   630 N N   . GLY A 1 82  ? 1.765   19.929  -16.499 1.000 46.263 0 82  GLY A N   1 ? 1 
ATOM   631 C CA  . GLY A 1 82  ? 0.934   19.942  -15.277 1.000 44.084 0 82  GLY A CA  1 ? 1 
ATOM   632 C C   . GLY A 1 82  ? 0.353   18.575  -14.937 1.000 38.123 0 82  GLY A C   1 ? 1 
ATOM   633 O O   . GLY A 1 82  ? -0.396  18.514  -13.959 1.000 39.656 0 82  GLY A O   1 ? 1 
ATOM   634 N N   . ARG A 1 83  ? 0.658   17.526  -15.715 1.000 35.434 0 83  ARG A N   1 ? 1 
ATOM   635 C CA  . ARG A 1 83  ? 0.260   16.119  -15.408 1.000 33.727 0 83  ARG A CA  1 ? 1 
ATOM   636 C C   . ARG A 1 83  ? 1.305   15.484  -14.489 1.000 34.117 0 83  ARG A C   1 ? 1 
ATOM   637 O O   . ARG A 1 83  ? 2.407   15.186  -14.991 1.000 38.634 0 83  ARG A O   1 ? 1 
ATOM   638 C CB  . ARG A 1 83  ? 0.124   15.239  -16.655 1.000 33.616 0 83  ARG A CB  1 ? 1 
ATOM   639 C CG  . ARG A 1 83  ? -0.666  15.870  -17.791 1.000 35.099 0 83  ARG A CG  1 ? 1 
ATOM   640 C CD  . ARG A 1 83  ? -1.610  14.916  -18.487 1.000 36.176 0 83  ARG A CD  1 ? 1 
ATOM   641 N NE  . ARG A 1 83  ? -0.962  13.898  -19.298 1.000 37.571 0 83  ARG A NE  1 ? 1 
ATOM   642 C CZ  . ARG A 1 83  ? -0.811  13.949  -20.612 1.000 38.094 0 83  ARG A CZ  1 ? 1 
ATOM   643 N NH1 . ARG A 1 83  ? -1.247  14.990  -21.303 1.000 37.429 0 83  ARG A NH1 1 ? 1 
ATOM   644 N NH2 . ARG A 1 83  ? -0.265  12.923  -21.237 1.000 38.329 0 83  ARG A NH2 1 ? 1 
ATOM   645 N N   . LEU A 1 84  ? 0.947   15.206  -13.227 1.000 27.402 0 84  LEU A N   1 ? 1 
ATOM   646 C CA  . LEU A 1 84  ? 1.858   14.581  -12.228 1.000 24.926 0 84  LEU A CA  1 ? 1 
ATOM   647 C C   . LEU A 1 84  ? 2.191   13.143  -12.644 1.000 24.891 0 84  LEU A C   1 ? 1 
ATOM   648 O O   . LEU A 1 84  ? 1.418   12.479  -13.407 1.000 24.348 0 84  LEU A O   1 ? 1 
ATOM   649 C CB  . LEU A 1 84  ? 1.222   14.634  -10.836 1.000 24.908 0 84  LEU A CB  1 ? 1 
ATOM   650 C CG  . LEU A 1 84  ? 1.029   16.039  -10.260 1.000 26.401 0 84  LEU A CG  1 ? 1 
ATOM   651 C CD1 . LEU A 1 84  ? 0.448   15.995  -8.864  1.000 28.476 0 84  LEU A CD1 1 ? 1 
ATOM   652 C CD2 . LEU A 1 84  ? 2.332   16.829  -10.263 1.000 29.358 0 84  LEU A CD2 1 ? 1 
ATOM   653 N N   . LEU A 1 85  ? 3.343   12.673  -12.175 1.000 19.908 0 85  LEU A N   1 ? 1 
ATOM   654 C CA  . LEU A 1 85  ? 3.814   11.282  -12.362 1.000 20.641 0 85  LEU A CA  1 ? 1 
ATOM   655 C C   . LEU A 1 85  ? 3.629   10.535  -11.050 1.000 18.096 0 85  LEU A C   1 ? 1 
ATOM   656 O O   . LEU A 1 85  ? 3.929   11.062  -9.977  1.000 18.450 0 85  LEU A O   1 ? 1 
ATOM   657 C CB  . LEU A 1 85  ? 5.276   11.265  -12.802 1.000 21.377 0 85  LEU A CB  1 ? 1 
ATOM   658 C CG  . LEU A 1 85  ? 5.530   11.763  -14.220 1.000 24.823 0 85  LEU A CG  1 ? 1 
ATOM   659 C CD1 . LEU A 1 85  ? 7.018   12.057  -14.424 1.000 27.908 0 85  LEU A CD1 1 ? 1 
ATOM   660 C CD2 . LEU A 1 85  ? 5.035   10.741  -15.228 1.000 25.461 0 85  LEU A CD2 1 ? 1 
ATOM   661 N N   . SER A 1 86  ? 3.110   9.321   -11.146 1.000 15.660 0 86  SER A N   1 ? 1 
ATOM   662 C CA  . SER A 1 86  ? 2.921   8.440   -9.981  1.000 15.372 0 86  SER A CA  1 ? 1 
ATOM   663 C C   . SER A 1 86  ? 3.832   7.224   -10.162 1.000 14.771 0 86  SER A C   1 ? 1 
ATOM   664 O O   . SER A 1 86  ? 3.605   6.438   -11.093 1.000 14.919 0 86  SER A O   1 ? 1 
ATOM   665 C CB  . SER A 1 86  ? 1.471   8.019   -9.850  1.000 16.727 0 86  SER A CB  1 ? 1 
ATOM   666 O OG  . SER A 1 86  ? 0.644   9.163   -9.772  1.000 18.724 0 86  SER A OG  1 ? 1 
ATOM   667 N N   . ILE A 1 87  ? 4.849   7.106   -9.324  1.000 12.088 0 87  ILE A N   1 ? 1 
ATOM   668 C CA  . ILE A 1 87  ? 5.867   6.044   -9.477  1.000 12.436 0 87  ILE A CA  1 ? 1 
ATOM   669 C C   . ILE A 1 87  ? 5.683   5.052   -8.353  1.000 10.749 0 87  ILE A C   1 ? 1 
ATOM   670 O O   . ILE A 1 87  ? 5.800   5.405   -7.184  1.000 10.408 0 87  ILE A O   1 ? 1 
ATOM   671 C CB  . ILE A 1 87  ? 7.280   6.627   -9.498  1.000 13.380 0 87  ILE A CB  1 ? 1 
ATOM   672 C CG1 . ILE A 1 87  ? 7.356   7.676   -10.617 1.000 15.826 0 87  ILE A CG1 1 ? 1 
ATOM   673 C CG2 . ILE A 1 87  ? 8.282   5.488   -9.662  1.000 13.084 0 87  ILE A CG2 1 ? 1 
ATOM   674 C CD1 . ILE A 1 87  ? 8.591   8.496   -10.641 1.000 18.820 0 87  ILE A CD1 1 ? 1 
ATOM   675 N N   . PRO A 1 88  ? 5.286   3.802   -8.670  1.000 9.629  0 88  PRO A N   1 ? 1 
ATOM   676 C CA  . PRO A 1 88  ? 5.160   2.806   -7.611  1.000 9.503  0 88  PRO A CA  1 ? 1 
ATOM   677 C C   . PRO A 1 88  ? 6.528   2.479   -7.014  1.000 10.513 0 88  PRO A C   1 ? 1 
ATOM   678 O O   . PRO A 1 88  ? 7.460   2.134   -7.756  1.000 9.968  0 88  PRO A O   1 ? 1 
ATOM   679 C CB  . PRO A 1 88  ? 4.535   1.586   -8.301  1.000 10.092 0 88  PRO A CB  1 ? 1 
ATOM   680 C CG  . PRO A 1 88  ? 4.953   1.746   -9.746  1.000 10.563 0 88  PRO A CG  1 ? 1 
ATOM   681 C CD  . PRO A 1 88  ? 5.023   3.235   -10.004 1.000 10.127 0 88  PRO A CD  1 ? 1 
ATOM   682 N N   . ILE A 1 89  ? 6.643   2.609   -5.700  1.000 10.286 0 89  ILE A N   1 ? 1 
ATOM   683 C CA  . ILE A 1 89  ? 7.925   2.378   -4.992  1.000 10.055 0 89  ILE A CA  1 ? 1 
ATOM   684 C C   . ILE A 1 89  ? 7.844   1.198   -4.030  1.000 10.151 0 89  ILE A C   1 ? 1 
ATOM   685 O O   . ILE A 1 89  ? 8.916   0.749   -3.599  1.000 10.256 0 89  ILE A O   1 ? 1 
ATOM   686 C CB  . ILE A 1 89  ? 8.384   3.676   -4.312  1.000 10.455 0 89  ILE A CB  1 ? 1 
ATOM   687 C CG1 . ILE A 1 89  ? 7.401   4.171   -3.247  1.000 11.046 0 89  ILE A CG1 1 ? 1 
ATOM   688 C CG2 . ILE A 1 89  ? 8.673   4.713   -5.376  1.000 10.759 0 89  ILE A CG2 1 ? 1 
ATOM   689 C CD1 . ILE A 1 89  ? 7.970   5.290   -2.372  1.000 11.531 0 89  ILE A CD1 1 ? 1 
ATOM   690 N N   . SER A 1 90  ? 6.674   0.860   -3.510  1.000 9.726  0 90  SER A N   1 ? 1 
ATOM   691 C CA  . SER A 1 90  ? 6.565   -0.198  -2.488  1.000 10.553 0 90  SER A CA  1 ? 1 
ATOM   692 C C   . SER A 1 90  ? 5.269   -0.952  -2.712  1.000 10.923 0 90  SER A C   1 ? 1 
ATOM   693 O O   . SER A 1 90  ? 4.293   -0.319  -3.200  1.000 10.848 0 90  SER A O   1 ? 1 
ATOM   694 C CB  . SER A 1 90  ? 6.567   0.382   -1.096  1.000 11.329 0 90  SER A CB  1 ? 1 
ATOM   695 O OG  . SER A 1 90  ? 7.565   1.369   -0.917  1.000 12.403 0 90  SER A OG  1 ? 1 
ATOM   696 N N   . ILE A 1 91  ? 5.243   -2.210  -2.284  1.000 10.856 0 91  ILE A N   1 ? 1 
ATOM   697 C CA  . ILE A 1 91  ? 4.015   -3.052  -2.369  1.000 11.488 0 91  ILE A CA  1 ? 1 
ATOM   698 C C   . ILE A 1 91  ? 3.914   -3.865  -1.090  1.000 11.402 0 91  ILE A C   1 ? 1 
ATOM   699 O O   . ILE A 1 91  ? 4.916   -4.354  -0.583  1.000 12.658 0 91  ILE A O   1 ? 1 
ATOM   700 C CB  . ILE A 1 91  ? 4.025   -3.939  -3.622  1.000 13.170 0 91  ILE A CB  1 ? 1 
ATOM   701 C CG1 . ILE A 1 91  ? 4.280   -3.186  -4.923  1.000 14.972 0 91  ILE A CG1 1 ? 1 
ATOM   702 C CG2 . ILE A 1 91  ? 2.717   -4.737  -3.703  1.000 13.572 0 91  ILE A CG2 1 ? 1 
ATOM   703 C CD1 . ILE A 1 91  ? 4.606   -4.118  -6.074  1.000 16.321 0 91  ILE A CD1 1 ? 1 
ATOM   704 N N   . ASN A 1 92  ? 2.698   -4.107  -0.622  1.000 10.885 0 92  ASN A N   1 ? 1 
ATOM   705 C CA  . ASN A 1 92  ? 2.438   -5.176  0.374   1.000 11.171 0 92  ASN A CA  1 ? 1 
ATOM   706 C C   . ASN A 1 92  ? 1.344   -6.063  -0.200  1.000 11.666 0 92  ASN A C   1 ? 1 
ATOM   707 O O   . ASN A 1 92  ? 0.259   -5.548  -0.535  1.000 11.596 0 92  ASN A O   1 ? 1 
ATOM   708 C CB  . ASN A 1 92  ? 2.015   -4.667  1.744   1.000 11.568 0 92  ASN A CB  1 ? 1 
ATOM   709 C CG  . ASN A 1 92  ? 1.798   -5.805  2.722   1.000 12.910 0 92  ASN A CG  1 ? 1 
ATOM   710 O OD1 . ASN A 1 92  ? 2.754   -6.318  3.290   1.000 14.163 0 92  ASN A OD1 1 ? 1 
ATOM   711 N ND2 . ASN A 1 92  ? 0.580   -6.289  2.841   1.000 11.766 0 92  ASN A ND2 1 ? 1 
ATOM   712 N N   . TYR A 1 93  ? 1.604   -7.367  -0.240  1.000 11.679 0 93  TYR A N   1 ? 1 
ATOM   713 C CA  . TYR A 1 93  ? 0.561   -8.360  -0.551  1.000 12.288 0 93  TYR A CA  1 ? 1 
ATOM   714 C C   . TYR A 1 93  ? -0.007  -8.902  0.750   1.000 11.997 0 93  TYR A C   1 ? 1 
ATOM   715 O O   . TYR A 1 93  ? 0.725   -9.540  1.532   1.000 12.914 0 93  TYR A O   1 ? 1 
ATOM   716 C CB  . TYR A 1 93  ? 1.141   -9.485  -1.398  1.000 12.769 0 93  TYR A CB  1 ? 1 
ATOM   717 C CG  . TYR A 1 93  ? 1.790   -9.013  -2.665  1.000 13.243 0 93  TYR A CG  1 ? 1 
ATOM   718 C CD1 . TYR A 1 93  ? 1.037   -8.768  -3.794  1.000 14.076 0 93  TYR A CD1 1 ? 1 
ATOM   719 C CD2 . TYR A 1 93  ? 3.156   -8.812  -2.726  1.000 14.571 0 93  TYR A CD2 1 ? 1 
ATOM   720 C CE1 . TYR A 1 93  ? 1.631   -8.380  -4.982  1.000 15.400 0 93  TYR A CE1 1 ? 1 
ATOM   721 C CE2 . TYR A 1 93  ? 3.774   -8.435  -3.905  1.000 15.525 0 93  TYR A CE2 1 ? 1 
ATOM   722 C CZ  . TYR A 1 93  ? 2.999   -8.202  -5.027  1.000 15.209 0 93  TYR A CZ  1 ? 1 
ATOM   723 O OH  . TYR A 1 93  ? 3.603   -7.839  -6.204  1.000 20.059 0 93  TYR A OH  1 ? 1 
ATOM   724 N N   . ARG A 1 94  ? -1.246  -8.518  1.036   1.000 12.279 0 94  ARG A N   1 ? 1 
ATOM   725 C CA  . ARG A 1 94  ? -2.010  -9.105  2.167   1.000 12.720 0 94  ARG A CA  1 ? 1 
ATOM   726 C C   . ARG A 1 94  ? -2.502  -10.475 1.685   1.000 12.975 0 94  ARG A C   1 ? 1 
ATOM   727 O O   . ARG A 1 94  ? -3.339  -10.522 0.775   1.000 12.174 0 94  ARG A O   1 ? 1 
ATOM   728 C CB  . ARG A 1 94  ? -3.122  -8.142  2.604   1.000 13.260 0 94  ARG A CB  1 ? 1 
ATOM   729 C CG  . ARG A 1 94  ? -4.264  -8.753  3.409   1.000 13.328 0 94  ARG A CG  1 ? 1 
ATOM   730 C CD  . ARG A 1 94  ? -3.872  -9.428  4.705   1.000 14.033 0 94  ARG A CD  1 ? 1 
ATOM   731 N NE  . ARG A 1 94  ? -3.209  -8.525  5.633   1.000 13.266 0 94  ARG A NE  1 ? 1 
ATOM   732 C CZ  . ARG A 1 94  ? -3.747  -7.931  6.686   1.000 14.027 0 94  ARG A CZ  1 ? 1 
ATOM   733 N NH1 . ARG A 1 94  ? -5.046  -8.007  6.943   1.000 13.115 0 94  ARG A NH1 1 ? 1 
ATOM   734 N NH2 . ARG A 1 94  ? -2.940  -7.295  7.518   1.000 13.032 0 94  ARG A NH2 1 ? 1 
ATOM   735 N N   . THR A 1 95  ? -1.876  -11.535 2.187   1.000 13.153 0 95  THR A N   1 ? 1 
ATOM   736 C CA  . THR A 1 95  ? -2.202  -12.921 1.817   1.000 13.577 0 95  THR A CA  1 ? 1 
ATOM   737 C C   . THR A 1 95  ? -2.633  -13.672 3.054   1.000 13.738 0 95  THR A C   1 ? 1 
ATOM   738 O O   . THR A 1 95  ? -2.506  -13.136 4.172   1.000 13.105 0 95  THR A O   1 ? 1 
ATOM   739 C CB  . THR A 1 95  ? -1.025  -13.627 1.145   1.000 13.630 0 95  THR A CB  1 ? 1 
ATOM   740 O OG1 . THR A 1 95  ? -0.034  -13.972 2.111   1.000 14.218 0 95  THR A OG1 1 ? 1 
ATOM   741 C CG2 . THR A 1 95  ? -0.370  -12.788 0.074   1.000 14.782 0 95  THR A CG2 1 ? 1 
ATOM   742 N N   . HIS A 1 96  ? -3.136  -14.883 2.851   1.000 14.010 0 96  HIS A N   1 ? 1 
ATOM   743 C CA  . HIS A 1 96  ? -3.519  -15.736 3.992   1.000 14.108 0 96  HIS A CA  1 ? 1 
ATOM   744 C C   . HIS A 1 96  ? -2.891  -17.121 3.861   1.000 14.017 0 96  HIS A C   1 ? 1 
ATOM   745 O O   . HIS A 1 96  ? -2.528  -17.555 2.753   1.000 14.616 0 96  HIS A O   1 ? 1 
ATOM   746 C CB  . HIS A 1 96  ? -5.037  -15.783 4.157   1.000 14.501 0 96  HIS A CB  1 ? 1 
ATOM   747 C CG  . HIS A 1 96  ? -5.582  -14.448 4.518   1.000 13.435 0 96  HIS A CG  1 ? 1 
ATOM   748 N ND1 . HIS A 1 96  ? -5.727  -13.441 3.572   1.000 14.306 0 96  HIS A ND1 1 ? 1 
ATOM   749 C CD2 . HIS A 1 96  ? -5.787  -13.877 5.725   1.000 14.737 0 96  HIS A CD2 1 ? 1 
ATOM   750 C CE1 . HIS A 1 96  ? -6.132  -12.346 4.200   1.000 13.075 0 96  HIS A CE1 1 ? 1 
ATOM   751 N NE2 . HIS A 1 96  ? -6.168  -12.578 5.520   1.000 14.141 0 96  HIS A NE2 1 ? 1 
ATOM   752 N N   . HIS A 1 97  ? -2.726  -17.762 4.997   1.000 14.079 0 97  HIS A N   1 ? 1 
ATOM   753 C CA  . HIS A 1 97  ? -2.232  -19.155 5.017   1.000 14.734 0 97  HIS A CA  1 ? 1 
ATOM   754 C C   . HIS A 1 97  ? -3.111  -20.063 4.141   1.000 14.729 0 97  HIS A C   1 ? 1 
ATOM   755 O O   . HIS A 1 97  ? -4.368  -20.002 4.198   1.000 15.424 0 97  HIS A O   1 ? 1 
ATOM   756 C CB  . HIS A 1 97  ? -2.141  -19.681 6.450   1.000 15.119 0 97  HIS A CB  1 ? 1 
ATOM   757 C CG  . HIS A 1 97  ? -1.230  -18.915 7.358   1.000 16.187 0 97  HIS A CG  1 ? 1 
ATOM   758 N ND1 . HIS A 1 97  ? -0.855  -19.420 8.588   1.000 19.280 0 97  HIS A ND1 1 ? 1 
ATOM   759 C CD2 . HIS A 1 97  ? -0.631  -17.704 7.238   1.000 18.180 0 97  HIS A CD2 1 ? 1 
ATOM   760 C CE1 . HIS A 1 97  ? -0.082  -18.534 9.205   1.000 21.666 0 97  HIS A CE1 1 ? 1 
ATOM   761 N NE2 . HIS A 1 97  ? 0.058   -17.466 8.398   1.000 20.249 0 97  HIS A NE2 1 ? 1 
ATOM   762 N N   . HIS A 1 98  ? -2.479  -21.072 3.539   1.000 13.949 0 98  HIS A N   1 ? 1 
ATOM   763 C CA  . HIS A 1 98  ? -3.154  -22.312 3.150   1.000 13.649 0 98  HIS A CA  1 ? 1 
ATOM   764 C C   . HIS A 1 98  ? -3.226  -23.198 4.399   1.000 14.565 0 98  HIS A C   1 ? 1 
ATOM   765 O O   . HIS A 1 98  ? -2.181  -23.613 4.870   1.000 14.397 0 98  HIS A O   1 ? 1 
ATOM   766 C CB  . HIS A 1 98  ? -2.422  -23.050 2.023   1.000 14.746 0 98  HIS A CB  1 ? 1 
ATOM   767 C CG  . HIS A 1 98  ? -3.070  -24.364 1.778   1.000 16.095 0 98  HIS A CG  1 ? 1 
ATOM   768 N ND1 . HIS A 1 98  ? -4.138  -24.502 0.902   1.000 17.578 0 98  HIS A ND1 1 ? 1 
ATOM   769 C CD2 . HIS A 1 98  ? -2.845  -25.587 2.315   1.000 17.091 0 98  HIS A CD2 1 ? 1 
ATOM   770 C CE1 . HIS A 1 98  ? -4.556  -25.756 0.930   1.000 16.965 0 98  HIS A CE1 1 ? 1 
ATOM   771 N NE2 . HIS A 1 98  ? -3.799  -26.451 1.811   1.000 19.537 0 98  HIS A NE2 1 ? 1 
ATOM   772 N N   . HIS A 1 99  ? -4.413  -23.417 4.947   1.000 15.494 0 99  HIS A N   1 ? 1 
ATOM   773 C CA  . HIS A 1 99  ? -4.523  -24.140 6.230   1.000 17.515 0 99  HIS A CA  1 ? 1 
ATOM   774 C C   . HIS A 1 99  ? -4.905  -25.572 5.892   1.000 20.277 0 99  HIS A C   1 ? 1 
ATOM   775 O O   . HIS A 1 99  ? -6.008  -25.789 5.362   1.000 22.262 0 99  HIS A O   1 ? 1 
ATOM   776 C CB  . HIS A 1 99  ? -5.441  -23.392 7.199   1.000 18.615 0 99  HIS A CB  1 ? 1 
ATOM   777 C CG  . HIS A 1 99  ? -5.273  -23.876 8.609   1.000 19.837 0 99  HIS A CG  1 ? 1 
ATOM   778 N ND1 . HIS A 1 99  ? -5.937  -24.983 9.097   1.000 23.059 0 99  HIS A ND1 1 ? 1 
ATOM   779 C CD2 . HIS A 1 99  ? -4.400  -23.506 9.573   1.000 21.576 0 99  HIS A CD2 1 ? 1 
ATOM   780 C CE1 . HIS A 1 99  ? -5.512  -25.267 10.319  1.000 18.767 0 99  HIS A CE1 1 ? 1 
ATOM   781 N NE2 . HIS A 1 99  ? -4.616  -24.343 10.653  1.000 21.727 0 99  HIS A NE2 1 ? 1 
ATOM   782 N N   . HIS A 1 100 ? -4.058  -26.523 6.270   1.000 20.002 0 100 HIS A N   1 ? 1 
ATOM   783 C CA  . HIS A 1 100 ? -4.249  -27.959 5.995   1.000 23.205 0 100 HIS A CA  1 ? 1 
ATOM   784 C C   . HIS A 1 100 ? -5.518  -28.446 6.700   1.000 28.178 0 100 HIS A C   1 ? 1 
ATOM   785 O O   . HIS A 1 100 ? -5.699  -28.102 7.887   1.000 28.026 0 100 HIS A O   1 ? 1 
ATOM   786 C CB  . HIS A 1 100 ? -3.024  -28.723 6.451   1.000 24.391 0 100 HIS A CB  1 ? 1 
ATOM   787 C CG  . HIS A 1 100 ? -3.143  -30.178 6.159   1.000 29.473 0 100 HIS A CG  1 ? 1 
ATOM   788 N ND1 . HIS A 1 100 ? -3.383  -31.115 7.143   1.000 33.925 0 100 HIS A ND1 1 ? 1 
ATOM   789 C CD2 . HIS A 1 100 ? -3.160  -30.849 4.988   1.000 33.493 0 100 HIS A CD2 1 ? 1 
ATOM   790 C CE1 . HIS A 1 100 ? -3.420  -32.322 6.603   1.000 34.742 0 100 HIS A CE1 1 ? 1 
ATOM   791 N NE2 . HIS A 1 100 ? -3.275  -32.187 5.281   1.000 36.317 0 100 HIS A NE2 1 ? 1 
ATOM   792 N N   . HIS A 1 101 ? -6.344  -29.220 5.997   1.000 33.957 0 101 HIS A N   1 ? 1 
ATOM   793 C CA  . HIS A 1 101 ? -7.571  -29.851 6.548   1.000 40.327 0 101 HIS A CA  1 ? 1 
ATOM   794 C C   . HIS A 1 101 ? -7.728  -31.271 5.971   1.000 42.176 0 101 HIS A C   1 ? 1 
ATOM   795 O O   . HIS A 1 101 ? -7.181  -31.717 4.942   1.000 43.100 0 101 HIS A O   1 ? 1 
ATOM   796 C CB  . HIS A 1 101 ? -8.757  -28.876 6.399   1.000 44.664 0 101 HIS A CB  1 ? 1 
ATOM   797 C CG  . HIS A 1 101 ? -9.816  -29.239 5.408   1.000 50.256 0 101 HIS A CG  1 ? 1 
ATOM   798 N ND1 . HIS A 1 101 ? -9.964  -28.552 4.209   1.000 52.427 0 101 HIS A ND1 1 ? 1 
ATOM   799 C CD2 . HIS A 1 101 ? -10.905 -30.036 5.523   1.000 53.979 0 101 HIS A CD2 1 ? 1 
ATOM   800 C CE1 . HIS A 1 101 ? -11.053 -28.974 3.594   1.000 55.966 0 101 HIS A CE1 1 ? 1 
ATOM   801 N NE2 . HIS A 1 101 ? -11.645 -29.897 4.377   1.000 55.626 0 101 HIS A NE2 1 ? 1 
ATOM   802 O OXT . HIS A 1 101 ? -8.376  -32.083 6.593   1.000 46.624 0 101 HIS A OXT 1 ? 1 
HETATM 803 S S   . SO4 B 2 .   ? 10.445  15.217  -17.081 1.000 44.860 0 201 SO4 A S   1 ? ? 
HETATM 804 O O1  . SO4 B 2 .   ? 11.132  14.716  -15.917 1.000 55.019 0 201 SO4 A O1  1 ? ? 
HETATM 805 O O2  . SO4 B 2 .   ? 9.030   15.001  -16.927 1.000 43.829 0 201 SO4 A O2  1 ? ? 
HETATM 806 O O3  . SO4 B 2 .   ? 10.698  16.618  -17.217 1.000 29.771 0 201 SO4 A O3  1 ? ? 
HETATM 807 O O4  . SO4 B 2 .   ? 10.918  14.522  -18.252 1.000 52.155 0 201 SO4 A O4  1 ? ? 
HETATM 808 O O   . HOH C 3 .   ? 0.253   4.516   10.935  1.000 23.736 0 301 HOH A O   1 ? ? 
HETATM 809 O O   . HOH C 3 .   ? 10.549  12.771  -20.086 1.000 28.983 0 302 HOH A O   1 ? ? 
HETATM 810 O O   . HOH C 3 .   ? 9.655   4.884   7.094   1.000 32.242 0 303 HOH A O   1 ? ? 
HETATM 811 O O   . HOH C 3 .   ? -12.800 -5.001  0.370   1.000 20.600 0 304 HOH A O   1 ? ? 
HETATM 812 O O   . HOH C 3 .   ? 1.173   0.689   -10.861 1.000 20.952 0 305 HOH A O   1 ? ? 
HETATM 813 O O   . HOH C 3 .   ? -9.690  -6.698  13.593  1.000 29.525 0 306 HOH A O   1 ? ? 
HETATM 814 O O   . HOH C 3 .   ? 1.503   -15.880 1.160   1.000 18.952 0 307 HOH A O   1 ? ? 
HETATM 815 O O   . HOH C 3 .   ? 1.719   4.909   -12.120 1.000 18.927 0 308 HOH A O   1 ? ? 
HETATM 816 O O   . HOH C 3 .   ? -4.330  -13.628 -3.747  1.000 29.753 0 309 HOH A O   1 ? ? 
HETATM 817 O O   . HOH C 3 .   ? 10.016  -5.477  5.293   1.000 23.958 0 310 HOH A O   1 ? ? 
HETATM 818 O O   . HOH C 3 .   ? 10.936  1.907   1.000   1.000 20.981 0 311 HOH A O   1 ? ? 
HETATM 819 O O   . HOH C 3 .   ? -2.506  17.182  -20.466 1.000 35.899 0 312 HOH A O   1 ? ? 
HETATM 820 O O   . HOH C 3 .   ? -2.412  12.042  -6.862  1.000 27.414 0 313 HOH A O   1 ? ? 
HETATM 821 O O   . HOH C 3 .   ? -10.693 -1.050  -9.368  1.000 28.674 0 314 HOH A O   1 ? ? 
HETATM 822 O O   . HOH C 3 .   ? -3.620  -15.926 0.114   1.000 15.872 0 315 HOH A O   1 ? ? 
HETATM 823 O O   . HOH C 3 .   ? 10.917  15.260  -1.839  1.000 22.741 0 316 HOH A O   1 ? ? 
HETATM 824 O O   . HOH C 3 .   ? 6.283   -7.753  -6.222  1.000 27.467 0 317 HOH A O   1 ? ? 
HETATM 825 O O   . HOH C 3 .   ? 8.988   10.876  2.802   1.000 22.155 0 318 HOH A O   1 ? ? 
HETATM 826 O O   . HOH C 3 .   ? -2.793  -2.846  12.153  1.000 28.241 0 319 HOH A O   1 ? ? 
HETATM 827 O O   . HOH C 3 .   ? -2.811  0.817   -7.954  1.000 17.961 0 320 HOH A O   1 ? ? 
HETATM 828 O O   . HOH C 3 .   ? 2.062   10.924  5.603   1.000 18.349 0 321 HOH A O   1 ? ? 
HETATM 829 O O   . HOH C 3 .   ? -14.582 -11.700 5.148   1.000 25.409 0 322 HOH A O   1 ? ? 
HETATM 830 O O   . HOH C 3 .   ? -13.448 -5.024  8.487   1.000 15.223 0 323 HOH A O   1 ? ? 
HETATM 831 O O   . HOH C 3 .   ? -1.486  -8.208  -6.830  1.000 31.840 0 324 HOH A O   1 ? ? 
HETATM 832 O O   . HOH C 3 .   ? -7.420  -11.373 7.635   1.000 14.796 0 325 HOH A O   1 ? ? 
HETATM 833 O O   . HOH C 3 .   ? 1.095   -9.319  9.295   1.000 17.859 0 326 HOH A O   1 ? ? 
HETATM 834 O O   . HOH C 3 .   ? 10.963  10.655  4.460   1.000 29.431 0 327 HOH A O   1 ? ? 
HETATM 835 O O   . HOH C 3 .   ? 9.859   0.737   -8.044  1.000 13.428 0 328 HOH A O   1 ? ? 
HETATM 836 O O   . HOH C 3 .   ? 18.592  9.104   -1.840  1.000 27.095 0 329 HOH A O   1 ? ? 
HETATM 837 O O   . HOH C 3 .   ? 2.573   15.794  8.309   1.000 36.340 0 330 HOH A O   1 ? ? 
HETATM 838 O O   . HOH C 3 .   ? 4.814   -9.342  7.478   1.000 33.820 0 331 HOH A O   1 ? ? 
HETATM 839 O O   . HOH C 3 .   ? 0.042   -18.132 1.736   1.000 18.595 0 332 HOH A O   1 ? ? 
HETATM 840 O O   . HOH C 3 .   ? -4.609  2.797   -9.294  0.500 19.018 0 333 HOH A O   1 ? ? 
HETATM 841 O O   . HOH C 3 .   ? 8.094   -5.982  7.475   1.000 24.202 0 334 HOH A O   1 ? ? 
HETATM 842 O O   . HOH C 3 .   ? -5.125  -22.252 -0.520  1.000 29.582 0 335 HOH A O   1 ? ? 
HETATM 843 O O   . HOH C 3 .   ? -2.593  -1.626  -4.970  1.000 13.676 0 336 HOH A O   1 ? ? 
HETATM 844 O O   . HOH C 3 .   ? -8.888  -10.960 -2.927  1.000 27.891 0 337 HOH A O   1 ? ? 
HETATM 845 O O   . HOH C 3 .   ? -10.661 -2.679  11.135  1.000 12.978 0 338 HOH A O   1 ? ? 
HETATM 846 O O   . HOH C 3 .   ? -4.669  -18.320 1.011   1.000 25.789 0 339 HOH A O   1 ? ? 
HETATM 847 O O   . HOH C 3 .   ? -2.430  -10.413 -2.020  1.000 17.774 0 340 HOH A O   1 ? ? 
HETATM 848 O O   . HOH C 3 .   ? -7.349  -9.018  5.116   1.000 10.770 0 341 HOH A O   1 ? ? 
HETATM 849 O O   . HOH C 3 .   ? 11.784  4.410   -1.828  1.000 22.218 0 342 HOH A O   1 ? ? 
HETATM 850 O O   . HOH C 3 .   ? -0.004  10.140  -12.467 1.000 20.919 0 343 HOH A O   1 ? ? 
HETATM 851 O O   . HOH C 3 .   ? 1.204   -3.127  -7.537  1.000 24.097 0 344 HOH A O   1 ? ? 
HETATM 852 O O   . HOH C 3 .   ? 12.621  8.211   4.264   1.000 33.636 0 345 HOH A O   1 ? ? 
HETATM 853 O O   . HOH C 3 .   ? 6.254   -12.166 4.788   1.000 25.541 0 346 HOH A O   1 ? ? 
HETATM 854 O O   . HOH C 3 .   ? 7.483   5.035   11.134  1.000 36.315 0 347 HOH A O   1 ? ? 
HETATM 855 O O   . HOH C 3 .   ? -6.789  -22.527 3.469   1.000 25.756 0 348 HOH A O   1 ? ? 
HETATM 856 O O   . HOH C 3 .   ? -11.208 -3.721  -2.863  1.000 31.904 0 349 HOH A O   1 ? ? 
HETATM 857 O O   . HOH C 3 .   ? -9.014  -13.453 -0.993  1.000 24.737 0 350 HOH A O   1 ? ? 
HETATM 858 O O   . HOH C 3 .   ? 3.715   -16.486 7.587   1.000 36.441 0 351 HOH A O   1 ? ? 
HETATM 859 O O   . HOH C 3 .   ? 11.169  0.881   -5.574  1.000 28.512 0 352 HOH A O   1 ? ? 
HETATM 860 O O   . HOH C 3 .   ? 2.664   -11.390 8.321   1.000 22.788 0 353 HOH A O   1 ? ? 
HETATM 861 O O   . HOH C 3 .   ? 11.854  -5.831  0.241   1.000 31.808 0 354 HOH A O   1 ? ? 
HETATM 862 O O   . HOH C 3 .   ? -13.252 -4.320  -9.187  1.000 35.947 0 355 HOH A O   1 ? ? 
HETATM 863 O O   . HOH C 3 .   ? 1.859   8.534   -13.907 1.000 28.129 0 356 HOH A O   1 ? ? 
HETATM 864 O O   . HOH C 3 .   ? -10.194 2.463   12.802  1.000 34.160 0 357 HOH A O   1 ? ? 
HETATM 865 O O   . HOH C 3 .   ? -3.272  -10.752 12.040  1.000 26.848 0 358 HOH A O   1 ? ? 
HETATM 866 O O   . HOH C 3 .   ? -10.533 5.911   -5.920  1.000 30.546 0 359 HOH A O   1 ? ? 
HETATM 867 O O   . HOH C 3 .   ? -3.141  -10.287 14.789  1.000 38.762 0 360 HOH A O   1 ? ? 
HETATM 868 O O   . HOH C 3 .   ? -7.646  -13.540 9.152   1.000 23.015 0 361 HOH A O   1 ? ? 
HETATM 869 O O   . HOH C 3 .   ? -3.169  -1.891  -7.607  1.000 25.388 0 362 HOH A O   1 ? ? 
HETATM 870 O O   . HOH C 3 .   ? 0.452   13.495  9.194   1.000 26.405 0 363 HOH A O   1 ? ? 
HETATM 871 O O   . HOH C 3 .   ? -2.686  -25.941 13.861  0.500 14.367 0 364 HOH A O   1 ? ? 
HETATM 872 O O   . HOH C 3 .   ? -0.514  -10.396 11.046  1.000 27.570 0 365 HOH A O   1 ? ? 
HETATM 873 O O   . HOH C 3 .   ? -9.822  -1.221  13.331  1.000 30.694 0 366 HOH A O   1 ? ? 
HETATM 874 O O   . HOH C 3 .   ? 0.402   11.371  7.635   1.000 25.780 0 367 HOH A O   1 ? ? 
HETATM 875 O O   . HOH C 3 .   ? -3.032  -20.106 -0.634  1.000 28.264 0 368 HOH A O   1 ? ? 
HETATM 876 O O   . HOH C 3 .   ? 6.392   4.789   -13.897 1.000 33.080 0 369 HOH A O   1 ? ? 
HETATM 877 O O   . HOH C 3 .   ? -2.054  -0.828  13.772  1.000 33.565 0 370 HOH A O   1 ? ? 
# 
loop_
_atom_site_anisotrop.id 
_atom_site_anisotrop.type_symbol 
_atom_site_anisotrop.pdbx_label_atom_id 
_atom_site_anisotrop.pdbx_label_alt_id 
_atom_site_anisotrop.pdbx_label_comp_id 
_atom_site_anisotrop.pdbx_label_asym_id 
_atom_site_anisotrop.pdbx_label_seq_id 
_atom_site_anisotrop.pdbx_PDB_ins_code 
_atom_site_anisotrop.U[1][1] 
_atom_site_anisotrop.U[2][2] 
_atom_site_anisotrop.U[3][3] 
_atom_site_anisotrop.U[1][2] 
_atom_site_anisotrop.U[1][3] 
_atom_site_anisotrop.U[2][3] 
_atom_site_anisotrop.pdbx_auth_seq_id 
_atom_site_anisotrop.pdbx_auth_comp_id 
_atom_site_anisotrop.pdbx_auth_asym_id 
_atom_site_anisotrop.pdbx_auth_atom_id 
1   N N   . VAL A 2   ? 0.2753 0.2823 0.2753 0.0168  0.0292  0.0226  2   VAL A N   
2   C CA  . VAL A 2   ? 0.2434 0.2504 0.2423 0.0158  0.0275  0.0202  2   VAL A CA  
3   C C   . VAL A 2   ? 0.2293 0.2403 0.2284 0.0174  0.0277  0.0223  2   VAL A C   
4   O O   . VAL A 2   ? 0.2488 0.2668 0.2484 0.0178  0.0274  0.0257  2   VAL A O   
5   C CB  . VAL A 2   ? 0.2541 0.2655 0.2524 0.0134  0.0261  0.0169  2   VAL A CB  
6   C CG1 . VAL A 2   ? 0.2716 0.2845 0.2699 0.0122  0.0245  0.0153  2   VAL A CG1 
7   C CG2 . VAL A 2   ? 0.2697 0.2777 0.2696 0.0120  0.0258  0.0142  2   VAL A CG2 
8   N N   . SER A 3   ? 0.2018 0.2087 0.2016 0.0177  0.0279  0.0216  3   SER A N   
9   C CA  A SER A 3   ? 0.1949 0.2041 0.1950 0.0190  0.0284  0.0238  3   SER A CA  
10  C CA  B SER A 3   ? 0.2016 0.2105 0.2019 0.0186  0.0282  0.0235  3   SER A CA  
11  C C   . SER A 3   ? 0.1835 0.1923 0.1832 0.0169  0.0266  0.0204  3   SER A C   
12  O O   . SER A 3   ? 0.1850 0.1858 0.1832 0.0159  0.0271  0.0188  3   SER A O   
13  C CB  A SER A 3   ? 0.2030 0.2094 0.2036 0.0211  0.0318  0.0265  3   SER A CB  
14  C CB  B SER A 3   ? 0.2174 0.2225 0.2181 0.0211  0.0323  0.0268  3   SER A CB  
15  O OG  A SER A 3   ? 0.1935 0.2033 0.1972 0.0220  0.0318  0.0286  3   SER A OG  
16  O OG  B SER A 3   ? 0.2324 0.2387 0.2350 0.0241  0.0341  0.0303  3   SER A OG  
17  N N   . ASP A 4   ? 0.1743 0.1883 0.1733 0.0151  0.0245  0.0192  4   ASP A N   
18  C CA  . ASP A 4   ? 0.1613 0.1746 0.1611 0.0144  0.0232  0.0165  4   ASP A CA  
19  C C   . ASP A 4   ? 0.1739 0.1884 0.1747 0.0154  0.0245  0.0185  4   ASP A C   
20  O O   . ASP A 4   ? 0.1975 0.2187 0.2008 0.0165  0.0248  0.0220  4   ASP A O   
21  C CB  . ASP A 4   ? 0.1631 0.1817 0.1632 0.0117  0.0215  0.0141  4   ASP A CB  
22  C CG  . ASP A 4   ? 0.1609 0.1770 0.1611 0.0098  0.0211  0.0113  4   ASP A CG  
23  O OD1 . ASP A 4   ? 0.1530 0.1619 0.1531 0.0098  0.0215  0.0099  4   ASP A OD1 
24  O OD2 . ASP A 4   ? 0.1741 0.1940 0.1729 0.0082  0.0215  0.0110  4   ASP A OD2 
25  N N   . VAL A 5   ? 0.1588 0.1662 0.1580 0.0152  0.0254  0.0176  5   VAL A N   
26  C CA  . VAL A 5   ? 0.1685 0.1765 0.1701 0.0172  0.0270  0.0201  5   VAL A CA  
27  C C   . VAL A 5   ? 0.1584 0.1663 0.1594 0.0156  0.0253  0.0170  5   VAL A C   
28  O O   . VAL A 5   ? 0.1608 0.1632 0.1590 0.0138  0.0255  0.0146  5   VAL A O   
29  C CB  . VAL A 5   ? 0.1756 0.1741 0.1733 0.0183  0.0303  0.0202  5   VAL A CB  
30  C CG1 . VAL A 5   ? 0.1898 0.1855 0.1887 0.0196  0.0340  0.0218  5   VAL A CG1 
31  C CG2 . VAL A 5   ? 0.1818 0.1777 0.1795 0.0199  0.0326  0.0224  5   VAL A CG2 
32  N N   . PRO A 6   ? 0.1628 0.1792 0.1670 0.0150  0.0246  0.0181  6   PRO A N   
33  C CA  . PRO A 6   ? 0.1742 0.1920 0.1789 0.0133  0.0232  0.0158  6   PRO A CA  
34  C C   . PRO A 6   ? 0.1722 0.1874 0.1774 0.0142  0.0255  0.0173  6   PRO A C   
35  O O   . PRO A 6   ? 0.1913 0.2079 0.1988 0.0170  0.0275  0.0203  6   PRO A O   
36  C CB  . PRO A 6   ? 0.1789 0.2068 0.1853 0.0114  0.0214  0.0158  6   PRO A CB  
37  C CG  . PRO A 6   ? 0.1970 0.2294 0.2066 0.0143  0.0223  0.0212  6   PRO A CG  
38  C CD  . PRO A 6   ? 0.1899 0.2147 0.1974 0.0155  0.0241  0.0218  6   PRO A CD  
39  N N   . ARG A 7   ? 0.1758 0.1873 0.1799 0.0128  0.0251  0.0139  7   ARG A N   
40  C CA  . ARG A 7   ? 0.1956 0.2058 0.2016 0.0139  0.0264  0.0145  7   ARG A CA  
41  C C   . ARG A 7   ? 0.1758 0.1917 0.1835 0.0118  0.0244  0.0120  7   ARG A C   
42  O O   . ARG A 7   ? 0.1534 0.1654 0.1592 0.0090  0.0234  0.0096  7   ARG A O   
43  C CB  . ARG A 7   ? 0.2436 0.2445 0.2458 0.0138  0.0286  0.0134  7   ARG A CB  
44  C CG  . ARG A 7   ? 0.3059 0.2999 0.3042 0.0157  0.0313  0.0152  7   ARG A CG  
45  C CD  . ARG A 7   ? 0.3721 0.3655 0.3725 0.0176  0.0356  0.0182  7   ARG A CD  
46  N NE  . ARG A 7   ? 0.4480 0.4336 0.4454 0.0190  0.0393  0.0194  7   ARG A NE  
47  C CZ  . ARG A 7   ? 0.4393 0.4278 0.4398 0.0207  0.0401  0.0225  7   ARG A CZ  
48  N NH1 . ARG A 7   ? 0.4229 0.4215 0.4286 0.0217  0.0377  0.0237  7   ARG A NH1 
49  N NH2 . ARG A 7   ? 0.4635 0.4447 0.4618 0.0217  0.0443  0.0229  7   ARG A NH2 
50  N N   . ASP A 8   ? 0.1708 0.1951 0.1831 0.0108  0.0242  0.0139  8   ASP A N   
51  C CA  . ASP A 8   ? 0.1626 0.1914 0.1770 0.0085  0.0229  0.0113  8   ASP A CA  
52  C C   . ASP A 8   ? 0.1489 0.1797 0.1624 0.0058  0.0211  0.0086  8   ASP A C   
53  O O   . ASP A 8   ? 0.1581 0.1875 0.1704 0.0031  0.0208  0.0052  8   ASP A O   
54  C CB  . ASP A 8   ? 0.1769 0.1991 0.1900 0.0085  0.0243  0.0102  8   ASP A CB  
55  C CG  . ASP A 8   ? 0.2233 0.2428 0.2379 0.0113  0.0271  0.0132  8   ASP A CG  
56  O OD1 . ASP A 8   ? 0.2519 0.2772 0.2709 0.0127  0.0279  0.0163  8   ASP A OD1 
57  O OD2 . ASP A 8   ? 0.2365 0.2467 0.2467 0.0119  0.0293  0.0128  8   ASP A OD2 
58  N N   . LEU A 9   ? 0.1525 0.1851 0.1634 0.0057  0.0199  0.0089  9   LEU A N   
59  C CA  . LEU A 9   ? 0.1570 0.1930 0.1670 0.0021  0.0188  0.0068  9   LEU A CA  
60  C C   . LEU A 9   ? 0.1581 0.2001 0.1668 0.0026  0.0172  0.0096  9   LEU A C   
61  O O   . LEU A 9   ? 0.1626 0.2049 0.1725 0.0057  0.0182  0.0137  9   LEU A O   
62  C CB  . LEU A 9   ? 0.1594 0.1900 0.1686 0.0021  0.0188  0.0033  9   LEU A CB  
63  C CG  . LEU A 9   ? 0.1599 0.1842 0.1659 0.0042  0.0197  0.0048  9   LEU A CG  
64  C CD1 . LEU A 9   ? 0.1688 0.1953 0.1749 0.0045  0.0188  0.0062  9   LEU A CD1 
65  C CD2 . LEU A 9   ? 0.1587 0.1752 0.1651 0.0031  0.0200  0.0024  9   LEU A CD2 
66  N N   . GLU A 10  ? 0.1646 0.2118 0.1725 -0.0007 0.0161  0.0071  10  GLU A N   
67  C CA  . GLU A 10  ? 0.1849 0.2373 0.1907 -0.0018 0.0147  0.0091  10  GLU A CA  
68  C C   . GLU A 10  ? 0.1736 0.2224 0.1769 -0.0024 0.0161  0.0069  10  GLU A C   
69  O O   . GLU A 10  ? 0.1701 0.2138 0.1722 -0.0035 0.0172  0.0024  10  GLU A O   
70  C CB  . GLU A 10  ? 0.2282 0.2901 0.2328 -0.0065 0.0136  0.0096  10  GLU A CB  
71  C CG  . GLU A 10  ? 0.2874 0.3551 0.2884 -0.0084 0.0118  0.0111  10  GLU A CG  
72  C CD  . GLU A 10  ? 0.3501 0.4270 0.3499 -0.0145 0.0092  0.0105  10  GLU A CD  
73  O OE1 . GLU A 10  ? 0.4599 0.5396 0.4545 -0.0177 0.0085  0.0106  10  GLU A OE1 
74  O OE2 . GLU A 10  ? 0.4227 0.5017 0.4245 -0.0162 0.0089  0.0093  10  GLU A OE2 
75  N N   . VAL A 11  ? 0.1771 0.2246 0.1783 -0.0001 0.0159  0.0103  11  VAL A N   
76  C CA  . VAL A 11  ? 0.1848 0.2287 0.1835 -0.0007 0.0173  0.0082  11  VAL A CA  
77  C C   . VAL A 11  ? 0.2044 0.2554 0.1992 -0.0042 0.0160  0.0080  11  VAL A C   
78  O O   . VAL A 11  ? 0.2222 0.2799 0.2179 -0.0045 0.0146  0.0127  11  VAL A O   
79  C CB  . VAL A 11  ? 0.1780 0.2181 0.1769 0.0033  0.0178  0.0111  11  VAL A CB  
80  C CG1 . VAL A 11  ? 0.1767 0.2142 0.1741 0.0024  0.0190  0.0100  11  VAL A CG1 
81  C CG2 . VAL A 11  ? 0.1741 0.2077 0.1752 0.0061  0.0185  0.0113  11  VAL A CG2 
82  N N   . VAL A 12  ? 0.1993 0.2491 0.1916 -0.0088 0.0174  0.0033  12  VAL A N   
83  C CA  . VAL A 12  ? 0.2271 0.2832 0.2147 -0.0139 0.0163  0.0023  12  VAL A CA  
84  C C   . VAL A 12  ? 0.2497 0.3049 0.2334 -0.0139 0.0177  0.0023  12  VAL A C   
85  O O   . VAL A 12  ? 0.2542 0.3163 0.2346 -0.0155 0.0155  0.0055  12  VAL A O   
86  C CB  . VAL A 12  ? 0.2455 0.2982 0.2314 -0.0181 0.0180  -0.0036 12  VAL A CB  
87  C CG1 . VAL A 12  ? 0.2563 0.3135 0.2342 -0.0246 0.0180  -0.0058 12  VAL A CG1 
88  C CG2 . VAL A 12  ? 0.2574 0.3117 0.2479 -0.0181 0.0174  -0.0041 12  VAL A CG2 
89  N N   . GLU A 13  ? 0.2422 0.2886 0.2282 -0.0117 0.0195  0.0007  13  GLU A N   
90  C CA  . GLU A 13  ? 0.2706 0.3154 0.2530 -0.0115 0.0218  0.0009  13  GLU A CA  
91  C C   . GLU A 13  ? 0.2395 0.2777 0.2268 -0.0068 0.0227  0.0015  13  GLU A C   
92  O O   . GLU A 13  ? 0.2100 0.2434 0.2016 -0.0061 0.0229  0.0002  13  GLU A O   
93  C CB  . GLU A 13  ? 0.3337 0.3754 0.3119 -0.0162 0.0248  -0.0044 13  GLU A CB  
94  C CG  . GLU A 13  ? 0.4569 0.5042 0.4289 -0.0222 0.0239  -0.0055 13  GLU A CG  
95  C CD  . GLU A 13  ? 0.5638 0.6167 0.5295 -0.0233 0.0220  -0.0019 13  GLU A CD  
96  O OE1 . GLU A 13  ? 0.6717 0.7241 0.6403 -0.0190 0.0221  0.0009  13  GLU A OE1 
97  O OE2 . GLU A 13  ? 0.6562 0.7173 0.6174 -0.0284 0.0199  -0.0019 13  GLU A OE2 
98  N N   . ALA A 14  ? 0.2327 0.2688 0.2205 -0.0049 0.0229  0.0039  14  ALA A N   
99  C CA  . ALA A 14  ? 0.2122 0.2415 0.2043 -0.0016 0.0245  0.0036  14  ALA A CA  
100 C C   . ALA A 14  ? 0.2211 0.2500 0.2120 -0.0012 0.0262  0.0046  14  ALA A C   
101 O O   . ALA A 14  ? 0.2425 0.2744 0.2291 -0.0020 0.0261  0.0065  14  ALA A O   
102 C CB  . ALA A 14  ? 0.1986 0.2279 0.1935 0.0019  0.0225  0.0075  14  ALA A CB  
103 N N   . SER A 15  ? 0.2010 0.2213 0.1937 -0.0001 0.0279  0.0038  15  SER A N   
104 C CA  . SER A 15  ? 0.1978 0.2168 0.1924 0.0010  0.0292  0.0045  15  SER A CA  
105 C C   . SER A 15  ? 0.1791 0.1921 0.1778 0.0039  0.0289  0.0055  15  SER A C   
106 O O   . SER A 15  ? 0.1535 0.1648 0.1547 0.0046  0.0278  0.0058  15  SER A O   
107 C CB  . SER A 15  ? 0.2054 0.2213 0.1994 -0.0017 0.0328  0.0013  15  SER A CB  
108 O OG  . SER A 15  ? 0.2086 0.2187 0.2077 -0.0015 0.0341  -0.0006 15  SER A OG  
109 N N   . PRO A 16  ? 0.1827 0.1924 0.1829 0.0050  0.0299  0.0071  16  PRO A N   
110 C CA  . PRO A 16  ? 0.1762 0.1816 0.1802 0.0065  0.0292  0.0082  16  PRO A CA  
111 C C   . PRO A 16  ? 0.1662 0.1686 0.1761 0.0057  0.0288  0.0060  16  PRO A C   
112 O O   . PRO A 16  ? 0.1540 0.1537 0.1654 0.0067  0.0267  0.0072  16  PRO A O   
113 C CB  . PRO A 16  ? 0.1813 0.1844 0.1863 0.0072  0.0318  0.0093  16  PRO A CB  
114 C CG  . PRO A 16  ? 0.1933 0.2019 0.1938 0.0073  0.0320  0.0112  16  PRO A CG  
115 C CD  . PRO A 16  ? 0.1979 0.2111 0.1950 0.0044  0.0319  0.0085  16  PRO A CD  
116 N N   . THR A 17  ? 0.1598 0.1633 0.1709 0.0037  0.0310  0.0032  17  THR A N   
117 C CA  . THR A 17  ? 0.1575 0.1581 0.1754 0.0030  0.0310  0.0026  17  THR A CA  
118 C C   . THR A 17  ? 0.1498 0.1507 0.1665 0.0017  0.0317  0.0000  17  THR A C   
119 O O   . THR A 17  ? 0.1365 0.1365 0.1590 0.0008  0.0325  -0.0010 17  THR A O   
120 C CB  . THR A 17  ? 0.1685 0.1660 0.1895 0.0022  0.0353  0.0016  17  THR A CB  
121 O OG1 . THR A 17  ? 0.1751 0.1742 0.1917 0.0000  0.0388  -0.0010 17  THR A OG1 
122 C CG2 . THR A 17  ? 0.1722 0.1689 0.1968 0.0036  0.0352  0.0036  17  THR A CG2 
123 N N   . SER A 18  ? 0.1621 0.1674 0.1735 0.0007  0.0307  -0.0001 18  SER A N   
124 C CA  . SER A 18  ? 0.1672 0.1742 0.1776 -0.0008 0.0312  -0.0035 18  SER A CA  
125 C C   . SER A 18  ? 0.1532 0.1637 0.1581 -0.0008 0.0285  -0.0024 18  SER A C   
126 O O   . SER A 18  ? 0.1583 0.1722 0.1605 0.0004  0.0271  0.0006  18  SER A O   
127 C CB  . SER A 18  ? 0.2033 0.2116 0.2111 -0.0042 0.0353  -0.0060 18  SER A CB  
128 O OG  . SER A 18  ? 0.2593 0.2708 0.2589 -0.0048 0.0348  -0.0061 18  SER A OG  
129 N N   . ILE A 19  ? 0.1646 0.1761 0.1703 -0.0020 0.0282  -0.0042 19  ILE A N   
130 C CA  . ILE A 19  ? 0.1477 0.1649 0.1514 -0.0020 0.0259  -0.0032 19  ILE A CA  
131 C C   . ILE A 19  ? 0.1538 0.1722 0.1570 -0.0052 0.0273  -0.0063 19  ILE A C   
132 O O   . ILE A 19  ? 0.1492 0.1628 0.1559 -0.0054 0.0283  -0.0084 19  ILE A O   
133 C CB  . ILE A 19  ? 0.1549 0.1701 0.1590 0.0006  0.0238  -0.0003 19  ILE A CB  
134 C CG1 . ILE A 19  ? 0.1537 0.1736 0.1557 0.0010  0.0222  0.0012  19  ILE A CG1 
135 C CG2 . ILE A 19  ? 0.1497 0.1588 0.1575 0.0010  0.0231  -0.0014 19  ILE A CG2 
136 C CD1 . ILE A 19  ? 0.1602 0.1758 0.1619 0.0039  0.0209  0.0035  19  ILE A CD1 
137 N N   . GLN A 20  ? 0.1528 0.1750 0.1502 -0.0063 0.0258  -0.0063 20  GLN A N   
138 C CA  . GLN A 20  ? 0.1608 0.1865 0.1587 -0.0100 0.0267  -0.0091 20  GLN A CA  
139 C C   . GLN A 20  ? 0.1488 0.1773 0.1468 -0.0086 0.0237  -0.0069 20  GLN A C   
140 O O   . GLN A 20  ? 0.1576 0.1918 0.1536 -0.0076 0.0215  -0.0033 20  GLN A O   
141 C CB  . GLN A 20  ? 0.1790 0.2077 0.1713 -0.0142 0.0280  -0.0116 20  GLN A CB  
142 C CG  . GLN A 20  ? 0.1969 0.2272 0.1869 -0.0180 0.0288  -0.0147 20  GLN A CG  
143 C CD  . GLN A 20  ? 0.2458 0.2800 0.2301 -0.0244 0.0295  -0.0177 20  GLN A CD  
144 O OE1 . GLN A 20  ? 0.3006 0.3387 0.2797 -0.0249 0.0283  -0.0154 20  GLN A OE1 
145 N NE2 . GLN A 20  ? 0.2642 0.2958 0.2469 -0.0287 0.0328  -0.0220 20  GLN A NE2 
146 N N   . ILE A 21  ? 0.1411 0.1664 0.1415 -0.0077 0.0241  -0.0079 21  ILE A N   
147 C CA  . ILE A 21  ? 0.1405 0.1699 0.1426 -0.0070 0.0215  -0.0056 21  ILE A CA  
148 C C   . ILE A 21  ? 0.1482 0.1801 0.1496 -0.0102 0.0224  -0.0090 21  ILE A C   
149 O O   . ILE A 21  ? 0.1558 0.1842 0.1590 -0.0122 0.0244  -0.0123 21  ILE A O   
150 C CB  . ILE A 21  ? 0.1337 0.1562 0.1382 -0.0030 0.0210  -0.0043 21  ILE A CB  
151 C CG1 . ILE A 21  ? 0.1330 0.1502 0.1419 -0.0033 0.0233  -0.0066 21  ILE A CG1 
152 C CG2 . ILE A 21  ? 0.1377 0.1594 0.1419 -0.0004 0.0207  -0.0016 21  ILE A CG2 
153 C CD1 . ILE A 21  ? 0.1464 0.1599 0.1568 -0.0019 0.0219  -0.0048 21  ILE A CD1 
154 N N   . SER A 22  ? 0.1586 0.1949 0.1605 -0.0099 0.0205  -0.0066 22  SER A N   
155 C CA  . SER A 22  ? 0.1635 0.2029 0.1667 -0.0130 0.0203  -0.0091 22  SER A CA  
156 C C   . SER A 22  ? 0.1515 0.1920 0.1585 -0.0098 0.0193  -0.0062 22  SER A C   
157 O O   . SER A 22  ? 0.1563 0.1984 0.1633 -0.0069 0.0181  -0.0022 22  SER A O   
158 C CB  . SER A 22  ? 0.1987 0.2449 0.1974 -0.0179 0.0197  -0.0102 22  SER A CB  
159 O OG  . SER A 22  ? 0.2835 0.3380 0.2835 -0.0167 0.0171  -0.0050 22  SER A OG  
160 N N   . TRP A 23  ? 0.1508 0.1899 0.1594 -0.0112 0.0202  -0.0077 23  TRP A N   
161 C CA  . TRP A 23  ? 0.1545 0.1917 0.1649 -0.0087 0.0201  -0.0056 23  TRP A CA  
162 C C   . TRP A 23  ? 0.1648 0.2066 0.1776 -0.0119 0.0201  -0.0073 23  TRP A C   
163 O O   . TRP A 23  ? 0.1748 0.2185 0.1857 -0.0160 0.0212  -0.0108 23  TRP A O   
164 C CB  . TRP A 23  ? 0.1466 0.1772 0.1591 -0.0059 0.0208  -0.0055 23  TRP A CB  
165 C CG  . TRP A 23  ? 0.1510 0.1751 0.1639 -0.0076 0.0229  -0.0088 23  TRP A CG  
166 C CD1 . TRP A 23  ? 0.1481 0.1717 0.1642 -0.0083 0.0240  -0.0106 23  TRP A CD1 
167 C CD2 . TRP A 23  ? 0.1392 0.1610 0.1528 -0.0088 0.0241  -0.0113 23  TRP A CD2 
168 N NE1 . TRP A 23  ? 0.1472 0.1661 0.1647 -0.0097 0.0264  -0.0129 23  TRP A NE1 
169 C CE2 . TRP A 23  ? 0.1471 0.1651 0.1637 -0.0094 0.0267  -0.0138 23  TRP A CE2 
170 C CE3 . TRP A 23  ? 0.1374 0.1585 0.1491 -0.0073 0.0242  -0.0108 23  TRP A CE3 
171 C CZ2 . TRP A 23  ? 0.1525 0.1660 0.1715 -0.0101 0.0285  -0.0158 23  TRP A CZ2 
172 C CZ3 . TRP A 23  ? 0.1591 0.1769 0.1720 -0.0087 0.0262  -0.0134 23  TRP A CZ3 
173 C CH2 . TRP A 23  ? 0.1562 0.1695 0.1733 -0.0100 0.0288  -0.0149 23  TRP A CH2 
174 N N   . ARG A 24  ? 0.1828 0.2260 0.1992 -0.0099 0.0203  -0.0055 24  ARG A N   
175 C CA  . ARG A 24  ? 0.2011 0.2471 0.2198 -0.0133 0.0203  -0.0067 24  ARG A CA  
176 C C   . ARG A 24  ? 0.1751 0.2137 0.1952 -0.0120 0.0225  -0.0093 24  ARG A C   
177 O O   . ARG A 24  ? 0.1581 0.1900 0.1779 -0.0085 0.0234  -0.0076 24  ARG A O   
178 C CB  . ARG A 24  ? 0.2501 0.3033 0.2715 -0.0114 0.0189  -0.0028 24  ARG A CB  
179 C CG  . ARG A 24  ? 0.3436 0.4055 0.3658 -0.0124 0.0161  0.0006  24  ARG A CG  
180 C CD  . ARG A 24  ? 0.4226 0.4903 0.4491 -0.0111 0.0156  0.0057  24  ARG A CD  
181 N NE  . ARG A 24  ? 0.5248 0.5995 0.5527 -0.0099 0.0135  0.0113  24  ARG A NE  
182 C CZ  . ARG A 24  ? 0.5866 0.6674 0.6220 -0.0069 0.0135  0.0166  24  ARG A CZ  
183 N NH1 . ARG A 24  ? 0.5926 0.6716 0.6318 -0.0051 0.0154  0.0173  24  ARG A NH1 
184 N NH2 . ARG A 24  ? 0.6242 0.7125 0.6613 -0.0056 0.0118  0.0221  24  ARG A NH2 
185 N N   . HIS A 25  ? 0.1738 0.2122 0.1951 -0.0150 0.0239  -0.0125 25  HIS A N   
186 C CA  . HIS A 25  ? 0.1670 0.2003 0.1907 -0.0149 0.0267  -0.0136 25  HIS A CA  
187 C C   . HIS A 25  ? 0.1552 0.1896 0.1822 -0.0111 0.0256  -0.0100 25  HIS A C   
188 O O   . HIS A 25  ? 0.1575 0.1966 0.1839 -0.0112 0.0245  -0.0076 25  HIS A O   
189 C CB  . HIS A 25  ? 0.1810 0.2179 0.2061 -0.0194 0.0279  -0.0176 25  HIS A CB  
190 C CG  . HIS A 25  ? 0.2017 0.2313 0.2300 -0.0188 0.0309  -0.0198 25  HIS A CG  
191 N ND1 . HIS A 25  ? 0.2054 0.2335 0.2371 -0.0167 0.0317  -0.0169 25  HIS A ND1 
192 C CD2 . HIS A 25  ? 0.2131 0.2384 0.2435 -0.0207 0.0339  -0.0228 25  HIS A CD2 
193 C CE1 . HIS A 25  ? 0.2132 0.2347 0.2462 -0.0164 0.0343  -0.0188 25  HIS A CE1 
194 N NE2 . HIS A 25  ? 0.2450 0.2658 0.2782 -0.0188 0.0361  -0.0227 25  HIS A NE2 
195 N N   . PRO A 26  ? 0.1440 0.1707 0.1703 -0.0080 0.0268  -0.0099 26  PRO A N   
196 C CA  . PRO A 26  ? 0.1410 0.1647 0.1673 -0.0050 0.0276  -0.0062 26  PRO A CA  
197 C C   . PRO A 26  ? 0.1440 0.1708 0.1742 -0.0069 0.0287  -0.0068 26  PRO A C   
198 O O   . PRO A 26  ? 0.1500 0.1801 0.1819 -0.0102 0.0288  -0.0098 26  PRO A O   
199 C CB  . PRO A 26  ? 0.1477 0.1625 0.1718 -0.0029 0.0286  -0.0061 26  PRO A CB  
200 C CG  . PRO A 26  ? 0.1421 0.1561 0.1678 -0.0052 0.0286  -0.0086 26  PRO A CG  
201 C CD  . PRO A 26  ? 0.1377 0.1565 0.1628 -0.0080 0.0287  -0.0107 26  PRO A CD  
202 N N   . HIS A 27  ? 0.1522 0.1765 0.1832 -0.0043 0.0301  -0.0040 27  HIS A N   
203 C CA  . HIS A 27  ? 0.1691 0.1947 0.2043 -0.0048 0.0315  -0.0047 27  HIS A CA  
204 C C   . HIS A 27  ? 0.1791 0.2000 0.2148 -0.0053 0.0336  -0.0058 27  HIS A C   
205 O O   . HIS A 27  ? 0.2020 0.2216 0.2404 -0.0051 0.0353  -0.0063 27  HIS A O   
206 C CB  . HIS A 27  ? 0.1738 0.2002 0.2101 -0.0014 0.0327  -0.0004 27  HIS A CB  
207 C CG  . HIS A 27  ? 0.1846 0.2187 0.2226 -0.0010 0.0310  0.0024  27  HIS A CG  
208 N ND1 . HIS A 27  ? 0.2025 0.2461 0.2434 -0.0047 0.0282  0.0022  27  HIS A ND1 
209 C CD2 . HIS A 27  ? 0.1959 0.2279 0.2322 0.0014  0.0316  0.0059  27  HIS A CD2 
210 C CE1 . HIS A 27  ? 0.2242 0.2723 0.2654 -0.0028 0.0276  0.0061  27  HIS A CE1 
211 N NE2 . HIS A 27  ? 0.1963 0.2381 0.2356 0.0009  0.0292  0.0086  27  HIS A NE2 
212 N N   . PHE A 28  ? 0.1716 0.1864 0.2060 -0.0061 0.0341  -0.0078 28  PHE A N   
213 C CA  . PHE A 28  ? 0.1703 0.1791 0.2036 -0.0060 0.0360  -0.0090 28  PHE A CA  
214 C C   . PHE A 28  ? 0.1820 0.1904 0.2176 -0.0087 0.0366  -0.0123 28  PHE A C   
215 O O   . PHE A 28  ? 0.1666 0.1785 0.2019 -0.0090 0.0349  -0.0136 28  PHE A O   
216 C CB  . PHE A 28  ? 0.1666 0.1683 0.1971 -0.0032 0.0355  -0.0067 28  PHE A CB  
217 C CG  . PHE A 28  ? 0.1525 0.1525 0.1780 -0.0023 0.0336  -0.0052 28  PHE A CG  
218 C CD1 . PHE A 28  ? 0.1535 0.1515 0.1810 -0.0029 0.0332  -0.0059 28  PHE A CD1 
219 C CD2 . PHE A 28  ? 0.1572 0.1560 0.1798 -0.0001 0.0329  -0.0034 28  PHE A CD2 
220 C CE1 . PHE A 28  ? 0.1437 0.1401 0.1682 -0.0021 0.0310  -0.0052 28  PHE A CE1 
221 C CE2 . PHE A 28  ? 0.1480 0.1449 0.1661 0.0002  0.0310  -0.0026 28  PHE A CE2 
222 C CZ  . PHE A 28  ? 0.1475 0.1434 0.1670 -0.0003 0.0298  -0.0032 28  PHE A CZ  
223 N N   . PRO A 29  ? 0.1951 0.2009 0.2350 -0.0098 0.0392  -0.0143 29  PRO A N   
224 C CA  . PRO A 29  ? 0.2094 0.2141 0.2505 -0.0125 0.0412  -0.0169 29  PRO A CA  
225 C C   . PRO A 29  ? 0.1924 0.1940 0.2336 -0.0102 0.0395  -0.0156 29  PRO A C   
226 O O   . PRO A 29  ? 0.2023 0.1991 0.2426 -0.0077 0.0390  -0.0115 29  PRO A O   
227 C CB  . PRO A 29  ? 0.2286 0.2312 0.2752 -0.0134 0.0447  -0.0174 29  PRO A CB  
228 C CG  . PRO A 29  ? 0.2476 0.2501 0.2933 -0.0125 0.0443  -0.0163 29  PRO A CG  
229 C CD  . PRO A 29  ? 0.2271 0.2310 0.2689 -0.0098 0.0413  -0.0126 29  PRO A CD  
230 N N   . THR A 30  ? 0.1899 0.1929 0.2311 -0.0120 0.0402  -0.0178 30  THR A N   
231 C CA  . THR A 30  ? 0.1888 0.1894 0.2298 -0.0108 0.0389  -0.0158 30  THR A CA  
232 C C   . THR A 30  ? 0.1869 0.1848 0.2323 -0.0126 0.0437  -0.0184 30  THR A C   
233 O O   . THR A 30  ? 0.2223 0.2218 0.2679 -0.0162 0.0457  -0.0223 30  THR A O   
234 C CB  . THR A 30  ? 0.1738 0.1772 0.2090 -0.0107 0.0367  -0.0160 30  THR A CB  
235 O OG1 . THR A 30  ? 0.1712 0.1759 0.2029 -0.0085 0.0338  -0.0130 30  THR A OG1 
236 C CG2 . THR A 30  ? 0.1724 0.1749 0.2076 -0.0096 0.0351  -0.0148 30  THR A CG2 
237 N N   . ARG A 31  ? 0.1881 0.1810 0.2369 -0.0101 0.0436  -0.0159 31  ARG A N   
238 C CA  . ARG A 31  ? 0.2071 0.1972 0.2627 -0.0117 0.0484  -0.0173 31  ARG A CA  
239 C C   . ARG A 31  ? 0.2058 0.1970 0.2592 -0.0125 0.0481  -0.0195 31  ARG A C   
240 O O   . ARG A 31  ? 0.2165 0.2071 0.2714 -0.0156 0.0529  -0.0228 31  ARG A O   
241 C CB  . ARG A 31  ? 0.2361 0.2221 0.2968 -0.0094 0.0485  -0.0123 31  ARG A CB  
242 C CG  . ARG A 31  ? 0.2734 0.2576 0.3370 -0.0085 0.0500  -0.0104 31  ARG A CG  
243 C CD  . ARG A 31  ? 0.3393 0.3226 0.4071 -0.0118 0.0558  -0.0148 31  ARG A CD  
244 N NE  . ARG A 31  ? 0.4030 0.3847 0.4723 -0.0105 0.0568  -0.0137 31  ARG A NE  
245 C CZ  . ARG A 31  ? 0.4747 0.4550 0.5483 -0.0123 0.0612  -0.0166 31  ARG A CZ  
246 N NH1 . ARG A 31  ? 0.5063 0.4879 0.5788 -0.0164 0.0647  -0.0223 31  ARG A NH1 
247 N NH2 . ARG A 31  ? 0.4808 0.4592 0.5569 -0.0112 0.0625  -0.0142 31  ARG A NH2 
248 N N   . TYR A 32  ? 0.1746 0.1664 0.2239 -0.0103 0.0444  -0.0160 32  TYR A N   
249 C CA  . TYR A 32  ? 0.1696 0.1636 0.2187 -0.0107 0.0432  -0.0169 32  TYR A CA  
250 C C   . TYR A 32  ? 0.1490 0.1446 0.1934 -0.0083 0.0388  -0.0133 32  TYR A C   
251 O O   . TYR A 32  ? 0.1490 0.1435 0.1905 -0.0073 0.0358  -0.0109 32  TYR A O   
252 C CB  . TYR A 32  ? 0.1795 0.1680 0.2355 -0.0105 0.0478  -0.0159 32  TYR A CB  
253 C CG  . TYR A 32  ? 0.1780 0.1657 0.2403 -0.0074 0.0457  -0.0100 32  TYR A CG  
254 C CD1 . TYR A 32  ? 0.1793 0.1671 0.2406 -0.0060 0.0418  -0.0063 32  TYR A CD1 
255 C CD2 . TYR A 32  ? 0.1909 0.1762 0.2599 -0.0070 0.0484  -0.0078 32  TYR A CD2 
256 C CE1 . TYR A 32  ? 0.1940 0.1801 0.2599 -0.0037 0.0396  0.0000  32  TYR A CE1 
257 C CE2 . TYR A 32  ? 0.1953 0.1787 0.2691 -0.0051 0.0460  -0.0018 32  TYR A CE2 
258 C CZ  . TYR A 32  ? 0.2161 0.2006 0.2883 -0.0034 0.0414  0.0019  32  TYR A CZ  
259 O OH  . TYR A 32  ? 0.2217 0.2052 0.2971 -0.0021 0.0388  0.0078  32  TYR A OH  
260 N N   . TYR A 33  ? 0.1413 0.1384 0.1833 -0.0088 0.0374  -0.0132 33  TYR A N   
261 C CA  . TYR A 33  ? 0.1403 0.1377 0.1770 -0.0065 0.0330  -0.0109 33  TYR A CA  
262 C C   . TYR A 33  ? 0.1374 0.1331 0.1794 -0.0047 0.0322  -0.0072 33  TYR A C   
263 O O   . TYR A 33  ? 0.1434 0.1359 0.1897 -0.0051 0.0356  -0.0083 33  TYR A O   
264 C CB  . TYR A 33  ? 0.1369 0.1379 0.1692 -0.0072 0.0320  -0.0128 33  TYR A CB  
265 C CG  . TYR A 33  ? 0.1358 0.1420 0.1642 -0.0091 0.0320  -0.0146 33  TYR A CG  
266 C CD1 . TYR A 33  ? 0.1320 0.1386 0.1594 -0.0072 0.0295  -0.0126 33  TYR A CD1 
267 C CD2 . TYR A 33  ? 0.1406 0.1489 0.1695 -0.0125 0.0344  -0.0186 33  TYR A CD2 
268 C CE1 . TYR A 33  ? 0.1413 0.1515 0.1662 -0.0088 0.0292  -0.0140 33  TYR A CE1 
269 C CE2 . TYR A 33  ? 0.1589 0.1709 0.1852 -0.0141 0.0341  -0.0201 33  TYR A CE2 
270 C CZ  . TYR A 33  ? 0.1602 0.1753 0.1865 -0.0123 0.0313  -0.0176 33  TYR A CZ  
271 O OH  . TYR A 33  ? 0.1746 0.1943 0.1991 -0.0141 0.0308  -0.0181 33  TYR A OH  
272 N N   . ARG A 34  ? 0.1279 0.1218 0.1663 -0.0037 0.0284  -0.0042 34  ARG A N   
273 C CA  . ARG A 34  ? 0.1394 0.1315 0.1811 -0.0029 0.0265  -0.0005 34  ARG A CA  
274 C C   . ARG A 34  ? 0.1410 0.1343 0.1748 -0.0019 0.0238  -0.0004 34  ARG A C   
275 O O   . ARG A 34  ? 0.1315 0.1263 0.1612 -0.0016 0.0217  -0.0008 34  ARG A O   
276 C CB  . ARG A 34  ? 0.1457 0.1355 0.1898 -0.0016 0.0240  0.0041  34  ARG A CB  
277 C CG  . ARG A 34  ? 0.1833 0.1724 0.2283 -0.0017 0.0205  0.0076  34  ARG A CG  
278 C CD  . ARG A 34  ? 0.2141 0.2016 0.2643 -0.0018 0.0183  0.0133  34  ARG A CD  
279 N NE  . ARG A 34  ? 0.2381 0.2247 0.2822 -0.0020 0.0163  0.0140  34  ARG A NE  
280 C CZ  . ARG A 34  ? 0.2382 0.2223 0.2725 -0.0025 0.0129  0.0147  34  ARG A CZ  
281 N NH1 . ARG A 34  ? 0.2586 0.2428 0.2896 -0.0031 0.0104  0.0154  34  ARG A NH1 
282 N NH2 . ARG A 34  ? 0.2243 0.2062 0.2545 -0.0035 0.0122  0.0162  34  ARG A NH2 
283 N N   . ILE A 35  ? 0.1271 0.1208 0.1641 -0.0020 0.0242  -0.0002 35  ILE A N   
284 C CA  . ILE A 35  ? 0.1367 0.1311 0.1682 -0.0009 0.0223  -0.0008 35  ILE A CA  
285 C C   . ILE A 35  ? 0.1381 0.1310 0.1709 -0.0008 0.0197  0.0029  35  ILE A C   
286 O O   . ILE A 35  ? 0.1316 0.1239 0.1734 -0.0009 0.0210  0.0049  35  ILE A O   
287 C CB  . ILE A 35  ? 0.1620 0.1584 0.1916 -0.0019 0.0249  -0.0034 35  ILE A CB  
288 C CG1 . ILE A 35  ? 0.2232 0.2236 0.2502 -0.0030 0.0261  -0.0065 35  ILE A CG1 
289 C CG2 . ILE A 35  ? 0.1499 0.1490 0.1761 -0.0015 0.0227  -0.0025 35  ILE A CG2 
290 C CD1 . ILE A 35  ? 0.2751 0.2745 0.3054 -0.0047 0.0292  -0.0092 35  ILE A CD1 
291 N N   . THR A 36  ? 0.1388 0.1302 0.1660 -0.0002 0.0164  0.0044  36  THR A N   
292 C CA  . THR A 36  ? 0.1485 0.1377 0.1757 -0.0011 0.0140  0.0080  36  THR A CA  
293 C C   . THR A 36  ? 0.1664 0.1571 0.1905 -0.0007 0.0135  0.0073  36  THR A C   
294 O O   . THR A 36  ? 0.1632 0.1539 0.1809 0.0005  0.0143  0.0054  36  THR A O   
295 C CB  . THR A 36  ? 0.1708 0.1572 0.1950 -0.0021 0.0110  0.0111  36  THR A CB  
296 O OG1 . THR A 36  ? 0.1860 0.1704 0.2016 -0.0020 0.0107  0.0098  36  THR A OG1 
297 C CG2 . THR A 36  ? 0.1657 0.1521 0.1932 -0.0026 0.0112  0.0111  36  THR A CG2 
298 N N   . TYR A 37  ? 0.1413 0.1307 0.1670 -0.0006 0.0122  0.0091  37  TYR A N   
299 C CA  . TYR A 37  ? 0.1462 0.1352 0.1687 -0.0004 0.0118  0.0088  37  TYR A CA  
300 C C   . TYR A 37  ? 0.1458 0.1323 0.1699 -0.0014 0.0087  0.0117  37  TYR A C   
301 O O   . TYR A 37  ? 0.1565 0.1444 0.1882 -0.0027 0.0081  0.0144  37  TYR A O   
302 C CB  . TYR A 37  ? 0.1516 0.1432 0.1752 0.0007  0.0151  0.0067  37  TYR A CB  
303 C CG  . TYR A 37  ? 0.1598 0.1514 0.1918 0.0007  0.0163  0.0069  37  TYR A CG  
304 C CD1 . TYR A 37  ? 0.1579 0.1516 0.1965 -0.0006 0.0192  0.0061  37  TYR A CD1 
305 C CD2 . TYR A 37  ? 0.1559 0.1486 0.1915 0.0004  0.0162  0.0086  37  TYR A CD2 
306 C CE1 . TYR A 37  ? 0.1648 0.1575 0.2117 -0.0002 0.0212  0.0070  37  TYR A CE1 
307 C CE2 . TYR A 37  ? 0.1764 0.1677 0.2189 0.0002  0.0185  0.0097  37  TYR A CE2 
308 C CZ  . TYR A 37  ? 0.1627 0.1563 0.2129 -0.0002 0.0208  0.0091  37  TYR A CZ  
309 O OH  . TYR A 37  ? 0.1867 0.1792 0.2461 0.0004  0.0242  0.0101  37  TYR A OH  
310 N N   . GLY A 38  ? 0.1550 0.1394 0.1726 -0.0027 0.0080  0.0120  38  GLY A N   
311 C CA  . GLY A 38  ? 0.1898 0.1726 0.2075 -0.0043 0.0047  0.0147  38  GLY A CA  
312 C C   . GLY A 38  ? 0.1964 0.1761 0.2084 -0.0041 0.0051  0.0144  38  GLY A C   
313 O O   . GLY A 38  ? 0.1685 0.1483 0.1752 -0.0029 0.0076  0.0122  38  GLY A O   
314 N N   . GLU A 39  ? 0.2152 0.1942 0.2306 -0.0055 0.0037  0.0157  39  GLU A N   
315 C CA  . GLU A 39  ? 0.2314 0.2088 0.2398 -0.0057 0.0045  0.0152  39  GLU A CA  
316 C C   . GLU A 39  ? 0.2736 0.2451 0.2733 -0.0082 0.0041  0.0147  39  GLU A C   
317 O O   . GLU A 39  ? 0.2973 0.2669 0.2948 -0.0104 0.0007  0.0159  39  GLU A O   
318 C CB  . GLU A 39  ? 0.2566 0.2333 0.2691 -0.0079 0.0021  0.0173  39  GLU A CB  
319 C CG  . GLU A 39  ? 0.2664 0.2476 0.2900 -0.0068 0.0039  0.0179  39  GLU A CG  
320 C CD  . GLU A 39  ? 0.2706 0.2520 0.2994 -0.0077 0.0016  0.0204  39  GLU A CD  
321 O OE1 . GLU A 39  ? 0.2856 0.2638 0.3096 -0.0106 0.0009  0.0208  39  GLU A OE1 
322 O OE2 . GLU A 39  ? 0.2876 0.2737 0.3267 -0.0075 0.0029  0.0223  39  GLU A OE2 
323 N N   . THR A 40  ? 0.3131 0.2826 0.3063 -0.0060 0.0072  0.0125  40  THR A N   
324 C CA  . THR A 40  ? 0.3545 0.3171 0.3383 -0.0073 0.0085  0.0118  40  THR A CA  
325 C C   . THR A 40  ? 0.4139 0.3708 0.3923 -0.0115 0.0060  0.0120  40  THR A C   
326 O O   . THR A 40  ? 0.4744 0.4264 0.4452 -0.0145 0.0056  0.0120  40  THR A O   
327 C CB  . THR A 40  ? 0.3435 0.3061 0.3254 -0.0038 0.0125  0.0102  40  THR A CB  
328 O OG1 . THR A 40  ? 0.2887 0.2568 0.2755 -0.0003 0.0134  0.0097  40  THR A OG1 
329 C CG2 . THR A 40  ? 0.3775 0.3335 0.3510 -0.0045 0.0156  0.0095  40  THR A CG2 
330 N N   . GLY A 41  ? 0.4578 0.4157 0.4396 -0.0127 0.0045  0.0128  41  GLY A N   
331 C CA  . GLY A 41  ? 0.5452 0.4985 0.5213 -0.0175 0.0026  0.0140  41  GLY A CA  
332 C C   . GLY A 41  ? 0.5851 0.5396 0.5632 -0.0216 -0.0032 0.0165  41  GLY A C   
333 O O   . GLY A 41  ? 0.5990 0.5498 0.5713 -0.0269 -0.0058 0.0170  41  GLY A O   
334 N N   . GLY A 42  ? 0.6113 0.5741 0.6006 -0.0195 -0.0051 0.0187  42  GLY A N   
335 C CA  . GLY A 42  ? 0.6606 0.6244 0.6520 -0.0227 -0.0095 0.0219  42  GLY A CA  
336 C C   . GLY A 42  ? 0.7432 0.7109 0.7429 -0.0254 -0.0132 0.0260  42  GLY A C   
337 O O   . GLY A 42  ? 0.6789 0.6488 0.6803 -0.0283 -0.0184 0.0294  42  GLY A O   
338 N N   . ASN A 43  ? 0.6930 0.6643 0.6997 -0.0234 -0.0114 0.0257  43  ASN A N   
339 C CA  . ASN A 43  ? 0.7369 0.7116 0.7536 -0.0254 -0.0145 0.0298  43  ASN A CA  
340 C C   . ASN A 43  ? 0.7795 0.7605 0.8090 -0.0224 -0.0156 0.0327  43  ASN A C   
341 O O   . ASN A 43  ? 0.7742 0.7600 0.8128 -0.0253 -0.0195 0.0377  43  ASN A O   
342 C CB  . ASN A 43  ? 0.7491 0.7226 0.7683 -0.0227 -0.0116 0.0279  43  ASN A CB  
343 C CG  . ASN A 43  ? 0.7334 0.7066 0.7520 -0.0275 -0.0148 0.0295  43  ASN A CG  
344 O OD1 . ASN A 43  ? 0.8189 0.7911 0.8340 -0.0327 -0.0195 0.0319  43  ASN A OD1 
345 N ND2 . ASN A 43  ? 0.7800 0.7540 0.8031 -0.0255 -0.0122 0.0291  43  ASN A ND2 
346 N N   . SER A 44  ? 0.6962 0.6777 0.7271 -0.0184 -0.0121 0.0300  44  SER A N   
347 C CA  . SER A 44  ? 0.6528 0.6406 0.6966 -0.0160 -0.0109 0.0324  44  SER A CA  
348 C C   . SER A 44  ? 0.5730 0.5590 0.6110 -0.0159 -0.0109 0.0318  44  SER A C   
349 O O   . SER A 44  ? 0.6418 0.6239 0.6684 -0.0160 -0.0100 0.0283  44  SER A O   
350 C CB  . SER A 44  ? 0.6525 0.6401 0.6993 -0.0118 -0.0047 0.0296  44  SER A CB  
351 O OG  . SER A 44  ? 0.6782 0.6697 0.7361 -0.0099 -0.0021 0.0312  44  SER A OG  
352 N N   . PRO A 45  ? 0.5015 0.4897 0.5478 -0.0156 -0.0118 0.0353  45  PRO A N   
353 C CA  . PRO A 45  ? 0.4237 0.4122 0.4671 -0.0153 -0.0117 0.0350  45  PRO A CA  
354 C C   . PRO A 45  ? 0.3556 0.3435 0.3979 -0.0110 -0.0065 0.0303  45  PRO A C   
355 O O   . PRO A 45  ? 0.2820 0.2712 0.3288 -0.0086 -0.0024 0.0283  45  PRO A O   
356 C CB  . PRO A 45  ? 0.4543 0.4474 0.5103 -0.0160 -0.0141 0.0406  45  PRO A CB  
357 C CG  . PRO A 45  ? 0.5048 0.5004 0.5739 -0.0146 -0.0127 0.0432  45  PRO A CG  
358 C CD  . PRO A 45  ? 0.4989 0.4931 0.5611 -0.0160 -0.0130 0.0414  45  PRO A CD  
359 N N   . VAL A 46  ? 0.2781 0.2646 0.3153 -0.0113 -0.0060 0.0288  46  VAL A N   
360 C CA  . VAL A 46  ? 0.2774 0.2639 0.3127 -0.0087 -0.0020 0.0245  46  VAL A CA  
361 C C   . VAL A 46  ? 0.2658 0.2544 0.3129 -0.0060 0.0010  0.0252  46  VAL A C   
362 O O   . VAL A 46  ? 0.2801 0.2712 0.3358 -0.0078 -0.0008 0.0304  46  VAL A O   
363 C CB  . VAL A 46  ? 0.3187 0.3016 0.3456 -0.0090 -0.0020 0.0232  46  VAL A CB  
364 C CG1 . VAL A 46  ? 0.3267 0.3120 0.3552 -0.0067 0.0014  0.0202  46  VAL A CG1 
365 C CG2 . VAL A 46  ? 0.3345 0.3134 0.3481 -0.0102 -0.0031 0.0214  46  VAL A CG2 
366 N N   . GLN A 47  ? 0.2104 0.2005 0.2600 -0.0041 0.0054  0.0217  47  GLN A N   
367 C CA  . GLN A 47  ? 0.2061 0.1972 0.2647 -0.0027 0.0100  0.0210  47  GLN A CA  
368 C C   . GLN A 47  ? 0.1643 0.1554 0.2183 -0.0022 0.0128  0.0176  47  GLN A C   
369 O O   . GLN A 47  ? 0.1582 0.1479 0.2029 -0.0021 0.0126  0.0146  47  GLN A O   
370 C CB  . GLN A 47  ? 0.2479 0.2405 0.3106 -0.0015 0.0139  0.0199  47  GLN A CB  
371 C CG  . GLN A 47  ? 0.3218 0.3148 0.3934 -0.0023 0.0122  0.0247  47  GLN A CG  
372 C CD  . GLN A 47  ? 0.3582 0.3534 0.4385 -0.0008 0.0162  0.0236  47  GLN A CD  
373 O OE1 . GLN A 47  ? 0.3861 0.3807 0.4692 -0.0004 0.0218  0.0212  47  GLN A OE1 
374 N NE2 . GLN A 47  ? 0.4219 0.4165 0.5035 -0.0017 0.0153  0.0261  47  GLN A NE2 
375 N N   . GLU A 48  ? 0.1684 0.1608 0.2308 -0.0013 0.0149  0.0184  48  GLU A N   
376 C CA  . GLU A 48  ? 0.1426 0.1335 0.2008 -0.0013 0.0180  0.0150  48  GLU A CA  
377 C C   . GLU A 48  ? 0.1383 0.1295 0.2042 -0.0007 0.0239  0.0123  48  GLU A C   
378 O O   . GLU A 48  ? 0.1519 0.1431 0.2280 -0.0005 0.0261  0.0157  48  GLU A O   
379 C CB  . GLU A 48  ? 0.1721 0.1618 0.2321 -0.0014 0.0157  0.0183  48  GLU A CB  
380 C CG  . GLU A 48  ? 0.1966 0.1859 0.2485 -0.0035 0.0095  0.0216  48  GLU A CG  
381 C CD  . GLU A 48  ? 0.2074 0.1957 0.2589 -0.0041 0.0076  0.0234  48  GLU A CD  
382 O OE1 . GLU A 48  ? 0.2073 0.1955 0.2672 -0.0032 0.0089  0.0264  48  GLU A OE1 
383 O OE2 . GLU A 48  ? 0.2526 0.2383 0.2931 -0.0050 0.0058  0.0223  48  GLU A OE2 
384 N N   . PHE A 49  ? 0.1233 0.1145 0.1852 -0.0009 0.0268  0.0082  49  PHE A N   
385 C CA  . PHE A 49  ? 0.1270 0.1175 0.1955 -0.0016 0.0327  0.0051  49  PHE A CA  
386 C C   . PHE A 49  ? 0.1330 0.1243 0.1948 -0.0025 0.0338  0.0012  49  PHE A C   
387 O O   . PHE A 49  ? 0.1276 0.1189 0.1815 -0.0024 0.0303  0.0008  49  PHE A O   
388 C CB  . PHE A 49  ? 0.1314 0.1226 0.1990 -0.0016 0.0362  0.0015  49  PHE A CB  
389 C CG  . PHE A 49  ? 0.1288 0.1202 0.1850 -0.0021 0.0349  -0.0018 49  PHE A CG  
390 C CD1 . PHE A 49  ? 0.1272 0.1193 0.1785 -0.0019 0.0308  0.0002  49  PHE A CD1 
391 C CD2 . PHE A 49  ? 0.1398 0.1331 0.1911 -0.0047 0.0383  -0.0065 49  PHE A CD2 
392 C CE1 . PHE A 49  ? 0.1296 0.1240 0.1725 -0.0022 0.0296  -0.0029 49  PHE A CE1 
393 C CE2 . PHE A 49  ? 0.1397 0.1344 0.1819 -0.0050 0.0364  -0.0091 49  PHE A CE2 
394 C CZ  . PHE A 49  ? 0.1268 0.1228 0.1654 -0.0038 0.0321  -0.0069 49  PHE A CZ  
395 N N   . THR A 50  ? 0.1570 0.1466 0.2243 -0.0030 0.0387  -0.0010 50  THR A N   
396 C CA  . THR A 50  ? 0.1578 0.1467 0.2205 -0.0049 0.0408  -0.0044 50  THR A CA  
397 C C   . THR A 50  ? 0.1808 0.1701 0.2401 -0.0071 0.0452  -0.0107 50  THR A C   
398 O O   . THR A 50  ? 0.1912 0.1780 0.2538 -0.0077 0.0499  -0.0118 50  THR A O   
399 C CB  . THR A 50  ? 0.1834 0.1709 0.2537 -0.0041 0.0423  -0.0027 50  THR A CB  
400 O OG1 . THR A 50  ? 0.2055 0.1902 0.2853 -0.0045 0.0482  -0.0022 50  THR A OG1 
401 C CG2 . THR A 50  ? 0.2014 0.1894 0.2732 -0.0022 0.0374  0.0039  50  THR A CG2 
402 N N   . VAL A 51  ? 0.1847 0.1759 0.2374 -0.0085 0.0446  -0.0137 51  VAL A N   
403 C CA  . VAL A 51  ? 0.1869 0.1783 0.2358 -0.0123 0.0487  -0.0194 51  VAL A CA  
404 C C   . VAL A 51  ? 0.2071 0.1992 0.2537 -0.0140 0.0502  -0.0220 51  VAL A C   
405 O O   . VAL A 51  ? 0.1847 0.1782 0.2331 -0.0125 0.0472  -0.0200 51  VAL A O   
406 C CB  . VAL A 51  ? 0.1983 0.1941 0.2366 -0.0130 0.0453  -0.0207 51  VAL A CB  
407 C CG1 . VAL A 51  ? 0.2064 0.2022 0.2473 -0.0111 0.0442  -0.0182 51  VAL A CG1 
408 C CG2 . VAL A 51  ? 0.1967 0.1964 0.2309 -0.0118 0.0400  -0.0192 51  VAL A CG2 
409 N N   . PRO A 52  ? 0.2178 0.2092 0.2640 -0.0180 0.0552  -0.0272 52  PRO A N   
410 C CA  . PRO A 52  ? 0.2302 0.2212 0.2756 -0.0209 0.0568  -0.0295 52  PRO A CA  
411 C C   . PRO A 52  ? 0.2134 0.2105 0.2511 -0.0211 0.0511  -0.0303 52  PRO A C   
412 O O   . PRO A 52  ? 0.1789 0.1803 0.2118 -0.0205 0.0468  -0.0291 52  PRO A O   
413 C CB  . PRO A 52  ? 0.2704 0.2573 0.3142 -0.0256 0.0640  -0.0356 52  PRO A CB  
414 C CG  . PRO A 52  ? 0.2628 0.2501 0.3041 -0.0255 0.0643  -0.0364 52  PRO A CG  
415 C CD  . PRO A 52  ? 0.2380 0.2256 0.2824 -0.0207 0.0603  -0.0296 52  PRO A CD  
416 N N   . LEU A 53  ? 0.2106 0.2091 0.2493 -0.0228 0.0522  -0.0308 53  LEU A N   
417 C CA  . LEU A 53  ? 0.2158 0.2207 0.2484 -0.0233 0.0474  -0.0309 53  LEU A CA  
418 C C   . LEU A 53  ? 0.2193 0.2298 0.2459 -0.0269 0.0455  -0.0335 53  LEU A C   
419 O O   . LEU A 53  ? 0.2087 0.2242 0.2310 -0.0263 0.0407  -0.0309 53  LEU A O   
420 C CB  . LEU A 53  ? 0.2472 0.2514 0.2834 -0.0253 0.0496  -0.0321 53  LEU A CB  
421 C CG  . LEU A 53  ? 0.2804 0.2903 0.3144 -0.0247 0.0450  -0.0306 53  LEU A CG  
422 C CD1 . LEU A 53  ? 0.2682 0.2764 0.3034 -0.0191 0.0413  -0.0253 53  LEU A CD1 
423 C CD2 . LEU A 53  ? 0.3034 0.3115 0.3391 -0.0271 0.0480  -0.0329 53  LEU A CD2 
424 N N   . GLN A 54  ? 0.2318 0.2401 0.2560 -0.0317 0.0499  -0.0381 54  GLN A N   
425 C CA  . GLN A 54  ? 0.2750 0.2871 0.2909 -0.0366 0.0494  -0.0404 54  GLN A CA  
426 C C   . GLN A 54  ? 0.2542 0.2629 0.2679 -0.0380 0.0522  -0.0416 54  GLN A C   
427 O O   . GLN A 54  ? 0.2939 0.2961 0.3120 -0.0368 0.0575  -0.0440 54  GLN A O   
428 C CB  . GLN A 54  ? 0.3450 0.3577 0.3583 -0.0432 0.0528  -0.0457 54  GLN A CB  
429 C CG  . GLN A 54  ? 0.4197 0.4407 0.4267 -0.0470 0.0476  -0.0455 54  GLN A CG  
430 C CD  . GLN A 54  ? 0.4296 0.4556 0.4418 -0.0423 0.0426  -0.0412 54  GLN A CD  
431 O OE1 . GLN A 54  ? 0.5107 0.5334 0.5269 -0.0409 0.0448  -0.0405 54  GLN A OE1 
432 N NE2 . GLN A 54  ? 0.5073 0.5422 0.5165 -0.0415 0.0372  -0.0365 54  GLN A NE2 
433 N N   . PRO A 55  ? 0.2267 0.2399 0.2344 -0.0378 0.0487  -0.0404 55  PRO A N   
434 C CA  . PRO A 55  ? 0.2156 0.2372 0.2202 -0.0365 0.0418  -0.0369 55  PRO A CA  
435 C C   . PRO A 55  ? 0.1983 0.2185 0.2072 -0.0293 0.0386  -0.0315 55  PRO A C   
436 O O   . PRO A 55  ? 0.1873 0.2029 0.1998 -0.0264 0.0399  -0.0307 55  PRO A O   
437 C CB  . PRO A 55  ? 0.2235 0.2480 0.2206 -0.0400 0.0412  -0.0379 55  PRO A CB  
438 C CG  . PRO A 55  ? 0.2356 0.2540 0.2334 -0.0393 0.0461  -0.0394 55  PRO A CG  
439 C CD  . PRO A 55  ? 0.2439 0.2555 0.2496 -0.0391 0.0515  -0.0420 55  PRO A CD  
440 N N   . PRO A 56  ? 0.1756 0.2021 0.1843 -0.0274 0.0340  -0.0279 56  PRO A N   
441 C CA  . PRO A 56  ? 0.1719 0.1982 0.1840 -0.0211 0.0312  -0.0235 56  PRO A CA  
442 C C   . PRO A 56  ? 0.1671 0.1948 0.1751 -0.0199 0.0291  -0.0212 56  PRO A C   
443 O O   . PRO A 56  ? 0.1560 0.1890 0.1630 -0.0186 0.0261  -0.0176 56  PRO A O   
444 C CB  . PRO A 56  ? 0.1663 0.1967 0.1800 -0.0205 0.0285  -0.0212 56  PRO A CB  
445 C CG  . PRO A 56  ? 0.1713 0.2081 0.1806 -0.0257 0.0277  -0.0226 56  PRO A CG  
446 C CD  . PRO A 56  ? 0.1788 0.2133 0.1869 -0.0302 0.0313  -0.0274 56  PRO A CD  
447 N N   . THR A 57  ? 0.1825 0.2067 0.1898 -0.0213 0.0313  -0.0229 57  THR A N   
448 C CA  . THR A 57  ? 0.2058 0.2310 0.2102 -0.0204 0.0307  -0.0212 57  THR A CA  
449 C C   . THR A 57  ? 0.2176 0.2347 0.2257 -0.0180 0.0337  -0.0217 57  THR A C   
450 O O   . THR A 57  ? 0.2569 0.2702 0.2689 -0.0202 0.0377  -0.0241 57  THR A O   
451 C CB  . THR A 57  ? 0.2358 0.2661 0.2352 -0.0248 0.0313  -0.0230 57  THR A CB  
452 O OG1 . THR A 57  ? 0.2479 0.2858 0.2443 -0.0265 0.0273  -0.0221 57  THR A OG1 
453 C CG2 . THR A 57  ? 0.2617 0.2925 0.2579 -0.0241 0.0303  -0.0212 57  THR A CG2 
454 N N   . ALA A 58  ? 0.1911 0.2083 0.1996 -0.0149 0.0318  -0.0190 58  ALA A N   
455 C CA  . ALA A 58  ? 0.1897 0.2025 0.2028 -0.0137 0.0348  -0.0184 58  ALA A CA  
456 C C   . ALA A 58  ? 0.1798 0.1930 0.1912 -0.0128 0.0332  -0.0170 58  ALA A C   
457 O O   . ALA A 58  ? 0.1628 0.1788 0.1694 -0.0110 0.0306  -0.0143 58  ALA A O   
458 C CB  . ALA A 58  ? 0.1842 0.1918 0.2030 -0.0101 0.0333  -0.0157 58  ALA A CB  
459 N N   . THR A 59  ? 0.1762 0.1849 0.1888 -0.0126 0.0369  -0.0177 59  THR A N   
460 C CA  . THR A 59  ? 0.1639 0.1722 0.1749 -0.0114 0.0361  -0.0157 59  THR A CA  
461 C C   . THR A 59  ? 0.1452 0.1499 0.1649 -0.0086 0.0368  -0.0137 59  THR A C   
462 O O   . THR A 59  ? 0.1594 0.1591 0.1835 -0.0094 0.0405  -0.0148 59  THR A O   
463 C CB  . THR A 59  ? 0.1950 0.2041 0.2018 -0.0144 0.0393  -0.0190 59  THR A CB  
464 O OG1 . THR A 59  ? 0.2241 0.2381 0.2238 -0.0179 0.0388  -0.0208 59  THR A OG1 
465 C CG2 . THR A 59  ? 0.2030 0.2120 0.2080 -0.0127 0.0386  -0.0167 59  THR A CG2 
466 N N   . ILE A 60  ? 0.1374 0.1422 0.1564 -0.0055 0.0332  -0.0106 60  ILE A N   
467 C CA  . ILE A 60  ? 0.1354 0.1349 0.1607 -0.0034 0.0331  -0.0078 60  ILE A CA  
468 C C   . ILE A 60  ? 0.1399 0.1404 0.1638 -0.0030 0.0342  -0.0071 60  ILE A C   
469 O O   . ILE A 60  ? 0.1530 0.1571 0.1719 -0.0032 0.0318  -0.0064 60  ILE A O   
470 C CB  . ILE A 60  ? 0.1312 0.1310 0.1568 -0.0014 0.0288  -0.0043 60  ILE A CB  
471 C CG1 . ILE A 60  ? 0.1441 0.1435 0.1714 -0.0016 0.0281  -0.0051 60  ILE A CG1 
472 C CG2 . ILE A 60  ? 0.1318 0.1292 0.1630 -0.0005 0.0276  -0.0012 60  ILE A CG2 
473 C CD1 . ILE A 60  ? 0.1555 0.1547 0.1789 -0.0002 0.0240  -0.0021 60  ILE A CD1 
474 N N   . SER A 61  ? 0.1502 0.1468 0.1790 -0.0034 0.0377  -0.0065 61  SER A N   
475 C CA  . SER A 61  ? 0.1532 0.1495 0.1823 -0.0029 0.0388  -0.0060 61  SER A CA  
476 C C   . SER A 61  ? 0.1436 0.1386 0.1828 -0.0012 0.0378  -0.0025 61  SER A C   
477 O O   . SER A 61  ? 0.1459 0.1391 0.1900 -0.0002 0.0366  -0.0012 61  SER A O   
478 C CB  . SER A 61  ? 0.1760 0.1719 0.2021 -0.0058 0.0442  -0.0092 61  SER A CB  
479 O OG  . SER A 61  ? 0.2092 0.2015 0.2423 -0.0063 0.0486  -0.0114 61  SER A OG  
480 N N   . GLY A 62  ? 0.1339 0.1270 0.1731 -0.0004 0.0392  -0.0013 62  GLY A N   
481 C CA  . GLY A 62  ? 0.1441 0.1363 0.1916 0.0005  0.0376  0.0021  62  GLY A CA  
482 C C   . GLY A 62  ? 0.1497 0.1429 0.1954 0.0013  0.0316  0.0051  62  GLY A C   
483 O O   . GLY A 62  ? 0.1523 0.1439 0.2048 0.0013  0.0302  0.0084  62  GLY A O   
484 N N   . LEU A 63  ? 0.1375 0.1324 0.1761 0.0019  0.0295  0.0043  63  LEU A N   
485 C CA  . LEU A 63  ? 0.1488 0.1433 0.1839 0.0027  0.0255  0.0065  63  LEU A CA  
486 C C   . LEU A 63  ? 0.1539 0.1467 0.1885 0.0031  0.0255  0.0077  63  LEU A C   
487 O O   . LEU A 63  ? 0.1667 0.1598 0.2005 0.0037  0.0289  0.0066  63  LEU A O   
488 C CB  . LEU A 63  ? 0.1483 0.1436 0.1740 0.0034  0.0242  0.0053  63  LEU A CB  
489 C CG  . LEU A 63  ? 0.1580 0.1544 0.1816 0.0025  0.0239  0.0031  63  LEU A CG  
490 C CD1 . LEU A 63  ? 0.1710 0.1699 0.1891 0.0032  0.0229  0.0033  63  LEU A CD1 
491 C CD2 . LEU A 63  ? 0.1681 0.1620 0.1959 0.0017  0.0219  0.0051  63  LEU A CD2 
492 N N   . LYS A 64  ? 0.1571 0.1480 0.1919 0.0030  0.0221  0.0100  64  LYS A N   
493 C CA  . LYS A 64  ? 0.1774 0.1677 0.2129 0.0029  0.0220  0.0117  64  LYS A CA  
494 C C   . LYS A 64  ? 0.1708 0.1607 0.1975 0.0043  0.0228  0.0111  64  LYS A C   
495 O O   . LYS A 64  ? 0.1779 0.1674 0.1997 0.0052  0.0216  0.0104  64  LYS A O   
496 C CB  . LYS A 64  ? 0.2064 0.1933 0.2433 0.0013  0.0183  0.0144  64  LYS A CB  
497 C CG  . LYS A 64  ? 0.2387 0.2273 0.2861 0.0007  0.0168  0.0164  64  LYS A CG  
498 C CD  . LYS A 64  ? 0.2781 0.2659 0.3259 -0.0019 0.0117  0.0197  64  LYS A CD  
499 C CE  . LYS A 64  ? 0.3444 0.3336 0.4020 -0.0038 0.0096  0.0227  64  LYS A CE  
500 N NZ  . LYS A 64  ? 0.3599 0.3491 0.4159 -0.0067 0.0040  0.0263  64  LYS A NZ  
501 N N   . PRO A 65  ? 0.1737 0.1646 0.2017 0.0050  0.0251  0.0109  65  PRO A N   
502 C CA  . PRO A 65  ? 0.1871 0.1778 0.2091 0.0065  0.0261  0.0111  65  PRO A CA  
503 C C   . PRO A 65  ? 0.1861 0.1734 0.2035 0.0070  0.0244  0.0127  65  PRO A C   
504 O O   . PRO A 65  ? 0.1995 0.1847 0.2219 0.0058  0.0230  0.0139  65  PRO A O   
505 C CB  . PRO A 65  ? 0.2056 0.1966 0.2278 0.0072  0.0299  0.0116  65  PRO A CB  
506 C CG  . PRO A 65  ? 0.1920 0.1816 0.2224 0.0062  0.0303  0.0114  65  PRO A CG  
507 C CD  . PRO A 65  ? 0.1787 0.1690 0.2143 0.0048  0.0282  0.0115  65  PRO A CD  
508 N N   . GLY A 66  ? 0.1811 0.1684 0.1936 0.0074  0.0247  0.0132  66  GLY A N   
509 C CA  . GLY A 66  ? 0.1891 0.1727 0.1981 0.0076  0.0246  0.0141  66  GLY A CA  
510 C C   . GLY A 66  ? 0.1978 0.1781 0.2061 0.0058  0.0222  0.0138  66  GLY A C   
511 O O   . GLY A 66  ? 0.2214 0.1972 0.2264 0.0052  0.0217  0.0141  66  GLY A O   
512 N N   . VAL A 67  ? 0.1716 0.1542 0.1822 0.0045  0.0198  0.0127  67  VAL A N   
513 C CA  . VAL A 67  ? 0.1698 0.1487 0.1795 0.0024  0.0170  0.0125  67  VAL A CA  
514 C C   . VAL A 67  ? 0.1720 0.1519 0.1771 0.0041  0.0169  0.0118  67  VAL A C   
515 O O   . VAL A 67  ? 0.1596 0.1433 0.1670 0.0053  0.0179  0.0107  67  VAL A O   
516 C CB  . VAL A 67  ? 0.1767 0.1571 0.1922 0.0007  0.0145  0.0135  67  VAL A CB  
517 C CG1 . VAL A 67  ? 0.1926 0.1714 0.2079 -0.0016 0.0109  0.0139  67  VAL A CG1 
518 C CG2 . VAL A 67  ? 0.1802 0.1592 0.1996 -0.0005 0.0141  0.0150  67  VAL A CG2 
519 N N   . ASP A 68  ? 0.1675 0.1436 0.1679 0.0026  0.0160  0.0117  68  ASP A N   
520 C CA  . ASP A 68  ? 0.1662 0.1430 0.1639 0.0031  0.0165  0.0112  68  ASP A CA  
521 C C   . ASP A 68  ? 0.1809 0.1583 0.1809 0.0016  0.0142  0.0106  68  ASP A C   
522 O O   . ASP A 68  ? 0.1759 0.1520 0.1772 -0.0010 0.0115  0.0117  68  ASP A O   
523 C CB  . ASP A 68  ? 0.1868 0.1563 0.1770 0.0026  0.0183  0.0105  68  ASP A CB  
524 C CG  . ASP A 68  ? 0.2017 0.1697 0.1896 0.0044  0.0213  0.0117  68  ASP A CG  
525 O OD1 . ASP A 68  ? 0.1936 0.1662 0.1862 0.0067  0.0226  0.0124  68  ASP A OD1 
526 O OD2 . ASP A 68  ? 0.2489 0.2107 0.2324 0.0045  0.0240  0.0119  68  ASP A OD2 
527 N N   . TYR A 69  ? 0.1610 0.1409 0.1601 0.0034  0.0154  0.0099  69  TYR A N   
528 C CA  . TYR A 69  ? 0.1425 0.1241 0.1445 0.0023  0.0140  0.0090  69  TYR A CA  
529 C C   . TYR A 69  ? 0.1571 0.1395 0.1564 0.0028  0.0145  0.0085  69  TYR A C   
530 O O   . TYR A 69  ? 0.1664 0.1501 0.1635 0.0045  0.0168  0.0086  69  TYR A O   
531 C CB  . TYR A 69  ? 0.1404 0.1278 0.1488 0.0023  0.0143  0.0083  69  TYR A CB  
532 C CG  . TYR A 69  ? 0.1408 0.1275 0.1547 0.0018  0.0139  0.0095  69  TYR A CG  
533 C CD1 . TYR A 69  ? 0.1372 0.1260 0.1518 0.0027  0.0155  0.0094  69  TYR A CD1 
534 C CD2 . TYR A 69  ? 0.1374 0.1250 0.1576 0.0003  0.0125  0.0108  69  TYR A CD2 
535 C CE1 . TYR A 69  ? 0.1400 0.1287 0.1603 0.0024  0.0156  0.0105  69  TYR A CE1 
536 C CE2 . TYR A 69  ? 0.1461 0.1337 0.1721 0.0000  0.0126  0.0118  69  TYR A CE2 
537 C CZ  . TYR A 69  ? 0.1467 0.1347 0.1736 0.0005  0.0145  0.0118  69  TYR A CZ  
538 O OH  . TYR A 69  ? 0.1547 0.1430 0.1873 0.0006  0.0148  0.0132  69  TYR A OH  
539 N N   . THR A 70  ? 0.1464 0.1264 0.1452 0.0015  0.0127  0.0083  70  THR A N   
540 C CA  . THR A 70  ? 0.1505 0.1317 0.1468 0.0022  0.0137  0.0076  70  THR A CA  
541 C C   . THR A 70  ? 0.1379 0.1216 0.1395 0.0022  0.0138  0.0065  70  THR A C   
542 O O   . THR A 70  ? 0.1383 0.1226 0.1431 0.0008  0.0119  0.0075  70  THR A O   
543 C CB  . THR A 70  ? 0.1771 0.1519 0.1670 -0.0001 0.0127  0.0084  70  THR A CB  
544 O OG1 . THR A 70  ? 0.2209 0.1905 0.2056 0.0002  0.0146  0.0086  70  THR A OG1 
545 C CG2 . THR A 70  ? 0.1790 0.1541 0.1680 0.0011  0.0138  0.0079  70  THR A CG2 
546 N N   . ILE A 71  ? 0.1260 0.1148 0.1282 0.0033  0.0148  0.0057  71  ILE A N   
547 C CA  . ILE A 71  ? 0.1246 0.1163 0.1312 0.0026  0.0160  0.0042  71  ILE A CA  
548 C C   . ILE A 71  ? 0.1244 0.1168 0.1298 0.0033  0.0160  0.0032  71  ILE A C   
549 O O   . ILE A 71  ? 0.1323 0.1244 0.1333 0.0042  0.0174  0.0042  71  ILE A O   
550 C CB  . ILE A 71  ? 0.1368 0.1339 0.1444 0.0035  0.0173  0.0029  71  ILE A CB  
551 C CG1 . ILE A 71  ? 0.1545 0.1514 0.1651 0.0031  0.0173  0.0033  71  ILE A CG1 
552 C CG2 . ILE A 71  ? 0.1382 0.1380 0.1507 0.0022  0.0185  0.0007  71  ILE A CG2 
553 C CD1 . ILE A 71  ? 0.1782 0.1780 0.1878 0.0035  0.0187  0.0030  71  ILE A CD1 
554 N N   . THR A 72  ? 0.1191 0.1101 0.1259 0.0018  0.0156  0.0036  72  THR A N   
555 C CA  . THR A 72  ? 0.1252 0.1157 0.1311 0.0025  0.0161  0.0029  72  THR A CA  
556 C C   . THR A 72  ? 0.1230 0.1164 0.1336 0.0016  0.0175  0.0010  72  THR A C   
557 O O   . THR A 72  ? 0.1162 0.1092 0.1316 0.0001  0.0181  0.0016  72  THR A O   
558 C CB  . THR A 72  ? 0.1385 0.1230 0.1415 0.0013  0.0149  0.0049  72  THR A CB  
559 O OG1 . THR A 72  ? 0.1666 0.1482 0.1642 0.0012  0.0143  0.0061  72  THR A OG1 
560 C CG2 . THR A 72  ? 0.1492 0.1329 0.1499 0.0014  0.0157  0.0044  72  THR A CG2 
561 N N   . VAL A 73  ? 0.1143 0.1105 0.1242 0.0016  0.0187  0.0005  73  VAL A N   
562 C CA  . VAL A 73  ? 0.1162 0.1156 0.1312 0.0005  0.0205  -0.0018 73  VAL A CA  
563 C C   . VAL A 73  ? 0.1180 0.1153 0.1326 0.0005  0.0202  -0.0009 73  VAL A C   
564 O O   . VAL A 73  ? 0.1224 0.1182 0.1334 0.0013  0.0202  -0.0001 73  VAL A O   
565 C CB  . VAL A 73  ? 0.1181 0.1231 0.1328 0.0000  0.0212  -0.0039 73  VAL A CB  
566 C CG1 . VAL A 73  ? 0.1209 0.1281 0.1380 -0.0025 0.0234  -0.0061 73  VAL A CG1 
567 C CG2 . VAL A 73  ? 0.1253 0.1331 0.1385 -0.0003 0.0210  -0.0045 73  VAL A CG2 
568 N N   . TYR A 74  ? 0.1211 0.1167 0.1392 -0.0004 0.0208  -0.0009 74  TYR A N   
569 C CA  . TYR A 74  ? 0.1214 0.1140 0.1396 -0.0006 0.0213  -0.0001 74  TYR A CA  
570 C C   . TYR A 74  ? 0.1228 0.1168 0.1454 -0.0011 0.0240  -0.0027 74  TYR A C   
571 O O   . TYR A 74  ? 0.1223 0.1170 0.1497 -0.0025 0.0253  -0.0044 74  TYR A O   
572 C CB  . TYR A 74  ? 0.1309 0.1178 0.1502 -0.0010 0.0197  0.0028  74  TYR A CB  
573 C CG  . TYR A 74  ? 0.1383 0.1234 0.1533 -0.0010 0.0168  0.0051  74  TYR A CG  
574 C CD1 . TYR A 74  ? 0.1354 0.1208 0.1507 -0.0006 0.0148  0.0053  74  TYR A CD1 
575 C CD2 . TYR A 74  ? 0.1416 0.1227 0.1506 -0.0014 0.0153  0.0066  74  TYR A CD2 
576 C CE1 . TYR A 74  ? 0.1488 0.1311 0.1590 -0.0013 0.0130  0.0077  74  TYR A CE1 
577 C CE2 . TYR A 74  ? 0.1476 0.1240 0.1503 -0.0020 0.0134  0.0082  74  TYR A CE2 
578 C CZ  . TYR A 74  ? 0.1553 0.1338 0.1599 -0.0019 0.0118  0.0088  74  TYR A CZ  
579 O OH  . TYR A 74  ? 0.1746 0.1485 0.1729 -0.0044 0.0098  0.0105  74  TYR A OH  
580 N N   . ALA A 75  ? 0.1176 0.1132 0.1392 -0.0016 0.0246  -0.0034 75  ALA A N   
581 C CA  . ALA A 75  ? 0.1328 0.1304 0.1598 -0.0028 0.0268  -0.0054 75  ALA A CA  
582 C C   . ALA A 75  ? 0.1398 0.1312 0.1679 -0.0024 0.0273  -0.0036 75  ALA A C   
583 O O   . ALA A 75  ? 0.1540 0.1423 0.1797 -0.0012 0.0257  -0.0006 75  ALA A O   
584 C CB  . ALA A 75  ? 0.1382 0.1364 0.1614 -0.0030 0.0279  -0.0062 75  ALA A CB  
585 N N   . VAL A 76  ? 0.1509 0.1424 0.1867 -0.0034 0.0294  -0.0039 76  VAL A N   
586 C CA  . VAL A 76  ? 0.1691 0.1576 0.2103 -0.0033 0.0300  -0.0013 76  VAL A CA  
587 C C   . VAL A 76  ? 0.1817 0.1704 0.2259 -0.0039 0.0338  -0.0032 76  VAL A C   
588 O O   . VAL A 76  ? 0.1870 0.1769 0.2320 -0.0053 0.0371  -0.0071 76  VAL A O   
589 C CB  . VAL A 76  ? 0.1859 0.1740 0.2331 -0.0030 0.0313  0.0002  76  VAL A CB  
590 C CG1 . VAL A 76  ? 0.1961 0.1818 0.2491 -0.0030 0.0314  0.0042  76  VAL A CG1 
591 C CG2 . VAL A 76  ? 0.1774 0.1656 0.2220 -0.0026 0.0279  0.0016  76  VAL A CG2 
592 N N   . THR A 77  ? 0.2074 0.1937 0.2499 -0.0028 0.0329  -0.0007 77  THR A N   
593 C CA  . THR A 77  ? 0.2541 0.2394 0.2975 -0.0038 0.0362  -0.0018 77  THR A CA  
594 C C   . THR A 77  ? 0.2611 0.2430 0.3090 -0.0033 0.0363  0.0017  77  THR A C   
595 O O   . THR A 77  ? 0.2494 0.2296 0.2950 -0.0024 0.0332  0.0058  77  THR A O   
596 C CB  . THR A 77  ? 0.2827 0.2690 0.3203 -0.0039 0.0354  -0.0035 77  THR A CB  
597 O OG1 . THR A 77  ? 0.3506 0.3377 0.3907 -0.0047 0.0382  -0.0055 77  THR A OG1 
598 C CG2 . THR A 77  ? 0.2931 0.2768 0.3242 -0.0022 0.0324  -0.0003 77  THR A CG2 
599 N N   . ASP A 78  ? 0.3044 0.2841 0.3545 -0.0036 0.0395  0.0011  78  ASP A N   
600 C CA  . ASP A 78  ? 0.3696 0.3463 0.4241 -0.0027 0.0398  0.0049  78  ASP A CA  
601 C C   . ASP A 78  ? 0.3735 0.3489 0.4196 -0.0027 0.0365  0.0088  78  ASP A C   
602 O O   . ASP A 78  ? 0.3753 0.3511 0.4146 -0.0021 0.0361  0.0064  78  ASP A O   
603 C CB  . ASP A 78  ? 0.4237 0.4017 0.4836 -0.0036 0.0452  0.0033  78  ASP A CB  
604 C CG  . ASP A 78  ? 0.5039 0.4818 0.5714 -0.0044 0.0496  -0.0006 78  ASP A CG  
605 O OD1 . ASP A 78  ? 0.5385 0.5160 0.6085 -0.0046 0.0493  0.0002  78  ASP A OD1 
606 O OD2 . ASP A 78  ? 0.5896 0.5659 0.6585 -0.0063 0.0538  -0.0042 78  ASP A OD2 
607 N N   . GLY A 79  ? 0.3803 0.3528 0.4270 -0.0017 0.0341  0.0140  79  GLY A N   
608 C CA  . GLY A 79  ? 0.4341 0.4033 0.4727 -0.0025 0.0309  0.0177  79  GLY A CA  
609 C C   . GLY A 79  ? 0.4965 0.4635 0.5380 -0.0027 0.0333  0.0207  79  GLY A C   
610 O O   . GLY A 79  ? 0.5674 0.5359 0.6178 -0.0020 0.0369  0.0191  79  GLY A O   
611 N N   . ARG A 80  ? 0.5687 0.5337 0.6056 -0.0033 0.0302  0.0264  80  ARG A N   
612 C CA  . ARG A 80  ? 0.6297 0.5925 0.6708 -0.0034 0.0308  0.0308  80  ARG A CA  
613 C C   . ARG A 80  ? 0.6485 0.6142 0.6983 -0.0032 0.0282  0.0377  80  ARG A C   
614 O O   . ARG A 80  ? 0.6318 0.5988 0.6784 -0.0044 0.0239  0.0393  80  ARG A O   
615 C CB  . ARG A 80  ? 0.6813 0.6394 0.7103 -0.0044 0.0297  0.0327  80  ARG A CB  
616 C CG  . ARG A 80  ? 0.7257 0.6811 0.7483 -0.0039 0.0324  0.0273  80  ARG A CG  
617 C CD  . ARG A 80  ? 0.7728 0.7242 0.7820 -0.0052 0.0300  0.0273  80  ARG A CD  
618 N NE  . ARG A 80  ? 0.8167 0.7658 0.8195 -0.0079 0.0269  0.0337  80  ARG A NE  
619 C CZ  . ARG A 80  ? 0.8531 0.7978 0.8432 -0.0104 0.0234  0.0343  80  ARG A CZ  
620 N NH1 . ARG A 80  ? 0.9118 0.8560 0.8952 -0.0103 0.0237  0.0298  80  ARG A NH1 
621 N NH2 . ARG A 80  ? 0.8318 0.7740 0.8161 -0.0137 0.0204  0.0400  80  ARG A NH2 
622 N N   . ASN A 81  ? 0.6686 0.6330 0.7254 -0.0025 0.0305  0.0415  81  ASN A N   
623 C CA  . ASN A 81  ? 0.6653 0.6327 0.7320 -0.0024 0.0286  0.0495  81  ASN A CA  
624 C C   . ASN A 81  ? 0.6178 0.5890 0.6942 -0.0013 0.0292  0.0491  81  ASN A C   
625 O O   . ASN A 81  ? 0.6378 0.6113 0.7180 -0.0024 0.0252  0.0551  81  ASN A O   
626 C CB  . ASN A 81  ? 0.7251 0.6930 0.7829 -0.0050 0.0214  0.0562  81  ASN A CB  
627 C CG  . ASN A 81  ? 0.7851 0.7490 0.8319 -0.0066 0.0211  0.0568  81  ASN A CG  
628 O OD1 . ASN A 81  ? 0.8077 0.7675 0.8567 -0.0052 0.0257  0.0547  81  ASN A OD1 
629 N ND2 . ASN A 81  ? 0.8132 0.7736 0.8471 -0.0094 0.0157  0.0587  81  ASN A ND2 
630 N N   . GLY A 82  ? 0.5690 0.5392 0.6488 -0.0003 0.0336  0.0414  82  GLY A N   
631 C CA  . GLY A 82  ? 0.5377 0.5115 0.6258 0.0002  0.0358  0.0393  82  GLY A CA  
632 C C   . GLY A 82  ? 0.4644 0.4394 0.5452 -0.0006 0.0309  0.0393  82  GLY A C   
633 O O   . GLY A 82  ? 0.4808 0.4571 0.5691 0.0002  0.0326  0.0385  82  GLY A O   
634 N N   . ARG A 83  ? 0.4345 0.4083 0.5032 -0.0019 0.0259  0.0398  83  ARG A N   
635 C CA  . ARG A 83  ? 0.4154 0.3899 0.4767 -0.0028 0.0218  0.0380  83  ARG A CA  
636 C C   . ARG A 83  ? 0.4228 0.3962 0.4770 -0.0027 0.0239  0.0302  83  ARG A C   
637 O O   . ARG A 83  ? 0.4833 0.4551 0.5296 -0.0030 0.0242  0.0281  83  ARG A O   
638 C CB  . ARG A 83  ? 0.4186 0.3912 0.4682 -0.0060 0.0155  0.0422  83  ARG A CB  
639 C CG  . ARG A 83  ? 0.4355 0.4089 0.4897 -0.0068 0.0121  0.0506  83  ARG A CG  
640 C CD  . ARG A 83  ? 0.4509 0.4254 0.4988 -0.0099 0.0052  0.0555  83  ARG A CD  
641 N NE  . ARG A 83  ? 0.4750 0.4460 0.5060 -0.0129 0.0026  0.0533  83  ARG A NE  
642 C CZ  . ARG A 83  ? 0.4854 0.4535 0.5081 -0.0151 -0.0004 0.0574  83  ARG A CZ  
643 N NH1 . ARG A 83  ? 0.4742 0.4441 0.5036 -0.0160 -0.0011 0.0645  83  ARG A NH1 
644 N NH2 . ARG A 83  ? 0.4959 0.4586 0.5015 -0.0180 -0.0020 0.0542  83  ARG A NH2 
645 N N   . LEU A 84  ? 0.3355 0.3119 0.3936 -0.0018 0.0249  0.0266  84  LEU A N   
646 C CA  . LEU A 84  ? 0.3061 0.2825 0.3584 -0.0022 0.0270  0.0193  84  LEU A CA  
647 C C   . LEU A 84  ? 0.3088 0.2859 0.3512 -0.0025 0.0231  0.0192  84  LEU A C   
648 O O   . LEU A 84  ? 0.3047 0.2789 0.3414 -0.0038 0.0189  0.0231  84  LEU A O   
649 C CB  . LEU A 84  ? 0.3018 0.2817 0.3624 -0.0017 0.0292  0.0172  84  LEU A CB  
650 C CG  . LEU A 84  ? 0.3184 0.2966 0.3890 -0.0010 0.0350  0.0160  84  LEU A CG  
651 C CD1 . LEU A 84  ? 0.3422 0.3224 0.4175 -0.0013 0.0382  0.0132  84  LEU A CD1 
652 C CD2 . LEU A 84  ? 0.3559 0.3332 0.4259 -0.0014 0.0389  0.0125  84  LEU A CD2 
653 N N   . LEU A 85  ? 0.2479 0.2245 0.2846 -0.0023 0.0250  0.0144  85  LEU A N   
654 C CA  . LEU A 85  ? 0.2610 0.2364 0.2876 -0.0025 0.0221  0.0132  85  LEU A CA  
655 C C   . LEU A 85  ? 0.2279 0.2059 0.2543 -0.0025 0.0224  0.0106  85  LEU A C   
656 O O   . LEU A 85  ? 0.2296 0.2103 0.2611 -0.0019 0.0249  0.0063  85  LEU A O   
657 C CB  . LEU A 85  ? 0.2732 0.2457 0.2931 -0.0027 0.0246  0.0110  85  LEU A CB  
658 C CG  . LEU A 85  ? 0.3188 0.2882 0.3371 -0.0031 0.0244  0.0143  85  LEU A CG  
659 C CD1 . LEU A 85  ? 0.3591 0.3263 0.3746 -0.0021 0.0279  0.0114  85  LEU A CD1 
660 C CD2 . LEU A 85  ? 0.3320 0.2969 0.3391 -0.0044 0.0204  0.0171  85  LEU A CD2 
661 N N   . SER A 86  ? 0.1989 0.1757 0.2204 -0.0024 0.0195  0.0112  86  SER A N   
662 C CA  . SER A 86  ? 0.1946 0.1738 0.2156 -0.0021 0.0195  0.0090  86  SER A CA  
663 C C   . SER A 86  ? 0.1898 0.1689 0.2022 -0.0019 0.0192  0.0073  86  SER A C   
664 O O   . SER A 86  ? 0.1962 0.1702 0.2006 -0.0028 0.0174  0.0095  86  SER A O   
665 C CB  . SER A 86  ? 0.2108 0.1904 0.2338 -0.0024 0.0170  0.0116  86  SER A CB  
666 O OG  . SER A 86  ? 0.2330 0.2132 0.2648 -0.0025 0.0177  0.0132  86  SER A OG  
667 N N   . ILE A 87  ? 0.1552 0.1366 0.1671 -0.0004 0.0215  0.0044  87  ILE A N   
668 C CA  . ILE A 87  ? 0.1618 0.1420 0.1682 -0.0001 0.0219  0.0036  87  ILE A CA  
669 C C   . ILE A 87  ? 0.1397 0.1234 0.1459 0.0004  0.0216  0.0031  87  ILE A C   
670 O O   . ILE A 87  ? 0.1325 0.1200 0.1434 0.0010  0.0224  0.0004  87  ILE A O   
671 C CB  . ILE A 87  ? 0.1725 0.1545 0.1810 0.0003  0.0252  0.0025  87  ILE A CB  
672 C CG1 . ILE A 87  ? 0.2046 0.1831 0.2133 -0.0003 0.0256  0.0030  87  ILE A CG1 
673 C CG2 . ILE A 87  ? 0.1709 0.1512 0.1739 0.0014  0.0265  0.0026  87  ILE A CG2 
674 C CD1 . ILE A 87  ? 0.2418 0.2217 0.2525 0.0000  0.0285  0.0019  87  ILE A CD1 
675 N N   . PRO A 88  ? 0.1287 0.1080 0.1293 0.0012  0.0202  0.0037  88  PRO A N   
676 C CA  . PRO A 88  ? 0.1260 0.1093 0.1267 0.0020  0.0203  0.0031  88  PRO A CA  
677 C C   . PRO A 88  ? 0.1368 0.1246 0.1386 0.0032  0.0223  0.0024  88  PRO A C   
678 O O   . PRO A 88  ? 0.1314 0.1159 0.1307 0.0039  0.0240  0.0033  88  PRO A O   
679 C CB  . PRO A 88  ? 0.1367 0.1147 0.1316 0.0015  0.0193  0.0049  88  PRO A CB  
680 C CG  . PRO A 88  ? 0.1468 0.1185 0.1357 -0.0001 0.0200  0.0060  88  PRO A CG  
681 C CD  . PRO A 88  ? 0.1391 0.1130 0.1329 0.0000  0.0198  0.0053  88  PRO A CD  
682 N N   . ILE A 89  ? 0.1308 0.1241 0.1361 0.0032  0.0224  0.0010  89  ILE A N   
683 C CA  . ILE A 89  ? 0.1254 0.1238 0.1328 0.0038  0.0239  0.0009  89  ILE A CA  
684 C C   . ILE A 89  ? 0.1254 0.1281 0.1325 0.0049  0.0229  0.0025  89  ILE A C   
685 O O   . ILE A 89  ? 0.1247 0.1321 0.1332 0.0059  0.0239  0.0034  89  ILE A O   
686 C CB  . ILE A 89  ? 0.1262 0.1308 0.1390 0.0022  0.0239  -0.0009 89  ILE A CB  
687 C CG1 . ILE A 89  ? 0.1330 0.1395 0.1465 0.0006  0.0228  -0.0033 89  ILE A CG1 
688 C CG2 . ILE A 89  ? 0.1316 0.1323 0.1440 0.0021  0.0250  -0.0015 89  ILE A CG2 
689 C CD1 . ILE A 89  ? 0.1366 0.1478 0.1536 -0.0025 0.0246  -0.0054 89  ILE A CD1 
690 N N   . SER A 90  ? 0.1209 0.1225 0.1266 0.0044  0.0216  0.0012  90  SER A N   
691 C CA  . SER A 90  ? 0.1297 0.1352 0.1361 0.0055  0.0218  0.0026  90  SER A CA  
692 C C   . SER A 90  ? 0.1372 0.1380 0.1399 0.0052  0.0210  0.0034  90  SER A C   
693 O O   . SER A 90  ? 0.1373 0.1341 0.1406 0.0045  0.0200  0.0019  90  SER A O   
694 C CB  . SER A 90  ? 0.1370 0.1489 0.1451 0.0033  0.0215  0.0016  90  SER A CB  
695 O OG  . SER A 90  ? 0.1481 0.1645 0.1585 0.0020  0.0215  -0.0003 90  SER A OG  
696 N N   . ILE A 91  ? 0.1366 0.1381 0.1383 0.0068  0.0211  0.0051  91  ILE A N   
697 C CA  . ILE A 91  ? 0.1470 0.1431 0.1469 0.0067  0.0207  0.0056  91  ILE A CA  
698 C C   . ILE A 91  ? 0.1436 0.1450 0.1444 0.0076  0.0207  0.0062  91  ILE A C   
699 O O   . ILE A 91  ? 0.1583 0.1630 0.1597 0.0094  0.0219  0.0085  91  ILE A O   
700 C CB  . ILE A 91  ? 0.1724 0.1611 0.1664 0.0073  0.0221  0.0072  91  ILE A CB  
701 C CG1 . ILE A 91  ? 0.1978 0.1818 0.1895 0.0055  0.0217  0.0061  91  ILE A CG1 
702 C CG2 . ILE A 91  ? 0.1795 0.1647 0.1717 0.0065  0.0203  0.0065  91  ILE A CG2 
703 C CD1 . ILE A 91  ? 0.2195 0.1958 0.2047 0.0065  0.0238  0.0066  91  ILE A CD1 
704 N N   . ASN A 92  ? 0.1384 0.1372 0.1375 0.0074  0.0196  0.0057  92  ASN A N   
705 C CA  . ASN A 92  ? 0.1407 0.1423 0.1410 0.0082  0.0206  0.0069  92  ASN A CA  
706 C C   . ASN A 92  ? 0.1499 0.1459 0.1481 0.0084  0.0200  0.0079  92  ASN A C   
707 O O   . ASN A 92  ? 0.1495 0.1435 0.1479 0.0067  0.0188  0.0068  92  ASN A O   
708 C CB  . ASN A 92  ? 0.1439 0.1507 0.1453 0.0075  0.0194  0.0060  92  ASN A CB  
709 C CG  . ASN A 92  ? 0.1606 0.1694 0.1610 0.0082  0.0202  0.0084  92  ASN A CG  
710 O OD1 . ASN A 92  ? 0.1743 0.1886 0.1750 0.0097  0.0202  0.0097  92  ASN A OD1 
711 N ND2 . ASN A 92  ? 0.1467 0.1527 0.1476 0.0085  0.0200  0.0074  92  ASN A ND2 
712 N N   . TYR A 93  ? 0.1519 0.1451 0.1470 0.0101  0.0218  0.0098  93  TYR A N   
713 C CA  . TYR A 93  ? 0.1620 0.1497 0.1543 0.0093  0.0221  0.0101  93  TYR A CA  
714 C C   . TYR A 93  ? 0.1562 0.1478 0.1510 0.0103  0.0221  0.0106  93  TYR A C   
715 O O   . TYR A 93  ? 0.1663 0.1618 0.1620 0.0124  0.0237  0.0127  93  TYR A O   
716 C CB  . TYR A 93  ? 0.1712 0.1537 0.1602 0.0107  0.0248  0.0107  93  TYR A CB  
717 C CG  . TYR A 93  ? 0.1796 0.1572 0.1662 0.0101  0.0255  0.0108  93  TYR A CG  
718 C CD1 . TYR A 93  ? 0.1938 0.1655 0.1757 0.0069  0.0234  0.0097  93  TYR A CD1 
719 C CD2 . TYR A 93  ? 0.1953 0.1752 0.1824 0.0114  0.0272  0.0110  93  TYR A CD2 
720 C CE1 . TYR A 93  ? 0.2139 0.1797 0.1915 0.0058  0.0249  0.0087  93  TYR A CE1 
721 C CE2 . TYR A 93  ? 0.2099 0.1851 0.1950 0.0106  0.0282  0.0108  93  TYR A CE2 
722 C CZ  . TYR A 93  ? 0.2100 0.1781 0.1899 0.0082  0.0275  0.0092  93  TYR A CZ  
723 O OH  . TYR A 93  ? 0.2738 0.2382 0.2500 0.0068  0.0283  0.0088  93  TYR A OH  
724 N N   . ARG A 94  ? 0.1598 0.1511 0.1561 0.0091  0.0200  0.0090  94  ARG A N   
725 C CA  . ARG A 94  ? 0.1639 0.1576 0.1615 0.0096  0.0208  0.0100  94  ARG A CA  
726 C C   . ARG A 94  ? 0.1699 0.1575 0.1646 0.0096  0.0220  0.0112  94  ARG A C   
727 O O   . ARG A 94  ? 0.1613 0.1449 0.1558 0.0079  0.0205  0.0111  94  ARG A O   
728 C CB  . ARG A 94  ? 0.1697 0.1636 0.1707 0.0079  0.0200  0.0088  94  ARG A CB  
729 C CG  . ARG A 94  ? 0.1697 0.1638 0.1735 0.0079  0.0202  0.0094  94  ARG A CG  
730 C CD  . ARG A 94  ? 0.1777 0.1753 0.1800 0.0093  0.0217  0.0102  94  ARG A CD  
731 N NE  . ARG A 94  ? 0.1657 0.1698 0.1685 0.0085  0.0222  0.0091  94  ARG A NE  
732 C CZ  . ARG A 94  ? 0.1744 0.1804 0.1772 0.0071  0.0231  0.0073  94  ARG A CZ  
733 N NH1 . ARG A 94  ? 0.1632 0.1664 0.1683 0.0067  0.0236  0.0068  94  ARG A NH1 
734 N NH2 . ARG A 94  ? 0.1606 0.1722 0.1621 0.0057  0.0234  0.0065  94  ARG A NH2 
735 N N   . THR A 95  ? 0.1721 0.1612 0.1667 0.0121  0.0241  0.0132  95  THR A N   
736 C CA  . THR A 95  ? 0.1803 0.1630 0.1727 0.0124  0.0266  0.0145  95  THR A CA  
737 C C   . THR A 95  ? 0.1803 0.1665 0.1752 0.0142  0.0275  0.0159  95  THR A C   
738 O O   . THR A 95  ? 0.1697 0.1618 0.1665 0.0144  0.0270  0.0171  95  THR A O   
739 C CB  . THR A 95  ? 0.1829 0.1620 0.1731 0.0137  0.0295  0.0159  95  THR A CB  
740 O OG1 . THR A 95  ? 0.1874 0.1728 0.1808 0.0170  0.0313  0.0193  95  THR A OG1 
741 C CG2 . THR A 95  ? 0.1988 0.1757 0.1866 0.0129  0.0294  0.0149  95  THR A CG2 
742 N N   . HIS A 96  ? 0.1864 0.1663 0.1792 0.0145  0.0300  0.0172  96  HIS A N   
743 C CA  . HIS A 96  ? 0.1870 0.1682 0.1808 0.0156  0.0313  0.0192  96  HIS A CA  
744 C C   . HIS A 96  ? 0.1859 0.1654 0.1806 0.0181  0.0356  0.0216  96  HIS A C   
745 O O   . HIS A 96  ? 0.1971 0.1700 0.1889 0.0179  0.0375  0.0210  96  HIS A O   
746 C CB  . HIS A 96  ? 0.1922 0.1719 0.1879 0.0142  0.0300  0.0176  96  HIS A CB  
747 C CG  . HIS A 96  ? 0.1763 0.1594 0.1744 0.0125  0.0269  0.0158  96  HIS A CG  
748 N ND1 . HIS A 96  ? 0.1876 0.1706 0.1858 0.0100  0.0243  0.0135  96  HIS A ND1 
749 C CD2 . HIS A 96  ? 0.1896 0.1803 0.1901 0.0123  0.0265  0.0159  96  HIS A CD2 
750 C CE1 . HIS A 96  ? 0.1697 0.1569 0.1705 0.0098  0.0232  0.0128  96  HIS A CE1 
751 N NE2 . HIS A 96  ? 0.1815 0.1723 0.1842 0.0106  0.0250  0.0135  96  HIS A NE2 
752 N N   . HIS A 97  ? 0.1845 0.1693 0.1812 0.0200  0.0374  0.0246  97  HIS A N   
753 C CA  . HIS A 97  ? 0.1941 0.1743 0.1916 0.0226  0.0424  0.0282  97  HIS A CA  
754 C C   . HIS A 97  ? 0.1984 0.1682 0.1924 0.0214  0.0441  0.0262  97  HIS A C   
755 O O   . HIS A 97  ? 0.2081 0.1766 0.2023 0.0189  0.0420  0.0242  97  HIS A O   
756 C CB  . HIS A 97  ? 0.1953 0.1826 0.1962 0.0249  0.0424  0.0321  97  HIS A CB  
757 C CG  . HIS A 97  ? 0.2048 0.2029 0.2073 0.0254  0.0401  0.0341  97  HIS A CG  
758 N ND1 . HIS A 97  ? 0.2408 0.2455 0.2467 0.0284  0.0409  0.0390  97  HIS A ND1 
759 C CD2 . HIS A 97  ? 0.2292 0.2311 0.2307 0.0247  0.0370  0.0327  97  HIS A CD2 
760 C CE1 . HIS A 97  ? 0.2685 0.2809 0.2735 0.0275  0.0379  0.0398  97  HIS A CE1 
761 N NE2 . HIS A 97  ? 0.2510 0.2625 0.2555 0.0251  0.0359  0.0362  97  HIS A NE2 
762 N N   . HIS A 98  ? 0.1908 0.1541 0.1841 0.0224  0.0494  0.0276  98  HIS A N   
763 C CA  . HIS A 98  ? 0.1910 0.1455 0.1825 0.0218  0.0529  0.0269  98  HIS A CA  
764 C C   . HIS A 98  ? 0.1995 0.1588 0.1957 0.0245  0.0557  0.0315  98  HIS A C   
765 O O   . HIS A 98  ? 0.1942 0.1576 0.1953 0.0283  0.0582  0.0354  98  HIS A O   
766 C CB  . HIS A 98  ? 0.2084 0.1544 0.1972 0.0217  0.0585  0.0270  98  HIS A CB  
767 C CG  . HIS A 98  ? 0.2300 0.1661 0.2159 0.0207  0.0633  0.0266  98  HIS A CG  
768 N ND1 . HIS A 98  ? 0.2530 0.1813 0.2337 0.0150  0.0618  0.0223  98  HIS A ND1 
769 C CD2 . HIS A 98  ? 0.2419 0.1761 0.2319 0.0238  0.0689  0.0302  98  HIS A CD2 
770 C CE1 . HIS A 98  ? 0.2473 0.1689 0.2278 0.0154  0.0673  0.0230  98  HIS A CE1 
771 N NE2 . HIS A 98  ? 0.2778 0.2016 0.2626 0.0208  0.0720  0.0274  98  HIS A NE2 
772 N N   . HIS A 99  ? 0.2110 0.1700 0.2071 0.0232  0.0542  0.0304  99  HIS A N   
773 C CA  . HIS A 99  ? 0.2342 0.1968 0.2350 0.0268  0.0562  0.0344  99  HIS A CA  
774 C C   . HIS A 99  ? 0.2717 0.2258 0.2725 0.0268  0.0620  0.0352  99  HIS A C   
775 O O   . HIS A 99  ? 0.3003 0.2486 0.2972 0.0229  0.0612  0.0314  99  HIS A O   
776 C CB  . HIS A 99  ? 0.2458 0.2152 0.2461 0.0254  0.0517  0.0330  99  HIS A CB  
777 C CG  . HIS A 99  ? 0.2580 0.2340 0.2620 0.0282  0.0527  0.0375  99  HIS A CG  
778 N ND1 . HIS A 99  ? 0.2995 0.2715 0.3049 0.0294  0.0570  0.0394  99  HIS A ND1 
779 C CD2 . HIS A 99  ? 0.2757 0.2617 0.2826 0.0308  0.0519  0.0411  99  HIS A CD2 
780 C CE1 . HIS A 99  ? 0.2418 0.2210 0.2502 0.0323  0.0569  0.0441  99  HIS A CE1 
781 N NE2 . HIS A 99  ? 0.2765 0.2645 0.2851 0.0328  0.0539  0.0454  99  HIS A NE2 
782 N N   . HIS A 100 ? 0.2676 0.2217 0.2717 0.0308  0.0672  0.0395  100 HIS A N   
783 C CA  . HIS A 100 ? 0.3107 0.2554 0.3149 0.0312  0.0736  0.0409  100 HIS A CA  
784 C C   . HIS A 100 ? 0.3742 0.3182 0.3786 0.0304  0.0733  0.0403  100 HIS A C   
785 O O   . HIS A 100 ? 0.3682 0.3217 0.3751 0.0319  0.0706  0.0433  100 HIS A O   
786 C CB  . HIS A 100 ? 0.3233 0.2707 0.3330 0.0369  0.0793  0.0467  100 HIS A CB  
787 C CG  . HIS A 100 ? 0.3909 0.3275 0.4016 0.0376  0.0877  0.0486  100 HIS A CG  
788 N ND1 . HIS A 100 ? 0.4445 0.3844 0.4601 0.0399  0.0908  0.0532  100 HIS A ND1 
789 C CD2 . HIS A 100 ? 0.4476 0.3720 0.4534 0.0354  0.0935  0.0450  100 HIS A CD2 
790 C CE1 . HIS A 100 ? 0.4584 0.3875 0.4741 0.0405  0.0987  0.0535  100 HIS A CE1 
791 N NE2 . HIS A 100 ? 0.4831 0.4027 0.4942 0.0372  0.1002  0.0479  100 HIS A NE2 
792 N N   . HIS A 101 ? 0.4516 0.3857 0.4526 0.0278  0.0764  0.0369  101 HIS A N   
793 C CA  . HIS A 101 ? 0.5322 0.4644 0.5354 0.0263  0.0772  0.0371  101 HIS A CA  
794 C C   . HIS A 101 ? 0.5604 0.4805 0.5611 0.0257  0.0845  0.0357  101 HIS A C   
795 O O   . HIS A 101 ? 0.5757 0.4875 0.5738 0.0244  0.0890  0.0346  101 HIS A O   
796 C CB  . HIS A 101 ? 0.5873 0.5216 0.5881 0.0222  0.0700  0.0317  101 HIS A CB  
797 C CG  . HIS A 101 ? 0.6634 0.5875 0.6591 0.0169  0.0698  0.0284  101 HIS A CG  
798 N ND1 . HIS A 101 ? 0.6929 0.6145 0.6846 0.0120  0.0662  0.0245  101 HIS A ND1 
799 C CD2 . HIS A 101 ? 0.7117 0.6313 0.7080 0.0145  0.0719  0.0274  101 HIS A CD2 
800 C CE1 . HIS A 101 ? 0.7408 0.6560 0.7301 0.0073  0.0657  0.0213  101 HIS A CE1 
801 N NE2 . HIS A 101 ? 0.7356 0.6495 0.7288 0.0086  0.0691  0.0233  101 HIS A NE2 
802 O OXT . HIS A 101 ? 0.6171 0.5347 0.6202 0.0259  0.0876  0.0377  101 HIS A OXT 
# 
loop_
_pdbx_poly_seq_scheme.asym_id 
_pdbx_poly_seq_scheme.entity_id 
_pdbx_poly_seq_scheme.seq_id 
_pdbx_poly_seq_scheme.mon_id 
_pdbx_poly_seq_scheme.ndb_seq_num 
_pdbx_poly_seq_scheme.pdb_seq_num 
_pdbx_poly_seq_scheme.auth_seq_num 
_pdbx_poly_seq_scheme.pdb_mon_id 
_pdbx_poly_seq_scheme.auth_mon_id 
_pdbx_poly_seq_scheme.pdb_strand_id 
_pdbx_poly_seq_scheme.pdb_ins_code 
_pdbx_poly_seq_scheme.hetero 
A 1 1   MET 1   1   ?   ?   ?   A . n 
A 1 2   VAL 2   2   2   VAL VAL A . n 
A 1 3   SER 3   3   3   SER SER A . n 
A 1 4   ASP 4   4   4   ASP ASP A . n 
A 1 5   VAL 5   5   5   VAL VAL A . n 
A 1 6   PRO 6   6   6   PRO PRO A . n 
A 1 7   ARG 7   7   7   ARG ARG A . n 
A 1 8   ASP 8   8   8   ASP ASP A . n 
A 1 9   LEU 9   9   9   LEU LEU A . n 
A 1 10  GLU 10  10  10  GLU GLU A . n 
A 1 11  VAL 11  11  11  VAL VAL A . n 
A 1 12  VAL 12  12  12  VAL VAL A . n 
A 1 13  GLU 13  13  13  GLU GLU A . n 
A 1 14  ALA 14  14  14  ALA ALA A . n 
A 1 15  SER 15  15  15  SER SER A . n 
A 1 16  PRO 16  16  16  PRO PRO A . n 
A 1 17  THR 17  17  17  THR THR A . n 
A 1 18  SER 18  18  18  SER SER A . n 
A 1 19  ILE 19  19  19  ILE ILE A . n 
A 1 20  GLN 20  20  20  GLN GLN A . n 
A 1 21  ILE 21  21  21  ILE ILE A . n 
A 1 22  SER 22  22  22  SER SER A . n 
A 1 23  TRP 23  23  23  TRP TRP A . n 
A 1 24  ARG 24  24  24  ARG ARG A . n 
A 1 25  HIS 25  25  25  HIS HIS A . n 
A 1 26  PRO 26  26  26  PRO PRO A . n 
A 1 27  HIS 27  27  27  HIS HIS A . n 
A 1 28  PHE 28  28  28  PHE PHE A . n 
A 1 29  PRO 29  29  29  PRO PRO A . n 
A 1 30  THR 30  30  30  THR THR A . n 
A 1 31  ARG 31  31  31  ARG ARG A . n 
A 1 32  TYR 32  32  32  TYR TYR A . n 
A 1 33  TYR 33  33  33  TYR TYR A . n 
A 1 34  ARG 34  34  34  ARG ARG A . n 
A 1 35  ILE 35  35  35  ILE ILE A . n 
A 1 36  THR 36  36  36  THR THR A . n 
A 1 37  TYR 37  37  37  TYR TYR A . n 
A 1 38  GLY 38  38  38  GLY GLY A . n 
A 1 39  GLU 39  39  39  GLU GLU A . n 
A 1 40  THR 40  40  40  THR THR A . n 
A 1 41  GLY 41  41  41  GLY GLY A . n 
A 1 42  GLY 42  42  42  GLY GLY A . n 
A 1 43  ASN 43  43  43  ASN ASN A . n 
A 1 44  SER 44  44  44  SER SER A . n 
A 1 45  PRO 45  45  45  PRO PRO A . n 
A 1 46  VAL 46  46  46  VAL VAL A . n 
A 1 47  GLN 47  47  47  GLN GLN A . n 
A 1 48  GLU 48  48  48  GLU GLU A . n 
A 1 49  PHE 49  49  49  PHE PHE A . n 
A 1 50  THR 50  50  50  THR THR A . n 
A 1 51  VAL 51  51  51  VAL VAL A . n 
A 1 52  PRO 52  52  52  PRO PRO A . n 
A 1 53  LEU 53  53  53  LEU LEU A . n 
A 1 54  GLN 54  54  54  GLN GLN A . n 
A 1 55  PRO 55  55  55  PRO PRO A . n 
A 1 56  PRO 56  56  56  PRO PRO A . n 
A 1 57  THR 57  57  57  THR THR A . n 
A 1 58  ALA 58  58  58  ALA ALA A . n 
A 1 59  THR 59  59  59  THR THR A . n 
A 1 60  ILE 60  60  60  ILE ILE A . n 
A 1 61  SER 61  61  61  SER SER A . n 
A 1 62  GLY 62  62  62  GLY GLY A . n 
A 1 63  LEU 63  63  63  LEU LEU A . n 
A 1 64  LYS 64  64  64  LYS LYS A . n 
A 1 65  PRO 65  65  65  PRO PRO A . n 
A 1 66  GLY 66  66  66  GLY GLY A . n 
A 1 67  VAL 67  67  67  VAL VAL A . n 
A 1 68  ASP 68  68  68  ASP ASP A . n 
A 1 69  TYR 69  69  69  TYR TYR A . n 
A 1 70  THR 70  70  70  THR THR A . n 
A 1 71  ILE 71  71  71  ILE ILE A . n 
A 1 72  THR 72  72  72  THR THR A . n 
A 1 73  VAL 73  73  73  VAL VAL A . n 
A 1 74  TYR 74  74  74  TYR TYR A . n 
A 1 75  ALA 75  75  75  ALA ALA A . n 
A 1 76  VAL 76  76  76  VAL VAL A . n 
A 1 77  THR 77  77  77  THR THR A . n 
A 1 78  ASP 78  78  78  ASP ASP A . n 
A 1 79  GLY 79  79  79  GLY GLY A . n 
A 1 80  ARG 80  80  80  ARG ARG A . n 
A 1 81  ASN 81  81  81  ASN ASN A . n 
A 1 82  GLY 82  82  82  GLY GLY A . n 
A 1 83  ARG 83  83  83  ARG ARG A . n 
A 1 84  LEU 84  84  84  LEU LEU A . n 
A 1 85  LEU 85  85  85  LEU LEU A . n 
A 1 86  SER 86  86  86  SER SER A . n 
A 1 87  ILE 87  87  87  ILE ILE A . n 
A 1 88  PRO 88  88  88  PRO PRO A . n 
A 1 89  ILE 89  89  89  ILE ILE A . n 
A 1 90  SER 90  90  90  SER SER A . n 
A 1 91  ILE 91  91  91  ILE ILE A . n 
A 1 92  ASN 92  92  92  ASN ASN A . n 
A 1 93  TYR 93  93  93  TYR TYR A . n 
A 1 94  ARG 94  94  94  ARG ARG A . n 
A 1 95  THR 95  95  95  THR THR A . n 
A 1 96  HIS 96  96  96  HIS HIS A . n 
A 1 97  HIS 97  97  97  HIS HIS A . n 
A 1 98  HIS 98  98  98  HIS HIS A . n 
A 1 99  HIS 99  99  99  HIS HIS A . n 
A 1 100 HIS 100 100 100 HIS HIS A . n 
A 1 101 HIS 101 101 101 HIS HIS A . n 
# 
_pdbx_contact_author.id                 2 
_pdbx_contact_author.email              wjcnmr@mail.ncku.edu.tw 
_pdbx_contact_author.name_first         Woei-Jer 
_pdbx_contact_author.name_last          Chuang 
_pdbx_contact_author.name_mi            ? 
_pdbx_contact_author.role               'principal investigator/group leader' 
_pdbx_contact_author.identifier_ORCID   0000-0001-8670-2799 
# 
loop_
_pdbx_nonpoly_scheme.asym_id 
_pdbx_nonpoly_scheme.entity_id 
_pdbx_nonpoly_scheme.mon_id 
_pdbx_nonpoly_scheme.ndb_seq_num 
_pdbx_nonpoly_scheme.pdb_seq_num 
_pdbx_nonpoly_scheme.auth_seq_num 
_pdbx_nonpoly_scheme.pdb_mon_id 
_pdbx_nonpoly_scheme.auth_mon_id 
_pdbx_nonpoly_scheme.pdb_strand_id 
_pdbx_nonpoly_scheme.pdb_ins_code 
B 2 SO4 1  201 1  SO4 SO4 A . 
C 3 HOH 1  301 32 HOH HOH A . 
C 3 HOH 2  302 40 HOH HOH A . 
C 3 HOH 3  303 57 HOH HOH A . 
C 3 HOH 4  304 18 HOH HOH A . 
C 3 HOH 5  305 36 HOH HOH A . 
C 3 HOH 6  306 31 HOH HOH A . 
C 3 HOH 7  307 17 HOH HOH A . 
C 3 HOH 8  308 30 HOH HOH A . 
C 3 HOH 9  309 48 HOH HOH A . 
C 3 HOH 10 310 34 HOH HOH A . 
C 3 HOH 11 311 5  HOH HOH A . 
C 3 HOH 12 312 51 HOH HOH A . 
C 3 HOH 13 313 61 HOH HOH A . 
C 3 HOH 14 314 53 HOH HOH A . 
C 3 HOH 15 315 8  HOH HOH A . 
C 3 HOH 16 316 22 HOH HOH A . 
C 3 HOH 17 317 37 HOH HOH A . 
C 3 HOH 18 318 16 HOH HOH A . 
C 3 HOH 19 319 43 HOH HOH A . 
C 3 HOH 20 320 21 HOH HOH A . 
C 3 HOH 21 321 9  HOH HOH A . 
C 3 HOH 22 322 67 HOH HOH A . 
C 3 HOH 23 323 7  HOH HOH A . 
C 3 HOH 24 324 56 HOH HOH A . 
C 3 HOH 25 325 6  HOH HOH A . 
C 3 HOH 26 326 13 HOH HOH A . 
C 3 HOH 27 327 19 HOH HOH A . 
C 3 HOH 28 328 3  HOH HOH A . 
C 3 HOH 29 329 29 HOH HOH A . 
C 3 HOH 30 330 60 HOH HOH A . 
C 3 HOH 31 331 59 HOH HOH A . 
C 3 HOH 32 332 20 HOH HOH A . 
C 3 HOH 33 333 41 HOH HOH A . 
C 3 HOH 34 334 39 HOH HOH A . 
C 3 HOH 35 335 70 HOH HOH A . 
C 3 HOH 36 336 1  HOH HOH A . 
C 3 HOH 37 337 49 HOH HOH A . 
C 3 HOH 38 338 4  HOH HOH A . 
C 3 HOH 39 339 42 HOH HOH A . 
C 3 HOH 40 340 11 HOH HOH A . 
C 3 HOH 41 341 2  HOH HOH A . 
C 3 HOH 42 342 26 HOH HOH A . 
C 3 HOH 43 343 35 HOH HOH A . 
C 3 HOH 44 344 10 HOH HOH A . 
C 3 HOH 45 345 45 HOH HOH A . 
C 3 HOH 46 346 33 HOH HOH A . 
C 3 HOH 47 347 58 HOH HOH A . 
C 3 HOH 48 348 27 HOH HOH A . 
C 3 HOH 49 349 54 HOH HOH A . 
C 3 HOH 50 350 12 HOH HOH A . 
C 3 HOH 51 351 50 HOH HOH A . 
C 3 HOH 52 352 25 HOH HOH A . 
C 3 HOH 53 353 28 HOH HOH A . 
C 3 HOH 54 354 69 HOH HOH A . 
C 3 HOH 55 355 23 HOH HOH A . 
C 3 HOH 56 356 62 HOH HOH A . 
C 3 HOH 57 357 68 HOH HOH A . 
C 3 HOH 58 358 63 HOH HOH A . 
C 3 HOH 59 359 47 HOH HOH A . 
C 3 HOH 60 360 64 HOH HOH A . 
C 3 HOH 61 361 14 HOH HOH A . 
C 3 HOH 62 362 24 HOH HOH A . 
C 3 HOH 63 363 52 HOH HOH A . 
C 3 HOH 64 364 15 HOH HOH A . 
C 3 HOH 65 365 38 HOH HOH A . 
C 3 HOH 66 366 46 HOH HOH A . 
C 3 HOH 67 367 44 HOH HOH A . 
C 3 HOH 68 368 66 HOH HOH A . 
C 3 HOH 69 369 65 HOH HOH A . 
C 3 HOH 70 370 55 HOH HOH A . 
# 
_pdbx_struct_assembly.id                   1 
_pdbx_struct_assembly.details              author_and_software_defined_assembly 
_pdbx_struct_assembly.method_details       PISA 
_pdbx_struct_assembly.oligomeric_details   monomeric 
_pdbx_struct_assembly.oligomeric_count     1 
# 
_pdbx_struct_assembly_gen.assembly_id       1 
_pdbx_struct_assembly_gen.oper_expression   1 
_pdbx_struct_assembly_gen.asym_id_list      A,B,C 
# 
loop_
_pdbx_struct_assembly_prop.biol_id 
_pdbx_struct_assembly_prop.type 
_pdbx_struct_assembly_prop.value 
_pdbx_struct_assembly_prop.details 
1 'ABSA (A^2)' 120  ? 
1 MORE         -9   ? 
1 'SSA (A^2)'  6650 ? 
# 
_pdbx_struct_oper_list.id                   1 
_pdbx_struct_oper_list.type                 'identity operation' 
_pdbx_struct_oper_list.name                 1_555 
_pdbx_struct_oper_list.symmetry_operation   x,y,z 
_pdbx_struct_oper_list.matrix[1][1]         1.0000000000 
_pdbx_struct_oper_list.matrix[1][2]         0.0000000000 
_pdbx_struct_oper_list.matrix[1][3]         0.0000000000 
_pdbx_struct_oper_list.vector[1]            0.0000000000 
_pdbx_struct_oper_list.matrix[2][1]         0.0000000000 
_pdbx_struct_oper_list.matrix[2][2]         1.0000000000 
_pdbx_struct_oper_list.matrix[2][3]         0.0000000000 
_pdbx_struct_oper_list.vector[2]            0.0000000000 
_pdbx_struct_oper_list.matrix[3][1]         0.0000000000 
_pdbx_struct_oper_list.matrix[3][2]         0.0000000000 
_pdbx_struct_oper_list.matrix[3][3]         1.0000000000 
_pdbx_struct_oper_list.vector[3]            0.0000000000 
# 
loop_
_pdbx_struct_special_symmetry.id 
_pdbx_struct_special_symmetry.PDB_model_num 
_pdbx_struct_special_symmetry.auth_asym_id 
_pdbx_struct_special_symmetry.auth_comp_id 
_pdbx_struct_special_symmetry.auth_seq_id 
_pdbx_struct_special_symmetry.PDB_ins_code 
_pdbx_struct_special_symmetry.label_asym_id 
_pdbx_struct_special_symmetry.label_comp_id 
_pdbx_struct_special_symmetry.label_seq_id 
1 1 A HOH 333 ? C HOH . 
2 1 A HOH 364 ? C HOH . 
# 
_pdbx_audit_revision_history.ordinal             1 
_pdbx_audit_revision_history.data_content_type   'Structure model' 
_pdbx_audit_revision_history.major_revision      1 
_pdbx_audit_revision_history.minor_revision      0 
_pdbx_audit_revision_history.revision_date       2023-08-16 
# 
_pdbx_audit_revision_details.ordinal             1 
_pdbx_audit_revision_details.revision_ordinal    1 
_pdbx_audit_revision_details.data_content_type   'Structure model' 
_pdbx_audit_revision_details.provider            repository 
_pdbx_audit_revision_details.type                'Initial release' 
_pdbx_audit_revision_details.description         ? 
_pdbx_audit_revision_details.details             ? 
# 
_pdbx_refine_tls.id               1 
_pdbx_refine_tls.pdbx_refine_id   'X-RAY DIFFRACTION' 
_pdbx_refine_tls.details          ? 
_pdbx_refine_tls.method           refined 
_pdbx_refine_tls.origin_x         0.3734 
_pdbx_refine_tls.origin_y         0.4440 
_pdbx_refine_tls.origin_z         -0.3048 
_pdbx_refine_tls.T[1][1]          0.0169 
_pdbx_refine_tls.T[1][1]_esd      ? 
_pdbx_refine_tls.T[1][2]          0.0015 
_pdbx_refine_tls.T[1][2]_esd      ? 
_pdbx_refine_tls.T[1][3]          0.0189 
_pdbx_refine_tls.T[1][3]_esd      ? 
_pdbx_refine_tls.T[2][2]          0.0173 
_pdbx_refine_tls.T[2][2]_esd      ? 
_pdbx_refine_tls.T[2][3]          -0.0004 
_pdbx_refine_tls.T[2][3]_esd      ? 
_pdbx_refine_tls.T[3][3]          0.0293 
_pdbx_refine_tls.T[3][3]_esd      ? 
_pdbx_refine_tls.L[1][1]          0.5461 
_pdbx_refine_tls.L[1][1]_esd      ? 
_pdbx_refine_tls.L[1][2]          0.3458 
_pdbx_refine_tls.L[1][2]_esd      ? 
_pdbx_refine_tls.L[1][3]          -0.3971 
_pdbx_refine_tls.L[1][3]_esd      ? 
_pdbx_refine_tls.L[2][2]          0.6987 
_pdbx_refine_tls.L[2][2]_esd      ? 
_pdbx_refine_tls.L[2][3]          -0.3280 
_pdbx_refine_tls.L[2][3]_esd      ? 
_pdbx_refine_tls.L[3][3]          0.3347 
_pdbx_refine_tls.L[3][3]_esd      ? 
_pdbx_refine_tls.S[1][1]          0.0207 
_pdbx_refine_tls.S[1][1]_esd      ? 
_pdbx_refine_tls.S[1][2]          -0.0673 
_pdbx_refine_tls.S[1][2]_esd      ? 
_pdbx_refine_tls.S[1][3]          0.0650 
_pdbx_refine_tls.S[1][3]_esd      ? 
_pdbx_refine_tls.S[2][1]          -0.0161 
_pdbx_refine_tls.S[2][1]_esd      ? 
_pdbx_refine_tls.S[2][2]          0.0014 
_pdbx_refine_tls.S[2][2]_esd      ? 
_pdbx_refine_tls.S[2][3]          0.0528 
_pdbx_refine_tls.S[2][3]_esd      ? 
_pdbx_refine_tls.S[3][1]          0.0122 
_pdbx_refine_tls.S[3][1]_esd      ? 
_pdbx_refine_tls.S[3][2]          0.0524 
_pdbx_refine_tls.S[3][2]_esd      ? 
_pdbx_refine_tls.S[3][3]          -0.0221 
_pdbx_refine_tls.S[3][3]_esd      ? 
# 
_pdbx_refine_tls_group.id                  1 
_pdbx_refine_tls_group.pdbx_refine_id      'X-RAY DIFFRACTION' 
_pdbx_refine_tls_group.refine_tls_id       1 
_pdbx_refine_tls_group.beg_label_asym_id   ? 
_pdbx_refine_tls_group.beg_label_seq_id    ? 
_pdbx_refine_tls_group.beg_auth_asym_id    A 
_pdbx_refine_tls_group.beg_auth_seq_id     2 
_pdbx_refine_tls_group.beg_PDB_ins_code    ? 
_pdbx_refine_tls_group.end_label_asym_id   ? 
_pdbx_refine_tls_group.end_label_seq_id    ? 
_pdbx_refine_tls_group.end_auth_asym_id    A 
_pdbx_refine_tls_group.end_auth_seq_id     101 
_pdbx_refine_tls_group.end_PDB_ins_code    ? 
_pdbx_refine_tls_group.selection           ALL 
_pdbx_refine_tls_group.selection_details   ? 
# 
loop_
_software.citation_id 
_software.classification 
_software.compiler_name 
_software.compiler_version 
_software.contact_author 
_software.contact_author_email 
_software.date 
_software.description 
_software.dependencies 
_software.hardware 
_software.language 
_software.location 
_software.mods 
_software.name 
_software.os 
_software.os_version 
_software.type 
_software.version 
_software.pdbx_ordinal 
? refinement       ? ? ? ? ? ? ? ? ? ? ? REFMAC   ? ? ? 5.8.0267 1 
? 'data reduction' ? ? ? ? ? ? ? ? ? ? ? HKL-2000 ? ? ? 2.3.10   2 
? 'data scaling'   ? ? ? ? ? ? ? ? ? ? ? HKL-2000 ? ? ? 2.3.10   3 
? phasing          ? ? ? ? ? ? ? ? ? ? ? HKL-3000 ? ? ? 2.3.10   4 
# 
_pdbx_entry_details.entry_id                 7YPL 
_pdbx_entry_details.has_ligand_of_interest   N 
_pdbx_entry_details.compound_details         ? 
_pdbx_entry_details.source_details           ? 
_pdbx_entry_details.nonpolymer_details       ? 
_pdbx_entry_details.sequence_details         ? 
# 
_pdbx_unobs_or_zero_occ_residues.id               1 
_pdbx_unobs_or_zero_occ_residues.PDB_model_num    1 
_pdbx_unobs_or_zero_occ_residues.polymer_flag     Y 
_pdbx_unobs_or_zero_occ_residues.occupancy_flag   1 
_pdbx_unobs_or_zero_occ_residues.auth_asym_id     A 
_pdbx_unobs_or_zero_occ_residues.auth_comp_id     MET 
_pdbx_unobs_or_zero_occ_residues.auth_seq_id      1 
_pdbx_unobs_or_zero_occ_residues.PDB_ins_code     ? 
_pdbx_unobs_or_zero_occ_residues.label_asym_id    A 
_pdbx_unobs_or_zero_occ_residues.label_comp_id    MET 
_pdbx_unobs_or_zero_occ_residues.label_seq_id     1 
# 
loop_
_chem_comp_atom.comp_id 
_chem_comp_atom.atom_id 
_chem_comp_atom.type_symbol 
_chem_comp_atom.pdbx_aromatic_flag 
_chem_comp_atom.pdbx_stereo_config 
_chem_comp_atom.pdbx_ordinal 
ALA N    N N N 1   
ALA CA   C N S 2   
ALA C    C N N 3   
ALA O    O N N 4   
ALA CB   C N N 5   
ALA OXT  O N N 6   
ALA H    H N N 7   
ALA H2   H N N 8   
ALA HA   H N N 9   
ALA HB1  H N N 10  
ALA HB2  H N N 11  
ALA HB3  H N N 12  
ALA HXT  H N N 13  
ARG N    N N N 14  
ARG CA   C N S 15  
ARG C    C N N 16  
ARG O    O N N 17  
ARG CB   C N N 18  
ARG CG   C N N 19  
ARG CD   C N N 20  
ARG NE   N N N 21  
ARG CZ   C N N 22  
ARG NH1  N N N 23  
ARG NH2  N N N 24  
ARG OXT  O N N 25  
ARG H    H N N 26  
ARG H2   H N N 27  
ARG HA   H N N 28  
ARG HB2  H N N 29  
ARG HB3  H N N 30  
ARG HG2  H N N 31  
ARG HG3  H N N 32  
ARG HD2  H N N 33  
ARG HD3  H N N 34  
ARG HE   H N N 35  
ARG HH11 H N N 36  
ARG HH12 H N N 37  
ARG HH21 H N N 38  
ARG HH22 H N N 39  
ARG HXT  H N N 40  
ASN N    N N N 41  
ASN CA   C N S 42  
ASN C    C N N 43  
ASN O    O N N 44  
ASN CB   C N N 45  
ASN CG   C N N 46  
ASN OD1  O N N 47  
ASN ND2  N N N 48  
ASN OXT  O N N 49  
ASN H    H N N 50  
ASN H2   H N N 51  
ASN HA   H N N 52  
ASN HB2  H N N 53  
ASN HB3  H N N 54  
ASN HD21 H N N 55  
ASN HD22 H N N 56  
ASN HXT  H N N 57  
ASP N    N N N 58  
ASP CA   C N S 59  
ASP C    C N N 60  
ASP O    O N N 61  
ASP CB   C N N 62  
ASP CG   C N N 63  
ASP OD1  O N N 64  
ASP OD2  O N N 65  
ASP OXT  O N N 66  
ASP H    H N N 67  
ASP H2   H N N 68  
ASP HA   H N N 69  
ASP HB2  H N N 70  
ASP HB3  H N N 71  
ASP HD2  H N N 72  
ASP HXT  H N N 73  
GLN N    N N N 74  
GLN CA   C N S 75  
GLN C    C N N 76  
GLN O    O N N 77  
GLN CB   C N N 78  
GLN CG   C N N 79  
GLN CD   C N N 80  
GLN OE1  O N N 81  
GLN NE2  N N N 82  
GLN OXT  O N N 83  
GLN H    H N N 84  
GLN H2   H N N 85  
GLN HA   H N N 86  
GLN HB2  H N N 87  
GLN HB3  H N N 88  
GLN HG2  H N N 89  
GLN HG3  H N N 90  
GLN HE21 H N N 91  
GLN HE22 H N N 92  
GLN HXT  H N N 93  
GLU N    N N N 94  
GLU CA   C N S 95  
GLU C    C N N 96  
GLU O    O N N 97  
GLU CB   C N N 98  
GLU CG   C N N 99  
GLU CD   C N N 100 
GLU OE1  O N N 101 
GLU OE2  O N N 102 
GLU OXT  O N N 103 
GLU H    H N N 104 
GLU H2   H N N 105 
GLU HA   H N N 106 
GLU HB2  H N N 107 
GLU HB3  H N N 108 
GLU HG2  H N N 109 
GLU HG3  H N N 110 
GLU HE2  H N N 111 
GLU HXT  H N N 112 
GLY N    N N N 113 
GLY CA   C N N 114 
GLY C    C N N 115 
GLY O    O N N 116 
GLY OXT  O N N 117 
GLY H    H N N 118 
GLY H2   H N N 119 
GLY HA2  H N N 120 
GLY HA3  H N N 121 
GLY HXT  H N N 122 
HIS N    N N N 123 
HIS CA   C N S 124 
HIS C    C N N 125 
HIS O    O N N 126 
HIS CB   C N N 127 
HIS CG   C Y N 128 
HIS ND1  N Y N 129 
HIS CD2  C Y N 130 
HIS CE1  C Y N 131 
HIS NE2  N Y N 132 
HIS OXT  O N N 133 
HIS H    H N N 134 
HIS H2   H N N 135 
HIS HA   H N N 136 
HIS HB2  H N N 137 
HIS HB3  H N N 138 
HIS HD1  H N N 139 
HIS HD2  H N N 140 
HIS HE1  H N N 141 
HIS HE2  H N N 142 
HIS HXT  H N N 143 
HOH O    O N N 144 
HOH H1   H N N 145 
HOH H2   H N N 146 
ILE N    N N N 147 
ILE CA   C N S 148 
ILE C    C N N 149 
ILE O    O N N 150 
ILE CB   C N S 151 
ILE CG1  C N N 152 
ILE CG2  C N N 153 
ILE CD1  C N N 154 
ILE OXT  O N N 155 
ILE H    H N N 156 
ILE H2   H N N 157 
ILE HA   H N N 158 
ILE HB   H N N 159 
ILE HG12 H N N 160 
ILE HG13 H N N 161 
ILE HG21 H N N 162 
ILE HG22 H N N 163 
ILE HG23 H N N 164 
ILE HD11 H N N 165 
ILE HD12 H N N 166 
ILE HD13 H N N 167 
ILE HXT  H N N 168 
LEU N    N N N 169 
LEU CA   C N S 170 
LEU C    C N N 171 
LEU O    O N N 172 
LEU CB   C N N 173 
LEU CG   C N N 174 
LEU CD1  C N N 175 
LEU CD2  C N N 176 
LEU OXT  O N N 177 
LEU H    H N N 178 
LEU H2   H N N 179 
LEU HA   H N N 180 
LEU HB2  H N N 181 
LEU HB3  H N N 182 
LEU HG   H N N 183 
LEU HD11 H N N 184 
LEU HD12 H N N 185 
LEU HD13 H N N 186 
LEU HD21 H N N 187 
LEU HD22 H N N 188 
LEU HD23 H N N 189 
LEU HXT  H N N 190 
LYS N    N N N 191 
LYS CA   C N S 192 
LYS C    C N N 193 
LYS O    O N N 194 
LYS CB   C N N 195 
LYS CG   C N N 196 
LYS CD   C N N 197 
LYS CE   C N N 198 
LYS NZ   N N N 199 
LYS OXT  O N N 200 
LYS H    H N N 201 
LYS H2   H N N 202 
LYS HA   H N N 203 
LYS HB2  H N N 204 
LYS HB3  H N N 205 
LYS HG2  H N N 206 
LYS HG3  H N N 207 
LYS HD2  H N N 208 
LYS HD3  H N N 209 
LYS HE2  H N N 210 
LYS HE3  H N N 211 
LYS HZ1  H N N 212 
LYS HZ2  H N N 213 
LYS HZ3  H N N 214 
LYS HXT  H N N 215 
MET N    N N N 216 
MET CA   C N S 217 
MET C    C N N 218 
MET O    O N N 219 
MET CB   C N N 220 
MET CG   C N N 221 
MET SD   S N N 222 
MET CE   C N N 223 
MET OXT  O N N 224 
MET H    H N N 225 
MET H2   H N N 226 
MET HA   H N N 227 
MET HB2  H N N 228 
MET HB3  H N N 229 
MET HG2  H N N 230 
MET HG3  H N N 231 
MET HE1  H N N 232 
MET HE2  H N N 233 
MET HE3  H N N 234 
MET HXT  H N N 235 
PHE N    N N N 236 
PHE CA   C N S 237 
PHE C    C N N 238 
PHE O    O N N 239 
PHE CB   C N N 240 
PHE CG   C Y N 241 
PHE CD1  C Y N 242 
PHE CD2  C Y N 243 
PHE CE1  C Y N 244 
PHE CE2  C Y N 245 
PHE CZ   C Y N 246 
PHE OXT  O N N 247 
PHE H    H N N 248 
PHE H2   H N N 249 
PHE HA   H N N 250 
PHE HB2  H N N 251 
PHE HB3  H N N 252 
PHE HD1  H N N 253 
PHE HD2  H N N 254 
PHE HE1  H N N 255 
PHE HE2  H N N 256 
PHE HZ   H N N 257 
PHE HXT  H N N 258 
PRO N    N N N 259 
PRO CA   C N S 260 
PRO C    C N N 261 
PRO O    O N N 262 
PRO CB   C N N 263 
PRO CG   C N N 264 
PRO CD   C N N 265 
PRO OXT  O N N 266 
PRO H    H N N 267 
PRO HA   H N N 268 
PRO HB2  H N N 269 
PRO HB3  H N N 270 
PRO HG2  H N N 271 
PRO HG3  H N N 272 
PRO HD2  H N N 273 
PRO HD3  H N N 274 
PRO HXT  H N N 275 
SER N    N N N 276 
SER CA   C N S 277 
SER C    C N N 278 
SER O    O N N 279 
SER CB   C N N 280 
SER OG   O N N 281 
SER OXT  O N N 282 
SER H    H N N 283 
SER H2   H N N 284 
SER HA   H N N 285 
SER HB2  H N N 286 
SER HB3  H N N 287 
SER HG   H N N 288 
SER HXT  H N N 289 
SO4 S    S N N 290 
SO4 O1   O N N 291 
SO4 O2   O N N 292 
SO4 O3   O N N 293 
SO4 O4   O N N 294 
THR N    N N N 295 
THR CA   C N S 296 
THR C    C N N 297 
THR O    O N N 298 
THR CB   C N R 299 
THR OG1  O N N 300 
THR CG2  C N N 301 
THR OXT  O N N 302 
THR H    H N N 303 
THR H2   H N N 304 
THR HA   H N N 305 
THR HB   H N N 306 
THR HG1  H N N 307 
THR HG21 H N N 308 
THR HG22 H N N 309 
THR HG23 H N N 310 
THR HXT  H N N 311 
TRP N    N N N 312 
TRP CA   C N S 313 
TRP C    C N N 314 
TRP O    O N N 315 
TRP CB   C N N 316 
TRP CG   C Y N 317 
TRP CD1  C Y N 318 
TRP CD2  C Y N 319 
TRP NE1  N Y N 320 
TRP CE2  C Y N 321 
TRP CE3  C Y N 322 
TRP CZ2  C Y N 323 
TRP CZ3  C Y N 324 
TRP CH2  C Y N 325 
TRP OXT  O N N 326 
TRP H    H N N 327 
TRP H2   H N N 328 
TRP HA   H N N 329 
TRP HB2  H N N 330 
TRP HB3  H N N 331 
TRP HD1  H N N 332 
TRP HE1  H N N 333 
TRP HE3  H N N 334 
TRP HZ2  H N N 335 
TRP HZ3  H N N 336 
TRP HH2  H N N 337 
TRP HXT  H N N 338 
TYR N    N N N 339 
TYR CA   C N S 340 
TYR C    C N N 341 
TYR O    O N N 342 
TYR CB   C N N 343 
TYR CG   C Y N 344 
TYR CD1  C Y N 345 
TYR CD2  C Y N 346 
TYR CE1  C Y N 347 
TYR CE2  C Y N 348 
TYR CZ   C Y N 349 
TYR OH   O N N 350 
TYR OXT  O N N 351 
TYR H    H N N 352 
TYR H2   H N N 353 
TYR HA   H N N 354 
TYR HB2  H N N 355 
TYR HB3  H N N 356 
TYR HD1  H N N 357 
TYR HD2  H N N 358 
TYR HE1  H N N 359 
TYR HE2  H N N 360 
TYR HH   H N N 361 
TYR HXT  H N N 362 
VAL N    N N N 363 
VAL CA   C N S 364 
VAL C    C N N 365 
VAL O    O N N 366 
VAL CB   C N N 367 
VAL CG1  C N N 368 
VAL CG2  C N N 369 
VAL OXT  O N N 370 
VAL H    H N N 371 
VAL H2   H N N 372 
VAL HA   H N N 373 
VAL HB   H N N 374 
VAL HG11 H N N 375 
VAL HG12 H N N 376 
VAL HG13 H N N 377 
VAL HG21 H N N 378 
VAL HG22 H N N 379 
VAL HG23 H N N 380 
VAL HXT  H N N 381 
# 
loop_
_chem_comp_bond.comp_id 
_chem_comp_bond.atom_id_1 
_chem_comp_bond.atom_id_2 
_chem_comp_bond.value_order 
_chem_comp_bond.pdbx_aromatic_flag 
_chem_comp_bond.pdbx_stereo_config 
_chem_comp_bond.pdbx_ordinal 
ALA N   CA   sing N N 1   
ALA N   H    sing N N 2   
ALA N   H2   sing N N 3   
ALA CA  C    sing N N 4   
ALA CA  CB   sing N N 5   
ALA CA  HA   sing N N 6   
ALA C   O    doub N N 7   
ALA C   OXT  sing N N 8   
ALA CB  HB1  sing N N 9   
ALA CB  HB2  sing N N 10  
ALA CB  HB3  sing N N 11  
ALA OXT HXT  sing N N 12  
ARG N   CA   sing N N 13  
ARG N   H    sing N N 14  
ARG N   H2   sing N N 15  
ARG CA  C    sing N N 16  
ARG CA  CB   sing N N 17  
ARG CA  HA   sing N N 18  
ARG C   O    doub N N 19  
ARG C   OXT  sing N N 20  
ARG CB  CG   sing N N 21  
ARG CB  HB2  sing N N 22  
ARG CB  HB3  sing N N 23  
ARG CG  CD   sing N N 24  
ARG CG  HG2  sing N N 25  
ARG CG  HG3  sing N N 26  
ARG CD  NE   sing N N 27  
ARG CD  HD2  sing N N 28  
ARG CD  HD3  sing N N 29  
ARG NE  CZ   sing N N 30  
ARG NE  HE   sing N N 31  
ARG CZ  NH1  sing N N 32  
ARG CZ  NH2  doub N N 33  
ARG NH1 HH11 sing N N 34  
ARG NH1 HH12 sing N N 35  
ARG NH2 HH21 sing N N 36  
ARG NH2 HH22 sing N N 37  
ARG OXT HXT  sing N N 38  
ASN N   CA   sing N N 39  
ASN N   H    sing N N 40  
ASN N   H2   sing N N 41  
ASN CA  C    sing N N 42  
ASN CA  CB   sing N N 43  
ASN CA  HA   sing N N 44  
ASN C   O    doub N N 45  
ASN C   OXT  sing N N 46  
ASN CB  CG   sing N N 47  
ASN CB  HB2  sing N N 48  
ASN CB  HB3  sing N N 49  
ASN CG  OD1  doub N N 50  
ASN CG  ND2  sing N N 51  
ASN ND2 HD21 sing N N 52  
ASN ND2 HD22 sing N N 53  
ASN OXT HXT  sing N N 54  
ASP N   CA   sing N N 55  
ASP N   H    sing N N 56  
ASP N   H2   sing N N 57  
ASP CA  C    sing N N 58  
ASP CA  CB   sing N N 59  
ASP CA  HA   sing N N 60  
ASP C   O    doub N N 61  
ASP C   OXT  sing N N 62  
ASP CB  CG   sing N N 63  
ASP CB  HB2  sing N N 64  
ASP CB  HB3  sing N N 65  
ASP CG  OD1  doub N N 66  
ASP CG  OD2  sing N N 67  
ASP OD2 HD2  sing N N 68  
ASP OXT HXT  sing N N 69  
GLN N   CA   sing N N 70  
GLN N   H    sing N N 71  
GLN N   H2   sing N N 72  
GLN CA  C    sing N N 73  
GLN CA  CB   sing N N 74  
GLN CA  HA   sing N N 75  
GLN C   O    doub N N 76  
GLN C   OXT  sing N N 77  
GLN CB  CG   sing N N 78  
GLN CB  HB2  sing N N 79  
GLN CB  HB3  sing N N 80  
GLN CG  CD   sing N N 81  
GLN CG  HG2  sing N N 82  
GLN CG  HG3  sing N N 83  
GLN CD  OE1  doub N N 84  
GLN CD  NE2  sing N N 85  
GLN NE2 HE21 sing N N 86  
GLN NE2 HE22 sing N N 87  
GLN OXT HXT  sing N N 88  
GLU N   CA   sing N N 89  
GLU N   H    sing N N 90  
GLU N   H2   sing N N 91  
GLU CA  C    sing N N 92  
GLU CA  CB   sing N N 93  
GLU CA  HA   sing N N 94  
GLU C   O    doub N N 95  
GLU C   OXT  sing N N 96  
GLU CB  CG   sing N N 97  
GLU CB  HB2  sing N N 98  
GLU CB  HB3  sing N N 99  
GLU CG  CD   sing N N 100 
GLU CG  HG2  sing N N 101 
GLU CG  HG3  sing N N 102 
GLU CD  OE1  doub N N 103 
GLU CD  OE2  sing N N 104 
GLU OE2 HE2  sing N N 105 
GLU OXT HXT  sing N N 106 
GLY N   CA   sing N N 107 
GLY N   H    sing N N 108 
GLY N   H2   sing N N 109 
GLY CA  C    sing N N 110 
GLY CA  HA2  sing N N 111 
GLY CA  HA3  sing N N 112 
GLY C   O    doub N N 113 
GLY C   OXT  sing N N 114 
GLY OXT HXT  sing N N 115 
HIS N   CA   sing N N 116 
HIS N   H    sing N N 117 
HIS N   H2   sing N N 118 
HIS CA  C    sing N N 119 
HIS CA  CB   sing N N 120 
HIS CA  HA   sing N N 121 
HIS C   O    doub N N 122 
HIS C   OXT  sing N N 123 
HIS CB  CG   sing N N 124 
HIS CB  HB2  sing N N 125 
HIS CB  HB3  sing N N 126 
HIS CG  ND1  sing Y N 127 
HIS CG  CD2  doub Y N 128 
HIS ND1 CE1  doub Y N 129 
HIS ND1 HD1  sing N N 130 
HIS CD2 NE2  sing Y N 131 
HIS CD2 HD2  sing N N 132 
HIS CE1 NE2  sing Y N 133 
HIS CE1 HE1  sing N N 134 
HIS NE2 HE2  sing N N 135 
HIS OXT HXT  sing N N 136 
HOH O   H1   sing N N 137 
HOH O   H2   sing N N 138 
ILE N   CA   sing N N 139 
ILE N   H    sing N N 140 
ILE N   H2   sing N N 141 
ILE CA  C    sing N N 142 
ILE CA  CB   sing N N 143 
ILE CA  HA   sing N N 144 
ILE C   O    doub N N 145 
ILE C   OXT  sing N N 146 
ILE CB  CG1  sing N N 147 
ILE CB  CG2  sing N N 148 
ILE CB  HB   sing N N 149 
ILE CG1 CD1  sing N N 150 
ILE CG1 HG12 sing N N 151 
ILE CG1 HG13 sing N N 152 
ILE CG2 HG21 sing N N 153 
ILE CG2 HG22 sing N N 154 
ILE CG2 HG23 sing N N 155 
ILE CD1 HD11 sing N N 156 
ILE CD1 HD12 sing N N 157 
ILE CD1 HD13 sing N N 158 
ILE OXT HXT  sing N N 159 
LEU N   CA   sing N N 160 
LEU N   H    sing N N 161 
LEU N   H2   sing N N 162 
LEU CA  C    sing N N 163 
LEU CA  CB   sing N N 164 
LEU CA  HA   sing N N 165 
LEU C   O    doub N N 166 
LEU C   OXT  sing N N 167 
LEU CB  CG   sing N N 168 
LEU CB  HB2  sing N N 169 
LEU CB  HB3  sing N N 170 
LEU CG  CD1  sing N N 171 
LEU CG  CD2  sing N N 172 
LEU CG  HG   sing N N 173 
LEU CD1 HD11 sing N N 174 
LEU CD1 HD12 sing N N 175 
LEU CD1 HD13 sing N N 176 
LEU CD2 HD21 sing N N 177 
LEU CD2 HD22 sing N N 178 
LEU CD2 HD23 sing N N 179 
LEU OXT HXT  sing N N 180 
LYS N   CA   sing N N 181 
LYS N   H    sing N N 182 
LYS N   H2   sing N N 183 
LYS CA  C    sing N N 184 
LYS CA  CB   sing N N 185 
LYS CA  HA   sing N N 186 
LYS C   O    doub N N 187 
LYS C   OXT  sing N N 188 
LYS CB  CG   sing N N 189 
LYS CB  HB2  sing N N 190 
LYS CB  HB3  sing N N 191 
LYS CG  CD   sing N N 192 
LYS CG  HG2  sing N N 193 
LYS CG  HG3  sing N N 194 
LYS CD  CE   sing N N 195 
LYS CD  HD2  sing N N 196 
LYS CD  HD3  sing N N 197 
LYS CE  NZ   sing N N 198 
LYS CE  HE2  sing N N 199 
LYS CE  HE3  sing N N 200 
LYS NZ  HZ1  sing N N 201 
LYS NZ  HZ2  sing N N 202 
LYS NZ  HZ3  sing N N 203 
LYS OXT HXT  sing N N 204 
MET N   CA   sing N N 205 
MET N   H    sing N N 206 
MET N   H2   sing N N 207 
MET CA  C    sing N N 208 
MET CA  CB   sing N N 209 
MET CA  HA   sing N N 210 
MET C   O    doub N N 211 
MET C   OXT  sing N N 212 
MET CB  CG   sing N N 213 
MET CB  HB2  sing N N 214 
MET CB  HB3  sing N N 215 
MET CG  SD   sing N N 216 
MET CG  HG2  sing N N 217 
MET CG  HG3  sing N N 218 
MET SD  CE   sing N N 219 
MET CE  HE1  sing N N 220 
MET CE  HE2  sing N N 221 
MET CE  HE3  sing N N 222 
MET OXT HXT  sing N N 223 
PHE N   CA   sing N N 224 
PHE N   H    sing N N 225 
PHE N   H2   sing N N 226 
PHE CA  C    sing N N 227 
PHE CA  CB   sing N N 228 
PHE CA  HA   sing N N 229 
PHE C   O    doub N N 230 
PHE C   OXT  sing N N 231 
PHE CB  CG   sing N N 232 
PHE CB  HB2  sing N N 233 
PHE CB  HB3  sing N N 234 
PHE CG  CD1  doub Y N 235 
PHE CG  CD2  sing Y N 236 
PHE CD1 CE1  sing Y N 237 
PHE CD1 HD1  sing N N 238 
PHE CD2 CE2  doub Y N 239 
PHE CD2 HD2  sing N N 240 
PHE CE1 CZ   doub Y N 241 
PHE CE1 HE1  sing N N 242 
PHE CE2 CZ   sing Y N 243 
PHE CE2 HE2  sing N N 244 
PHE CZ  HZ   sing N N 245 
PHE OXT HXT  sing N N 246 
PRO N   CA   sing N N 247 
PRO N   CD   sing N N 248 
PRO N   H    sing N N 249 
PRO CA  C    sing N N 250 
PRO CA  CB   sing N N 251 
PRO CA  HA   sing N N 252 
PRO C   O    doub N N 253 
PRO C   OXT  sing N N 254 
PRO CB  CG   sing N N 255 
PRO CB  HB2  sing N N 256 
PRO CB  HB3  sing N N 257 
PRO CG  CD   sing N N 258 
PRO CG  HG2  sing N N 259 
PRO CG  HG3  sing N N 260 
PRO CD  HD2  sing N N 261 
PRO CD  HD3  sing N N 262 
PRO OXT HXT  sing N N 263 
SER N   CA   sing N N 264 
SER N   H    sing N N 265 
SER N   H2   sing N N 266 
SER CA  C    sing N N 267 
SER CA  CB   sing N N 268 
SER CA  HA   sing N N 269 
SER C   O    doub N N 270 
SER C   OXT  sing N N 271 
SER CB  OG   sing N N 272 
SER CB  HB2  sing N N 273 
SER CB  HB3  sing N N 274 
SER OG  HG   sing N N 275 
SER OXT HXT  sing N N 276 
SO4 S   O1   doub N N 277 
SO4 S   O2   doub N N 278 
SO4 S   O3   sing N N 279 
SO4 S   O4   sing N N 280 
THR N   CA   sing N N 281 
THR N   H    sing N N 282 
THR N   H2   sing N N 283 
THR CA  C    sing N N 284 
THR CA  CB   sing N N 285 
THR CA  HA   sing N N 286 
THR C   O    doub N N 287 
THR C   OXT  sing N N 288 
THR CB  OG1  sing N N 289 
THR CB  CG2  sing N N 290 
THR CB  HB   sing N N 291 
THR OG1 HG1  sing N N 292 
THR CG2 HG21 sing N N 293 
THR CG2 HG22 sing N N 294 
THR CG2 HG23 sing N N 295 
THR OXT HXT  sing N N 296 
TRP N   CA   sing N N 297 
TRP N   H    sing N N 298 
TRP N   H2   sing N N 299 
TRP CA  C    sing N N 300 
TRP CA  CB   sing N N 301 
TRP CA  HA   sing N N 302 
TRP C   O    doub N N 303 
TRP C   OXT  sing N N 304 
TRP CB  CG   sing N N 305 
TRP CB  HB2  sing N N 306 
TRP CB  HB3  sing N N 307 
TRP CG  CD1  doub Y N 308 
TRP CG  CD2  sing Y N 309 
TRP CD1 NE1  sing Y N 310 
TRP CD1 HD1  sing N N 311 
TRP CD2 CE2  doub Y N 312 
TRP CD2 CE3  sing Y N 313 
TRP NE1 CE2  sing Y N 314 
TRP NE1 HE1  sing N N 315 
TRP CE2 CZ2  sing Y N 316 
TRP CE3 CZ3  doub Y N 317 
TRP CE3 HE3  sing N N 318 
TRP CZ2 CH2  doub Y N 319 
TRP CZ2 HZ2  sing N N 320 
TRP CZ3 CH2  sing Y N 321 
TRP CZ3 HZ3  sing N N 322 
TRP CH2 HH2  sing N N 323 
TRP OXT HXT  sing N N 324 
TYR N   CA   sing N N 325 
TYR N   H    sing N N 326 
TYR N   H2   sing N N 327 
TYR CA  C    sing N N 328 
TYR CA  CB   sing N N 329 
TYR CA  HA   sing N N 330 
TYR C   O    doub N N 331 
TYR C   OXT  sing N N 332 
TYR CB  CG   sing N N 333 
TYR CB  HB2  sing N N 334 
TYR CB  HB3  sing N N 335 
TYR CG  CD1  doub Y N 336 
TYR CG  CD2  sing Y N 337 
TYR CD1 CE1  sing Y N 338 
TYR CD1 HD1  sing N N 339 
TYR CD2 CE2  doub Y N 340 
TYR CD2 HD2  sing N N 341 
TYR CE1 CZ   doub Y N 342 
TYR CE1 HE1  sing N N 343 
TYR CE2 CZ   sing Y N 344 
TYR CE2 HE2  sing N N 345 
TYR CZ  OH   sing N N 346 
TYR OH  HH   sing N N 347 
TYR OXT HXT  sing N N 348 
VAL N   CA   sing N N 349 
VAL N   H    sing N N 350 
VAL N   H2   sing N N 351 
VAL CA  C    sing N N 352 
VAL CA  CB   sing N N 353 
VAL CA  HA   sing N N 354 
VAL C   O    doub N N 355 
VAL C   OXT  sing N N 356 
VAL CB  CG1  sing N N 357 
VAL CB  CG2  sing N N 358 
VAL CB  HB   sing N N 359 
VAL CG1 HG11 sing N N 360 
VAL CG1 HG12 sing N N 361 
VAL CG1 HG13 sing N N 362 
VAL CG2 HG21 sing N N 363 
VAL CG2 HG22 sing N N 364 
VAL CG2 HG23 sing N N 365 
VAL OXT HXT  sing N N 366 
# 
_pdbx_audit_support.funding_organization   'Ministry of Science and Technology (MoST, Taiwan)' 
_pdbx_audit_support.country                Taiwan 
_pdbx_audit_support.grant_number           ? 
_pdbx_audit_support.ordinal                1 
# 
loop_
_pdbx_entity_nonpoly.entity_id 
_pdbx_entity_nonpoly.name 
_pdbx_entity_nonpoly.comp_id 
2 'SULFATE ION' SO4 
3 water         HOH 
# 
_pdbx_struct_assembly_auth_evidence.id                     1 
_pdbx_struct_assembly_auth_evidence.assembly_id            1 
_pdbx_struct_assembly_auth_evidence.experimental_support   none 
_pdbx_struct_assembly_auth_evidence.details                ? 
# 
